data_2JZ8
#
_entry.id   2JZ8
#
loop_
_entity.id
_entity.type
_entity.pdbx_description
1 polymer 'Uncharacterized protein BH09830'
2 non-polymer 'ZINC ION'
#
_entity_poly.entity_id   1
_entity_poly.type   'polypeptide(L)'
_entity_poly.pdbx_seq_one_letter_code
;MADYNIPHFQNDLGYKIIEIGVKEFMCVGATQPFDHPHIFIDMGSTDEKICPYCSTLYRYDPSLSYNQTNPTGCLYNPKL
EHHHHHH
;
_entity_poly.pdbx_strand_id   A
#
# COMPACT_ATOMS: atom_id res chain seq x y z
N MET A 1 18.04 1.07 -2.26
CA MET A 1 16.87 1.77 -2.85
C MET A 1 17.32 2.98 -3.65
N ALA A 2 16.51 3.37 -4.62
CA ALA A 2 16.85 4.51 -5.47
C ALA A 2 15.73 5.56 -5.43
N ASP A 3 16.12 6.82 -5.24
CA ASP A 3 15.20 7.96 -5.23
C ASP A 3 14.27 7.96 -4.03
N TYR A 4 14.44 6.97 -3.15
CA TYR A 4 13.60 6.82 -1.96
C TYR A 4 12.13 6.77 -2.35
N ASN A 5 11.73 5.65 -2.93
CA ASN A 5 10.35 5.46 -3.35
C ASN A 5 9.87 4.08 -2.92
N ILE A 6 9.23 4.03 -1.78
CA ILE A 6 8.75 2.77 -1.23
C ILE A 6 7.36 2.44 -1.77
N PRO A 7 6.99 1.14 -1.80
CA PRO A 7 5.72 0.67 -2.35
C PRO A 7 4.50 1.35 -1.75
N HIS A 8 3.48 1.54 -2.59
CA HIS A 8 2.22 2.13 -2.16
C HIS A 8 1.07 1.19 -2.51
N PHE A 9 0.10 1.11 -1.62
CA PHE A 9 -1.08 0.30 -1.88
C PHE A 9 -2.31 1.19 -1.94
N GLN A 10 -3.33 0.74 -2.63
CA GLN A 10 -4.52 1.54 -2.88
C GLN A 10 -5.75 0.89 -2.27
N ASN A 11 -6.46 1.66 -1.47
CA ASN A 11 -7.72 1.20 -0.91
C ASN A 11 -8.85 1.54 -1.86
N ASP A 12 -9.46 0.52 -2.44
CA ASP A 12 -10.62 0.71 -3.30
C ASP A 12 -11.79 1.19 -2.45
N LEU A 13 -12.13 0.42 -1.43
CA LEU A 13 -13.03 0.88 -0.38
C LEU A 13 -12.32 0.83 0.96
N GLY A 14 -11.34 -0.06 1.06
CA GLY A 14 -10.56 -0.19 2.28
C GLY A 14 -10.86 -1.47 3.02
N TYR A 15 -10.05 -2.49 2.78
CA TYR A 15 -10.22 -3.75 3.47
C TYR A 15 -9.54 -3.67 4.84
N LYS A 16 -10.18 -4.24 5.83
CA LYS A 16 -9.77 -4.07 7.22
C LYS A 16 -8.46 -4.78 7.51
N ILE A 17 -8.19 -5.87 6.81
CA ILE A 17 -6.93 -6.58 6.94
C ILE A 17 -6.30 -6.78 5.57
N ILE A 18 -5.19 -6.08 5.31
CA ILE A 18 -4.49 -6.25 4.03
C ILE A 18 -3.19 -7.05 4.19
N GLU A 19 -3.02 -8.04 3.33
CA GLU A 19 -1.81 -8.87 3.31
C GLU A 19 -0.79 -8.26 2.33
N ILE A 20 0.40 -7.93 2.80
CA ILE A 20 1.42 -7.37 1.93
C ILE A 20 2.73 -8.13 2.07
N GLY A 21 3.48 -8.21 0.98
CA GLY A 21 4.73 -8.95 0.98
C GLY A 21 5.94 -8.05 1.09
N VAL A 22 5.72 -6.80 1.47
CA VAL A 22 6.81 -5.84 1.63
C VAL A 22 6.80 -5.30 3.05
N LYS A 23 7.99 -4.99 3.57
CA LYS A 23 8.10 -4.50 4.94
C LYS A 23 8.30 -2.99 4.96
N GLU A 24 8.32 -2.39 3.79
CA GLU A 24 8.40 -0.93 3.67
C GLU A 24 7.14 -0.42 2.98
N PHE A 25 6.44 0.49 3.61
CA PHE A 25 5.18 0.98 3.06
C PHE A 25 4.95 2.45 3.41
N MET A 26 4.31 3.17 2.51
CA MET A 26 3.90 4.54 2.78
C MET A 26 2.44 4.72 2.38
N CYS A 27 1.60 5.02 3.37
CA CYS A 27 0.17 5.12 3.16
C CYS A 27 -0.19 6.32 2.30
N VAL A 28 -1.15 6.12 1.39
CA VAL A 28 -1.61 7.17 0.51
C VAL A 28 -2.72 7.98 1.20
N GLY A 29 -3.04 9.13 0.62
CA GLY A 29 -4.07 9.99 1.19
C GLY A 29 -4.03 11.36 0.56
N ALA A 30 -2.83 11.82 0.24
CA ALA A 30 -2.59 13.09 -0.44
C ALA A 30 -2.97 14.28 0.45
N THR A 31 -4.23 14.66 0.41
CA THR A 31 -4.70 15.78 1.21
C THR A 31 -5.25 15.29 2.54
N GLN A 32 -4.37 15.21 3.53
CA GLN A 32 -4.73 14.73 4.85
C GLN A 32 -4.29 15.72 5.92
N PRO A 33 -4.93 15.68 7.10
CA PRO A 33 -4.54 16.48 8.25
C PRO A 33 -3.25 15.96 8.87
N PHE A 34 -2.88 14.75 8.50
CA PHE A 34 -1.64 14.16 8.96
C PHE A 34 -0.50 14.63 8.06
N ASP A 35 0.70 14.63 8.59
CA ASP A 35 1.86 15.04 7.81
C ASP A 35 2.29 13.90 6.88
N HIS A 36 2.73 14.27 5.67
CA HIS A 36 3.04 13.30 4.60
C HIS A 36 1.74 12.77 3.98
N PRO A 37 1.82 11.95 2.91
CA PRO A 37 0.62 11.39 2.23
C PRO A 37 -0.46 10.91 3.20
N HIS A 38 -0.03 10.25 4.25
CA HIS A 38 -0.91 9.88 5.35
C HIS A 38 -0.09 9.60 6.59
N ILE A 39 0.49 8.41 6.62
CA ILE A 39 1.39 8.03 7.69
C ILE A 39 2.46 7.09 7.15
N PHE A 40 3.63 7.11 7.76
CA PHE A 40 4.73 6.24 7.34
C PHE A 40 4.70 4.94 8.12
N ILE A 41 4.86 3.82 7.41
CA ILE A 41 4.77 2.50 8.04
C ILE A 41 5.99 1.65 7.71
N ASP A 42 6.54 1.00 8.74
CA ASP A 42 7.63 0.06 8.54
C ASP A 42 7.35 -1.20 9.34
N MET A 43 7.86 -2.32 8.86
CA MET A 43 7.70 -3.59 9.57
C MET A 43 8.94 -3.90 10.41
N GLY A 44 10.03 -4.25 9.72
CA GLY A 44 11.25 -4.61 10.43
C GLY A 44 11.10 -5.88 11.23
N SER A 45 11.02 -5.74 12.55
CA SER A 45 10.86 -6.88 13.43
C SER A 45 9.38 -7.14 13.71
N THR A 46 8.54 -6.19 13.34
CA THR A 46 7.10 -6.33 13.50
C THR A 46 6.43 -6.53 12.15
N ASP A 47 6.11 -7.78 11.83
CA ASP A 47 5.52 -8.12 10.55
C ASP A 47 4.02 -7.85 10.56
N GLU A 48 3.52 -7.41 11.71
CA GLU A 48 2.13 -7.05 11.86
C GLU A 48 2.00 -5.55 12.16
N LYS A 49 1.50 -4.79 11.19
CA LYS A 49 1.35 -3.35 11.36
C LYS A 49 0.08 -2.85 10.71
N ILE A 50 -0.82 -2.31 11.52
CA ILE A 50 -2.03 -1.69 11.01
C ILE A 50 -1.75 -0.20 10.77
N CYS A 51 -2.48 0.40 9.85
CA CYS A 51 -2.30 1.80 9.56
C CYS A 51 -3.27 2.64 10.38
N PRO A 52 -2.73 3.56 11.19
CA PRO A 52 -3.54 4.49 11.98
C PRO A 52 -4.54 5.24 11.11
N TYR A 53 -5.80 5.21 11.54
CA TYR A 53 -6.87 5.94 10.86
C TYR A 53 -7.05 5.44 9.42
N CYS A 54 -7.26 4.13 9.29
CA CYS A 54 -7.48 3.51 7.98
C CYS A 54 -8.22 2.19 8.13
N SER A 55 -7.78 1.35 9.07
CA SER A 55 -8.28 -0.02 9.19
C SER A 55 -7.96 -0.79 7.91
N THR A 56 -6.75 -1.34 7.87
CA THR A 56 -6.16 -1.88 6.67
C THR A 56 -4.92 -2.64 7.13
N LEU A 57 -5.11 -3.47 8.16
CA LEU A 57 -4.01 -4.09 8.90
C LEU A 57 -3.08 -4.83 7.95
N TYR A 58 -1.90 -4.25 7.74
CA TYR A 58 -0.93 -4.82 6.84
C TYR A 58 -0.20 -5.95 7.51
N ARG A 59 -0.56 -7.16 7.15
CA ARG A 59 -0.01 -8.34 7.77
C ARG A 59 0.96 -9.04 6.83
N TYR A 60 2.15 -9.31 7.33
CA TYR A 60 3.15 -10.05 6.58
C TYR A 60 3.07 -11.53 6.97
N ASP A 61 2.86 -12.39 6.00
CA ASP A 61 2.75 -13.81 6.28
C ASP A 61 3.77 -14.59 5.48
N PRO A 62 4.48 -15.53 6.14
CA PRO A 62 5.54 -16.32 5.51
C PRO A 62 5.12 -17.04 4.22
N SER A 63 3.82 -17.32 4.09
CA SER A 63 3.34 -18.05 2.91
C SER A 63 3.30 -17.15 1.68
N LEU A 64 3.34 -15.84 1.89
CA LEU A 64 3.35 -14.90 0.80
C LEU A 64 4.64 -14.08 0.84
N SER A 65 5.15 -13.74 -0.33
CA SER A 65 6.42 -13.05 -0.42
C SER A 65 6.28 -11.73 -1.16
N TYR A 66 7.42 -11.13 -1.52
CA TYR A 66 7.44 -9.82 -2.16
C TYR A 66 6.72 -9.84 -3.51
N ASN A 67 6.61 -11.04 -4.09
CA ASN A 67 5.99 -11.21 -5.40
C ASN A 67 4.50 -11.50 -5.26
N GLN A 68 3.98 -11.42 -4.03
CA GLN A 68 2.57 -11.67 -3.78
C GLN A 68 1.97 -10.57 -2.92
N THR A 69 0.67 -10.67 -2.69
CA THR A 69 -0.06 -9.70 -1.90
C THR A 69 -1.39 -10.31 -1.46
N ASN A 70 -2.42 -9.47 -1.31
CA ASN A 70 -3.69 -9.91 -0.77
C ASN A 70 -4.71 -10.16 -1.88
N PRO A 71 -5.84 -10.79 -1.55
CA PRO A 71 -6.95 -10.99 -2.50
C PRO A 71 -7.45 -9.66 -3.05
N THR A 72 -7.58 -9.60 -4.38
CA THR A 72 -7.91 -8.36 -5.09
C THR A 72 -6.68 -7.44 -5.18
N GLY A 73 -6.49 -6.83 -6.34
CA GLY A 73 -5.33 -5.98 -6.55
C GLY A 73 -5.41 -4.67 -5.79
N CYS A 74 -5.04 -4.70 -4.52
CA CYS A 74 -5.03 -3.51 -3.69
C CYS A 74 -3.70 -2.78 -3.77
N LEU A 75 -2.88 -3.15 -4.75
CA LEU A 75 -1.62 -2.48 -4.97
C LEU A 75 -1.80 -1.29 -5.89
N TYR A 76 -1.19 -0.17 -5.54
CA TYR A 76 -1.33 1.04 -6.35
C TYR A 76 -0.36 0.96 -7.53
N ASN A 77 -0.90 1.11 -8.73
CA ASN A 77 -0.11 0.95 -9.94
C ASN A 77 0.02 2.26 -10.69
N PRO A 78 1.27 2.76 -10.80
CA PRO A 78 1.59 3.91 -11.65
C PRO A 78 1.52 3.52 -13.12
N LYS A 79 0.80 4.30 -13.90
CA LYS A 79 0.49 3.90 -15.27
C LYS A 79 1.37 4.64 -16.27
N LEU A 80 1.29 5.95 -16.25
CA LEU A 80 2.04 6.77 -17.20
C LEU A 80 2.99 7.72 -16.46
N GLU A 81 2.71 7.95 -15.20
CA GLU A 81 3.55 8.84 -14.39
C GLU A 81 4.84 8.14 -13.97
N HIS A 82 5.84 8.22 -14.84
CA HIS A 82 7.14 7.63 -14.57
C HIS A 82 8.25 8.55 -15.02
N HIS A 83 9.23 8.77 -14.15
CA HIS A 83 10.42 9.54 -14.52
C HIS A 83 11.63 8.63 -14.52
N HIS A 84 12.45 8.74 -15.55
CA HIS A 84 13.62 7.88 -15.70
C HIS A 84 14.83 8.46 -14.96
N HIS A 85 14.58 8.99 -13.77
CA HIS A 85 15.60 9.62 -12.93
C HIS A 85 16.26 10.78 -13.69
N HIS A 86 15.60 11.93 -13.70
CA HIS A 86 16.12 13.08 -14.41
C HIS A 86 17.13 13.83 -13.56
N HIS A 87 18.28 14.10 -14.13
CA HIS A 87 19.32 14.87 -13.46
C HIS A 87 19.06 16.35 -13.65
N MET A 1 18.81 3.73 -5.99
CA MET A 1 19.20 4.71 -4.94
C MET A 1 18.12 5.77 -4.80
N ALA A 2 17.69 6.02 -3.55
CA ALA A 2 16.58 6.94 -3.28
C ALA A 2 15.35 6.52 -4.07
N ASP A 3 15.09 5.22 -4.08
CA ASP A 3 14.09 4.63 -4.97
C ASP A 3 12.66 4.91 -4.54
N TYR A 4 11.82 5.05 -5.55
CA TYR A 4 10.38 5.13 -5.38
C TYR A 4 9.76 3.83 -5.88
N ASN A 5 10.64 2.90 -6.24
CA ASN A 5 10.23 1.65 -6.87
C ASN A 5 9.86 0.60 -5.83
N ILE A 6 8.74 0.81 -5.19
CA ILE A 6 8.20 -0.14 -4.24
C ILE A 6 6.73 -0.41 -4.56
N PRO A 7 6.23 -1.60 -4.20
CA PRO A 7 4.82 -1.94 -4.39
C PRO A 7 3.90 -0.98 -3.63
N HIS A 8 3.35 -0.01 -4.34
CA HIS A 8 2.46 0.97 -3.74
C HIS A 8 1.02 0.49 -3.82
N PHE A 9 0.41 0.33 -2.65
CA PHE A 9 -0.94 -0.20 -2.53
C PHE A 9 -1.94 0.92 -2.28
N GLN A 10 -3.22 0.55 -2.30
CA GLN A 10 -4.31 1.50 -2.11
C GLN A 10 -5.46 0.81 -1.42
N ASN A 11 -6.08 1.48 -0.45
CA ASN A 11 -7.28 0.95 0.15
C ASN A 11 -8.38 2.02 0.22
N ASP A 12 -9.21 2.05 -0.82
CA ASP A 12 -10.39 2.91 -0.82
C ASP A 12 -11.58 2.18 -0.20
N LEU A 13 -11.53 0.85 -0.27
CA LEU A 13 -12.64 0.03 0.18
C LEU A 13 -12.47 -0.37 1.64
N GLY A 14 -11.50 0.23 2.30
CA GLY A 14 -11.24 -0.08 3.68
C GLY A 14 -10.40 -1.33 3.84
N TYR A 15 -11.08 -2.47 4.05
CA TYR A 15 -10.42 -3.75 4.31
C TYR A 15 -9.67 -3.73 5.64
N LYS A 16 -10.15 -4.52 6.58
CA LYS A 16 -9.63 -4.51 7.93
C LYS A 16 -8.19 -5.01 8.00
N ILE A 17 -7.94 -6.16 7.42
CA ILE A 17 -6.59 -6.70 7.39
C ILE A 17 -6.15 -6.92 5.96
N ILE A 18 -5.21 -6.12 5.50
CA ILE A 18 -4.66 -6.30 4.16
C ILE A 18 -3.23 -6.85 4.20
N GLU A 19 -3.01 -7.98 3.54
CA GLU A 19 -1.71 -8.64 3.56
C GLU A 19 -0.84 -8.16 2.42
N ILE A 20 0.43 -7.93 2.71
CA ILE A 20 1.38 -7.45 1.70
C ILE A 20 2.71 -8.19 1.83
N GLY A 21 3.48 -8.22 0.76
CA GLY A 21 4.78 -8.88 0.78
C GLY A 21 5.93 -7.89 0.93
N VAL A 22 5.64 -6.76 1.57
CA VAL A 22 6.62 -5.70 1.74
C VAL A 22 6.71 -5.32 3.22
N LYS A 23 7.91 -5.02 3.70
CA LYS A 23 8.10 -4.64 5.10
C LYS A 23 7.91 -3.14 5.31
N GLU A 24 8.20 -2.36 4.28
CA GLU A 24 8.13 -0.92 4.38
C GLU A 24 7.22 -0.34 3.31
N PHE A 25 6.12 0.26 3.74
CA PHE A 25 5.13 0.82 2.84
C PHE A 25 4.52 2.09 3.43
N MET A 26 4.28 3.08 2.60
CA MET A 26 3.66 4.31 3.05
C MET A 26 2.42 4.59 2.20
N CYS A 27 1.32 4.90 2.87
CA CYS A 27 0.06 5.18 2.17
C CYS A 27 0.20 6.38 1.24
N VAL A 28 -0.11 6.16 -0.03
CA VAL A 28 -0.11 7.24 -1.01
C VAL A 28 -1.23 8.23 -0.70
N GLY A 29 -0.95 9.51 -0.89
CA GLY A 29 -1.95 10.53 -0.66
C GLY A 29 -1.66 11.80 -1.43
N ALA A 30 -2.03 12.94 -0.85
CA ALA A 30 -1.77 14.23 -1.48
C ALA A 30 -0.31 14.62 -1.30
N THR A 31 0.19 15.47 -2.19
CA THR A 31 1.58 15.88 -2.16
C THR A 31 1.78 17.02 -1.15
N GLN A 32 1.80 16.67 0.13
CA GLN A 32 1.95 17.65 1.20
C GLN A 32 2.53 16.98 2.43
N PRO A 33 3.04 17.77 3.40
CA PRO A 33 3.54 17.23 4.67
C PRO A 33 2.49 16.39 5.40
N PHE A 34 2.93 15.28 5.98
CA PHE A 34 2.01 14.35 6.60
C PHE A 34 1.67 14.77 8.02
N ASP A 35 0.64 15.59 8.13
CA ASP A 35 0.13 16.05 9.42
C ASP A 35 -1.22 15.40 9.70
N HIS A 36 -2.12 15.54 8.76
CA HIS A 36 -3.46 14.96 8.86
C HIS A 36 -3.61 13.67 8.03
N PRO A 37 -2.94 13.54 6.85
CA PRO A 37 -2.95 12.29 6.05
C PRO A 37 -2.39 11.07 6.82
N HIS A 38 -1.71 10.19 6.09
CA HIS A 38 -1.31 8.90 6.64
C HIS A 38 0.12 8.96 7.17
N ILE A 39 0.65 7.81 7.54
CA ILE A 39 1.98 7.69 8.11
C ILE A 39 2.77 6.62 7.36
N PHE A 40 4.08 6.54 7.62
CA PHE A 40 4.91 5.49 7.02
C PHE A 40 4.82 4.21 7.83
N ILE A 41 4.48 3.11 7.18
CA ILE A 41 4.33 1.83 7.84
C ILE A 41 5.59 0.99 7.64
N ASP A 42 6.38 0.84 8.70
CA ASP A 42 7.51 -0.07 8.67
C ASP A 42 7.23 -1.24 9.60
N MET A 43 7.60 -2.43 9.16
CA MET A 43 7.40 -3.62 9.96
C MET A 43 8.73 -4.18 10.43
N GLY A 44 9.63 -3.28 10.80
CA GLY A 44 10.87 -3.70 11.40
C GLY A 44 10.69 -3.97 12.89
N SER A 45 9.67 -3.36 13.44
CA SER A 45 9.30 -3.56 14.83
C SER A 45 8.44 -4.81 14.99
N THR A 46 7.26 -4.77 14.40
CA THR A 46 6.35 -5.91 14.43
C THR A 46 6.04 -6.36 13.01
N ASP A 47 5.76 -7.65 12.84
CA ASP A 47 5.50 -8.22 11.53
C ASP A 47 4.04 -8.02 11.11
N GLU A 48 3.36 -7.12 11.81
CA GLU A 48 1.99 -6.74 11.49
C GLU A 48 1.75 -5.31 11.99
N LYS A 49 1.15 -4.48 11.15
CA LYS A 49 0.94 -3.08 11.51
C LYS A 49 -0.39 -2.56 10.96
N ILE A 50 -1.25 -2.06 11.83
CA ILE A 50 -2.50 -1.45 11.40
C ILE A 50 -2.26 0.01 11.02
N CYS A 51 -3.13 0.59 10.20
CA CYS A 51 -2.95 2.00 9.83
C CYS A 51 -3.95 2.85 10.58
N PRO A 52 -3.48 3.70 11.52
CA PRO A 52 -4.34 4.57 12.32
C PRO A 52 -5.34 5.32 11.46
N TYR A 53 -4.84 5.90 10.38
CA TYR A 53 -5.69 6.57 9.41
C TYR A 53 -5.88 5.65 8.21
N CYS A 54 -6.80 4.68 8.36
CA CYS A 54 -7.11 3.68 7.32
C CYS A 54 -7.87 2.52 7.91
N SER A 55 -7.37 2.03 9.06
CA SER A 55 -7.50 0.63 9.45
C SER A 55 -6.48 -0.11 8.62
N THR A 56 -6.70 -1.37 8.30
CA THR A 56 -5.94 -2.03 7.26
C THR A 56 -4.64 -2.53 7.84
N LEU A 57 -4.73 -3.63 8.56
CA LEU A 57 -3.57 -4.26 9.12
C LEU A 57 -2.71 -4.78 7.99
N TYR A 58 -1.67 -4.03 7.69
CA TYR A 58 -0.71 -4.41 6.68
C TYR A 58 0.08 -5.58 7.21
N ARG A 59 -0.30 -6.76 6.77
CA ARG A 59 0.27 -7.99 7.28
C ARG A 59 1.42 -8.45 6.41
N TYR A 60 2.62 -8.45 6.96
CA TYR A 60 3.77 -8.99 6.26
C TYR A 60 3.70 -10.50 6.29
N ASP A 61 3.45 -11.09 5.14
CA ASP A 61 3.35 -12.53 5.03
C ASP A 61 4.52 -13.08 4.23
N PRO A 62 5.28 -14.01 4.81
CA PRO A 62 6.50 -14.55 4.19
C PRO A 62 6.20 -15.50 3.03
N SER A 63 4.93 -15.78 2.78
CA SER A 63 4.55 -16.66 1.68
C SER A 63 4.04 -15.84 0.50
N LEU A 64 3.84 -14.54 0.72
CA LEU A 64 3.46 -13.63 -0.35
C LEU A 64 4.68 -13.25 -1.17
N SER A 65 4.53 -12.21 -1.99
CA SER A 65 5.62 -11.71 -2.80
C SER A 65 5.37 -10.24 -3.10
N TYR A 66 6.24 -9.62 -3.90
CA TYR A 66 6.07 -8.22 -4.28
C TYR A 66 5.07 -8.13 -5.43
N ASN A 67 4.77 -9.28 -6.01
CA ASN A 67 3.79 -9.38 -7.08
C ASN A 67 2.46 -9.88 -6.52
N GLN A 68 2.47 -10.27 -5.26
CA GLN A 68 1.29 -10.83 -4.61
C GLN A 68 0.85 -9.94 -3.45
N THR A 69 -0.39 -10.12 -3.02
CA THR A 69 -0.95 -9.29 -1.96
C THR A 69 -2.35 -9.79 -1.57
N ASN A 70 -3.25 -8.87 -1.29
CA ASN A 70 -4.58 -9.18 -0.79
C ASN A 70 -5.59 -9.13 -1.94
N PRO A 71 -6.63 -10.00 -1.89
CA PRO A 71 -7.66 -10.14 -2.94
C PRO A 71 -8.24 -8.82 -3.47
N THR A 72 -9.00 -8.95 -4.57
CA THR A 72 -9.62 -7.82 -5.26
C THR A 72 -8.59 -7.05 -6.11
N GLY A 73 -7.55 -6.56 -5.47
CA GLY A 73 -6.53 -5.82 -6.20
C GLY A 73 -6.32 -4.44 -5.62
N CYS A 74 -5.66 -4.38 -4.48
CA CYS A 74 -5.42 -3.12 -3.79
C CYS A 74 -4.11 -2.48 -4.27
N LEU A 75 -3.85 -2.60 -5.57
CA LEU A 75 -2.66 -2.01 -6.17
C LEU A 75 -2.98 -0.59 -6.62
N TYR A 76 -2.13 0.36 -6.25
CA TYR A 76 -2.36 1.74 -6.64
C TYR A 76 -1.85 1.98 -8.06
N ASN A 77 -2.77 1.93 -9.00
CA ASN A 77 -2.43 2.14 -10.41
C ASN A 77 -3.50 3.03 -11.04
N PRO A 78 -3.12 3.78 -12.09
CA PRO A 78 -4.06 4.66 -12.81
C PRO A 78 -5.05 3.86 -13.66
N LYS A 79 -5.86 3.06 -13.00
CA LYS A 79 -6.84 2.23 -13.68
C LYS A 79 -8.08 3.05 -14.02
N LEU A 80 -8.46 3.03 -15.29
CA LEU A 80 -9.61 3.79 -15.75
C LEU A 80 -10.90 3.08 -15.38
N GLU A 81 -11.44 3.41 -14.22
CA GLU A 81 -12.72 2.87 -13.78
C GLU A 81 -13.74 3.99 -13.67
N HIS A 82 -14.85 3.71 -12.98
CA HIS A 82 -15.90 4.71 -12.77
C HIS A 82 -15.47 5.76 -11.75
N HIS A 83 -14.32 6.38 -12.02
CA HIS A 83 -13.74 7.39 -11.13
C HIS A 83 -13.50 6.81 -9.75
N HIS A 84 -12.32 6.23 -9.57
CA HIS A 84 -12.00 5.49 -8.36
C HIS A 84 -11.61 6.43 -7.21
N HIS A 85 -10.50 7.12 -7.36
CA HIS A 85 -10.00 7.97 -6.27
C HIS A 85 -10.07 9.44 -6.67
N HIS A 86 -10.85 9.70 -7.70
CA HIS A 86 -11.07 11.05 -8.18
C HIS A 86 -12.39 11.10 -8.94
N HIS A 87 -13.45 11.48 -8.26
CA HIS A 87 -14.78 11.48 -8.85
C HIS A 87 -15.01 12.79 -9.60
N MET A 1 11.84 5.91 -17.71
CA MET A 1 11.56 4.94 -16.63
C MET A 1 12.46 5.20 -15.43
N ALA A 2 12.41 4.31 -14.46
CA ALA A 2 13.24 4.42 -13.28
C ALA A 2 13.82 3.06 -12.93
N ASP A 3 14.79 3.04 -12.04
CA ASP A 3 15.48 1.79 -11.68
C ASP A 3 15.27 1.48 -10.21
N TYR A 4 15.20 2.52 -9.39
CA TYR A 4 15.02 2.36 -7.96
C TYR A 4 13.62 2.77 -7.56
N ASN A 5 12.66 2.51 -8.45
CA ASN A 5 11.28 2.87 -8.23
C ASN A 5 10.51 1.74 -7.56
N ILE A 6 9.77 2.09 -6.52
CA ILE A 6 8.92 1.13 -5.84
C ILE A 6 7.60 0.97 -6.57
N PRO A 7 6.94 -0.20 -6.42
CA PRO A 7 5.64 -0.47 -7.04
C PRO A 7 4.59 0.51 -6.58
N HIS A 8 3.71 0.92 -7.49
CA HIS A 8 2.65 1.85 -7.15
C HIS A 8 1.42 1.08 -6.71
N PHE A 9 1.02 1.29 -5.47
CA PHE A 9 -0.10 0.58 -4.87
C PHE A 9 -1.32 1.48 -4.83
N GLN A 10 -2.40 1.01 -4.20
CA GLN A 10 -3.63 1.79 -4.10
C GLN A 10 -3.86 2.19 -2.66
N ASN A 11 -4.79 3.10 -2.43
CA ASN A 11 -4.92 3.76 -1.15
C ASN A 11 -5.67 2.90 -0.13
N ASP A 12 -5.47 3.24 1.14
CA ASP A 12 -5.94 2.44 2.27
C ASP A 12 -7.36 2.83 2.70
N LEU A 13 -8.04 3.61 1.88
CA LEU A 13 -9.38 4.08 2.21
C LEU A 13 -10.44 2.99 2.01
N GLY A 14 -10.10 1.96 1.24
CA GLY A 14 -11.08 0.96 0.88
C GLY A 14 -10.89 -0.38 1.59
N TYR A 15 -9.74 -0.56 2.22
CA TYR A 15 -9.44 -1.84 2.85
C TYR A 15 -9.17 -1.68 4.34
N LYS A 16 -9.52 -2.72 5.10
CA LYS A 16 -9.33 -2.69 6.55
C LYS A 16 -8.20 -3.63 6.98
N ILE A 17 -7.90 -4.60 6.14
CA ILE A 17 -6.74 -5.43 6.36
C ILE A 17 -6.00 -5.60 5.03
N ILE A 18 -4.83 -5.00 4.92
CA ILE A 18 -4.03 -5.19 3.71
C ILE A 18 -2.83 -6.10 3.98
N GLU A 19 -2.74 -7.15 3.20
CA GLU A 19 -1.64 -8.10 3.30
C GLU A 19 -0.51 -7.67 2.37
N ILE A 20 0.72 -7.76 2.85
CA ILE A 20 1.86 -7.32 2.08
C ILE A 20 3.00 -8.32 2.14
N GLY A 21 3.82 -8.33 1.11
CA GLY A 21 4.97 -9.21 1.07
C GLY A 21 6.26 -8.47 1.35
N VAL A 22 6.12 -7.23 1.84
CA VAL A 22 7.27 -6.39 2.14
C VAL A 22 7.10 -5.78 3.54
N LYS A 23 8.18 -5.24 4.09
CA LYS A 23 8.13 -4.62 5.40
C LYS A 23 8.03 -3.10 5.30
N GLU A 24 8.32 -2.57 4.12
CA GLU A 24 8.20 -1.14 3.88
C GLU A 24 6.93 -0.85 3.07
N PHE A 25 5.97 -0.19 3.70
CA PHE A 25 4.73 0.15 3.01
C PHE A 25 4.26 1.54 3.46
N MET A 26 3.45 2.19 2.64
CA MET A 26 2.99 3.53 2.96
C MET A 26 1.57 3.73 2.41
N CYS A 27 0.70 4.35 3.20
CA CYS A 27 -0.64 4.70 2.75
C CYS A 27 -0.56 5.79 1.69
N VAL A 28 -0.63 5.38 0.42
CA VAL A 28 -0.41 6.26 -0.73
C VAL A 28 -0.92 7.69 -0.54
N GLY A 29 0.02 8.63 -0.50
CA GLY A 29 -0.32 10.03 -0.37
C GLY A 29 0.83 10.92 -0.83
N ALA A 30 0.53 12.19 -1.06
CA ALA A 30 1.55 13.15 -1.49
C ALA A 30 2.32 13.68 -0.28
N THR A 31 3.43 14.37 -0.56
CA THR A 31 4.29 14.90 0.49
C THR A 31 3.55 15.89 1.40
N GLN A 32 3.47 15.53 2.68
CA GLN A 32 2.80 16.36 3.68
C GLN A 32 3.10 15.75 5.05
N PRO A 33 2.70 16.39 6.16
CA PRO A 33 2.77 15.77 7.49
C PRO A 33 2.03 14.43 7.48
N PHE A 34 2.72 13.37 7.90
CA PHE A 34 2.16 12.03 7.82
C PHE A 34 1.71 11.54 9.19
N ASP A 35 1.86 12.37 10.19
CA ASP A 35 1.53 11.99 11.56
C ASP A 35 0.07 12.31 11.88
N HIS A 36 -0.69 12.74 10.89
CA HIS A 36 -2.10 13.05 11.09
C HIS A 36 -2.99 12.39 10.04
N PRO A 37 -2.76 12.63 8.72
CA PRO A 37 -3.56 11.99 7.67
C PRO A 37 -3.40 10.48 7.63
N HIS A 38 -2.22 10.05 7.22
CA HIS A 38 -1.89 8.63 7.16
C HIS A 38 -0.41 8.43 7.40
N ILE A 39 -0.08 7.57 8.35
CA ILE A 39 1.31 7.32 8.71
C ILE A 39 1.90 6.22 7.83
N PHE A 40 3.21 6.27 7.64
CA PHE A 40 3.92 5.25 6.87
C PHE A 40 4.19 4.03 7.74
N ILE A 41 4.21 2.86 7.13
CA ILE A 41 4.37 1.61 7.86
C ILE A 41 5.76 1.02 7.67
N ASP A 42 6.54 1.04 8.74
CA ASP A 42 7.82 0.35 8.78
C ASP A 42 7.68 -0.87 9.67
N MET A 43 7.67 -2.05 9.06
CA MET A 43 7.51 -3.29 9.78
C MET A 43 8.82 -3.72 10.41
N GLY A 44 9.03 -3.34 11.67
CA GLY A 44 10.26 -3.66 12.35
C GLY A 44 10.21 -5.00 13.06
N SER A 45 9.98 -4.98 14.37
CA SER A 45 10.01 -6.20 15.17
C SER A 45 8.60 -6.76 15.38
N THR A 46 7.74 -6.55 14.40
CA THR A 46 6.37 -7.07 14.48
C THR A 46 6.00 -7.73 13.16
N ASP A 47 5.17 -8.76 13.21
CA ASP A 47 4.72 -9.45 12.01
C ASP A 47 3.69 -8.60 11.26
N GLU A 48 3.12 -7.63 11.98
CA GLU A 48 2.09 -6.76 11.42
C GLU A 48 2.33 -5.30 11.81
N LYS A 49 1.75 -4.40 11.03
CA LYS A 49 1.77 -2.98 11.33
C LYS A 49 0.54 -2.31 10.71
N ILE A 50 -0.05 -1.38 11.42
CA ILE A 50 -1.29 -0.76 10.97
C ILE A 50 -1.20 0.78 10.98
N CYS A 51 -1.95 1.41 10.09
CA CYS A 51 -2.12 2.85 10.11
C CYS A 51 -3.38 3.18 10.90
N PRO A 52 -3.21 3.71 12.12
CA PRO A 52 -4.33 3.95 13.06
C PRO A 52 -5.37 4.92 12.52
N TYR A 53 -5.01 5.67 11.49
CA TYR A 53 -5.90 6.66 10.92
C TYR A 53 -6.77 6.08 9.81
N CYS A 54 -6.85 4.76 9.74
CA CYS A 54 -7.69 4.10 8.73
C CYS A 54 -8.10 2.70 9.14
N SER A 55 -7.17 1.97 9.75
CA SER A 55 -7.34 0.54 10.00
C SER A 55 -7.30 -0.22 8.68
N THR A 56 -6.13 -0.77 8.39
CA THR A 56 -5.82 -1.36 7.11
C THR A 56 -4.65 -2.30 7.37
N LEU A 57 -4.77 -3.01 8.49
CA LEU A 57 -3.68 -3.77 9.11
C LEU A 57 -2.83 -4.49 8.08
N TYR A 58 -1.56 -4.09 8.01
CA TYR A 58 -0.63 -4.65 7.07
C TYR A 58 0.10 -5.82 7.68
N ARG A 59 -0.15 -7.00 7.16
CA ARG A 59 0.42 -8.22 7.70
C ARG A 59 1.29 -8.92 6.67
N TYR A 60 2.40 -9.48 7.12
CA TYR A 60 3.29 -10.23 6.26
C TYR A 60 2.95 -11.71 6.31
N ASP A 61 2.48 -12.24 5.19
CA ASP A 61 2.13 -13.65 5.11
C ASP A 61 3.05 -14.35 4.11
N PRO A 62 3.65 -15.49 4.49
CA PRO A 62 4.61 -16.21 3.65
C PRO A 62 4.00 -16.81 2.38
N SER A 63 2.68 -16.71 2.24
CA SER A 63 2.00 -17.19 1.04
C SER A 63 2.11 -16.16 -0.08
N LEU A 64 2.54 -14.96 0.27
CA LEU A 64 2.66 -13.88 -0.69
C LEU A 64 4.06 -13.82 -1.29
N SER A 65 4.37 -12.72 -1.95
CA SER A 65 5.67 -12.55 -2.58
C SER A 65 6.08 -11.07 -2.51
N TYR A 66 7.36 -10.79 -2.79
CA TYR A 66 7.91 -9.44 -2.61
C TYR A 66 7.55 -8.52 -3.78
N ASN A 67 6.78 -9.03 -4.72
CA ASN A 67 6.30 -8.21 -5.83
C ASN A 67 4.78 -8.15 -5.83
N GLN A 68 4.18 -8.74 -4.79
CA GLN A 68 2.73 -8.79 -4.66
C GLN A 68 2.30 -8.18 -3.33
N THR A 69 0.99 -8.16 -3.11
CA THR A 69 0.44 -7.59 -1.89
C THR A 69 -0.95 -8.19 -1.62
N ASN A 70 -2.00 -7.37 -1.60
CA ASN A 70 -3.34 -7.85 -1.36
C ASN A 70 -4.08 -7.97 -2.68
N PRO A 71 -5.05 -8.90 -2.75
CA PRO A 71 -5.81 -9.15 -3.96
C PRO A 71 -6.79 -8.03 -4.32
N THR A 72 -6.74 -7.60 -5.59
CA THR A 72 -7.68 -6.63 -6.13
C THR A 72 -7.38 -5.18 -5.68
N GLY A 73 -7.41 -4.95 -4.37
CA GLY A 73 -7.27 -3.60 -3.86
C GLY A 73 -5.83 -3.12 -3.78
N CYS A 74 -5.14 -3.16 -4.91
CA CYS A 74 -3.76 -2.72 -4.96
C CYS A 74 -3.41 -2.18 -6.35
N LEU A 75 -2.30 -1.44 -6.41
CA LEU A 75 -1.73 -0.94 -7.66
C LEU A 75 -2.55 0.20 -8.27
N TYR A 76 -2.05 1.42 -8.10
CA TYR A 76 -2.71 2.58 -8.66
C TYR A 76 -1.80 3.24 -9.70
N ASN A 77 -2.04 2.92 -10.96
CA ASN A 77 -1.29 3.48 -12.06
C ASN A 77 -2.23 4.22 -13.01
N PRO A 78 -1.98 5.51 -13.26
CA PRO A 78 -2.84 6.35 -14.10
C PRO A 78 -2.74 6.01 -15.59
N LYS A 79 -1.84 5.10 -15.92
CA LYS A 79 -1.67 4.67 -17.31
C LYS A 79 -2.22 3.26 -17.48
N LEU A 80 -3.41 3.15 -18.07
CA LEU A 80 -4.06 1.87 -18.25
C LEU A 80 -4.33 1.60 -19.72
N GLU A 81 -4.50 0.33 -20.06
CA GLU A 81 -4.85 -0.03 -21.42
C GLU A 81 -6.36 0.04 -21.61
N HIS A 82 -6.80 0.24 -22.84
CA HIS A 82 -8.20 0.49 -23.12
C HIS A 82 -8.80 -0.55 -24.05
N HIS A 83 -7.95 -1.18 -24.86
CA HIS A 83 -8.42 -2.11 -25.87
C HIS A 83 -7.82 -3.50 -25.67
N HIS A 84 -6.76 -3.56 -24.86
CA HIS A 84 -6.03 -4.79 -24.53
C HIS A 84 -5.66 -5.58 -25.80
N HIS A 85 -5.41 -4.86 -26.88
CA HIS A 85 -5.01 -5.48 -28.14
C HIS A 85 -3.62 -6.10 -28.00
N HIS A 86 -2.78 -5.43 -27.24
CA HIS A 86 -1.46 -5.95 -26.89
C HIS A 86 -1.60 -7.05 -25.84
N HIS A 87 -1.29 -8.27 -26.24
CA HIS A 87 -1.35 -9.41 -25.34
C HIS A 87 -0.03 -9.55 -24.59
N MET A 1 18.51 12.16 -6.61
CA MET A 1 19.40 11.00 -6.45
C MET A 1 18.60 9.70 -6.45
N ALA A 2 17.57 9.65 -5.62
CA ALA A 2 16.72 8.46 -5.53
C ALA A 2 15.25 8.82 -5.61
N ASP A 3 14.53 8.17 -6.50
CA ASP A 3 13.08 8.34 -6.59
C ASP A 3 12.40 7.19 -5.85
N TYR A 4 11.87 7.49 -4.68
CA TYR A 4 11.30 6.47 -3.81
C TYR A 4 9.90 6.08 -4.28
N ASN A 5 9.85 5.13 -5.20
CA ASN A 5 8.59 4.66 -5.73
C ASN A 5 8.33 3.23 -5.29
N ILE A 6 7.47 3.07 -4.30
CA ILE A 6 7.07 1.76 -3.83
C ILE A 6 5.68 1.40 -4.35
N PRO A 7 5.38 0.11 -4.50
CA PRO A 7 4.08 -0.34 -4.99
C PRO A 7 2.93 0.24 -4.18
N HIS A 8 2.03 0.93 -4.87
CA HIS A 8 0.86 1.50 -4.23
C HIS A 8 -0.30 0.53 -4.42
N PHE A 9 -1.15 0.39 -3.43
CA PHE A 9 -2.18 -0.65 -3.45
C PHE A 9 -3.58 -0.04 -3.57
N GLN A 10 -4.54 -0.88 -3.90
CA GLN A 10 -5.93 -0.46 -4.03
C GLN A 10 -6.83 -1.34 -3.17
N ASN A 11 -7.94 -0.80 -2.71
CA ASN A 11 -8.85 -1.56 -1.86
C ASN A 11 -9.97 -2.22 -2.67
N ASP A 12 -9.75 -3.47 -3.04
CA ASP A 12 -10.77 -4.24 -3.75
C ASP A 12 -11.69 -4.96 -2.76
N LEU A 13 -11.14 -5.93 -2.05
CA LEU A 13 -11.90 -6.74 -1.12
C LEU A 13 -12.08 -6.02 0.22
N GLY A 14 -11.37 -4.92 0.38
CA GLY A 14 -11.46 -4.16 1.61
C GLY A 14 -10.17 -3.44 1.89
N TYR A 15 -10.11 -2.71 3.00
CA TYR A 15 -8.91 -1.99 3.37
C TYR A 15 -8.69 -1.98 4.88
N LYS A 16 -9.60 -2.57 5.63
CA LYS A 16 -9.43 -2.64 7.07
C LYS A 16 -8.34 -3.64 7.44
N ILE A 17 -8.17 -4.64 6.59
CA ILE A 17 -7.10 -5.62 6.77
C ILE A 17 -6.48 -5.94 5.41
N ILE A 18 -5.25 -5.50 5.21
CA ILE A 18 -4.56 -5.74 3.94
C ILE A 18 -3.21 -6.43 4.17
N GLU A 19 -2.98 -7.51 3.45
CA GLU A 19 -1.74 -8.24 3.56
C GLU A 19 -0.74 -7.71 2.56
N ILE A 20 0.54 -7.79 2.88
CA ILE A 20 1.59 -7.23 2.04
C ILE A 20 2.81 -8.12 1.99
N GLY A 21 3.64 -7.91 0.99
CA GLY A 21 4.90 -8.61 0.88
C GLY A 21 6.08 -7.66 0.94
N VAL A 22 5.85 -6.51 1.56
CA VAL A 22 6.88 -5.48 1.69
C VAL A 22 7.16 -5.20 3.16
N LYS A 23 8.34 -4.65 3.44
CA LYS A 23 8.73 -4.33 4.81
C LYS A 23 8.66 -2.83 5.07
N GLU A 24 8.82 -2.06 3.99
CA GLU A 24 8.67 -0.61 4.06
C GLU A 24 7.51 -0.21 3.17
N PHE A 25 6.53 0.46 3.76
CA PHE A 25 5.31 0.80 3.04
C PHE A 25 4.73 2.11 3.53
N MET A 26 3.82 2.67 2.75
CA MET A 26 3.13 3.88 3.15
C MET A 26 1.67 3.80 2.74
N CYS A 27 0.78 4.02 3.70
CA CYS A 27 -0.64 3.97 3.43
C CYS A 27 -1.07 5.17 2.61
N VAL A 28 -1.89 4.92 1.60
CA VAL A 28 -2.30 5.97 0.67
C VAL A 28 -3.47 6.78 1.22
N GLY A 29 -3.91 7.73 0.40
CA GLY A 29 -5.00 8.60 0.76
C GLY A 29 -5.04 9.82 -0.14
N ALA A 30 -6.19 10.48 -0.23
CA ALA A 30 -6.33 11.63 -1.10
C ALA A 30 -6.30 12.93 -0.29
N THR A 31 -7.31 13.13 0.54
CA THR A 31 -7.39 14.34 1.34
C THR A 31 -7.31 14.02 2.83
N GLN A 32 -6.12 14.11 3.37
CA GLN A 32 -5.88 13.93 4.79
C GLN A 32 -4.85 14.96 5.26
N PRO A 33 -5.06 15.54 6.45
CA PRO A 33 -4.19 16.59 7.00
C PRO A 33 -2.83 16.04 7.42
N PHE A 34 -2.06 15.56 6.45
CA PHE A 34 -0.70 15.09 6.69
C PHE A 34 0.21 15.51 5.55
N ASP A 35 -0.34 16.33 4.63
CA ASP A 35 0.36 16.75 3.39
C ASP A 35 0.54 15.58 2.43
N HIS A 36 1.21 14.55 2.90
CA HIS A 36 1.39 13.32 2.14
C HIS A 36 0.21 12.39 2.37
N PRO A 37 -0.08 11.49 1.39
CA PRO A 37 -1.25 10.59 1.37
C PRO A 37 -1.79 10.25 2.76
N HIS A 38 -1.01 9.49 3.51
CA HIS A 38 -1.33 9.27 4.91
C HIS A 38 -0.04 9.21 5.73
N ILE A 39 0.44 8.00 6.01
CA ILE A 39 1.66 7.86 6.79
C ILE A 39 2.41 6.60 6.37
N PHE A 40 3.72 6.59 6.59
CA PHE A 40 4.55 5.44 6.24
C PHE A 40 4.91 4.65 7.49
N ILE A 41 4.85 3.34 7.39
CA ILE A 41 5.12 2.46 8.51
C ILE A 41 6.16 1.41 8.12
N ASP A 42 6.98 0.99 9.08
CA ASP A 42 7.99 -0.04 8.83
C ASP A 42 7.66 -1.30 9.61
N MET A 43 8.23 -2.41 9.18
CA MET A 43 8.02 -3.69 9.84
C MET A 43 9.35 -4.27 10.33
N GLY A 44 10.22 -3.42 10.83
CA GLY A 44 11.49 -3.87 11.36
C GLY A 44 11.35 -4.59 12.68
N SER A 45 10.18 -4.47 13.30
CA SER A 45 9.93 -5.09 14.59
C SER A 45 8.88 -6.20 14.45
N THR A 46 7.68 -5.82 14.03
CA THR A 46 6.57 -6.76 13.95
C THR A 46 6.11 -6.91 12.50
N ASP A 47 5.58 -8.08 12.16
CA ASP A 47 5.18 -8.38 10.79
C ASP A 47 3.73 -7.98 10.52
N GLU A 48 3.00 -7.59 11.56
CA GLU A 48 1.63 -7.12 11.40
C GLU A 48 1.44 -5.77 12.08
N LYS A 49 1.04 -4.78 11.30
CA LYS A 49 0.82 -3.44 11.81
C LYS A 49 -0.38 -2.78 11.12
N ILE A 50 -1.28 -2.26 11.93
CA ILE A 50 -2.47 -1.57 11.41
C ILE A 50 -2.16 -0.08 11.19
N CYS A 51 -2.89 0.54 10.27
CA CYS A 51 -2.71 1.96 10.01
C CYS A 51 -3.69 2.77 10.84
N PRO A 52 -3.19 3.70 11.66
CA PRO A 52 -4.03 4.52 12.52
C PRO A 52 -5.02 5.37 11.70
N TYR A 53 -6.14 5.70 12.33
CA TYR A 53 -7.14 6.62 11.77
C TYR A 53 -8.02 5.99 10.68
N CYS A 54 -7.60 4.86 10.11
CA CYS A 54 -8.39 4.26 9.02
C CYS A 54 -8.20 2.75 8.90
N SER A 55 -7.68 2.12 9.96
CA SER A 55 -7.42 0.68 9.93
C SER A 55 -6.38 0.34 8.86
N THR A 56 -6.44 -0.89 8.35
CA THR A 56 -5.50 -1.42 7.37
C THR A 56 -4.41 -2.18 8.10
N LEU A 57 -4.78 -3.36 8.60
CA LEU A 57 -3.84 -4.24 9.27
C LEU A 57 -2.94 -4.86 8.22
N TYR A 58 -1.73 -4.30 8.10
CA TYR A 58 -0.75 -4.81 7.17
C TYR A 58 -0.13 -6.09 7.72
N ARG A 59 -0.23 -7.16 6.96
CA ARG A 59 0.35 -8.43 7.35
C ARG A 59 1.42 -8.86 6.37
N TYR A 60 2.67 -8.85 6.81
CA TYR A 60 3.78 -9.29 5.97
C TYR A 60 3.88 -10.81 6.00
N ASP A 61 3.46 -11.45 4.92
CA ASP A 61 3.48 -12.90 4.86
C ASP A 61 4.65 -13.37 3.99
N PRO A 62 5.48 -14.29 4.52
CA PRO A 62 6.66 -14.81 3.81
C PRO A 62 6.33 -15.52 2.49
N SER A 63 5.07 -15.88 2.29
CA SER A 63 4.67 -16.56 1.06
C SER A 63 4.27 -15.54 -0.01
N LEU A 64 4.23 -14.28 0.38
CA LEU A 64 3.89 -13.20 -0.52
C LEU A 64 5.17 -12.62 -1.13
N SER A 65 5.04 -11.49 -1.82
CA SER A 65 6.19 -10.89 -2.47
C SER A 65 6.00 -9.38 -2.59
N TYR A 66 6.96 -8.71 -3.21
CA TYR A 66 6.91 -7.26 -3.35
C TYR A 66 6.06 -6.86 -4.55
N ASN A 67 5.87 -7.79 -5.47
CA ASN A 67 5.02 -7.56 -6.63
C ASN A 67 3.56 -7.91 -6.31
N GLN A 68 3.36 -8.92 -5.48
CA GLN A 68 2.02 -9.32 -5.09
C GLN A 68 1.82 -9.09 -3.60
N THR A 69 0.90 -8.20 -3.25
CA THR A 69 0.73 -7.80 -1.87
C THR A 69 -0.34 -8.65 -1.17
N ASN A 70 -1.52 -8.69 -1.74
CA ASN A 70 -2.63 -9.43 -1.15
C ASN A 70 -3.43 -10.14 -2.25
N PRO A 71 -4.42 -10.98 -1.88
CA PRO A 71 -5.25 -11.70 -2.86
C PRO A 71 -5.91 -10.77 -3.87
N THR A 72 -6.05 -11.24 -5.11
CA THR A 72 -6.61 -10.45 -6.21
C THR A 72 -5.55 -9.51 -6.80
N GLY A 73 -4.52 -9.22 -6.03
CA GLY A 73 -3.46 -8.34 -6.49
C GLY A 73 -3.50 -7.02 -5.77
N CYS A 74 -4.52 -6.22 -6.08
CA CYS A 74 -4.75 -4.93 -5.44
C CYS A 74 -3.55 -4.00 -5.57
N LEU A 75 -3.45 -3.32 -6.70
CA LEU A 75 -2.38 -2.37 -6.94
C LEU A 75 -2.92 -1.13 -7.63
N TYR A 76 -2.38 0.02 -7.27
CA TYR A 76 -2.81 1.27 -7.85
C TYR A 76 -1.66 1.93 -8.58
N ASN A 77 -1.61 1.73 -9.89
CA ASN A 77 -0.58 2.30 -10.72
C ASN A 77 -1.05 3.64 -11.27
N PRO A 78 -0.33 4.72 -10.94
CA PRO A 78 -0.69 6.07 -11.39
C PRO A 78 -0.60 6.22 -12.91
N LYS A 79 -1.71 6.02 -13.58
CA LYS A 79 -1.78 6.19 -15.02
C LYS A 79 -2.09 7.63 -15.39
N LEU A 80 -1.12 8.50 -15.11
CA LEU A 80 -1.21 9.90 -15.46
C LEU A 80 -0.08 10.24 -16.42
N GLU A 81 0.83 11.12 -16.01
CA GLU A 81 2.05 11.36 -16.75
C GLU A 81 3.12 10.36 -16.34
N HIS A 82 3.10 9.99 -15.05
CA HIS A 82 4.02 8.99 -14.52
C HIS A 82 5.48 9.48 -14.63
N HIS A 83 5.65 10.80 -14.58
CA HIS A 83 6.97 11.40 -14.77
C HIS A 83 7.59 11.86 -13.46
N HIS A 84 6.84 12.63 -12.70
CA HIS A 84 7.37 13.26 -11.50
C HIS A 84 6.39 13.10 -10.34
N HIS A 85 6.89 12.73 -9.17
CA HIS A 85 6.03 12.43 -8.01
C HIS A 85 5.47 13.69 -7.33
N HIS A 86 5.46 14.79 -8.09
CA HIS A 86 4.90 16.06 -7.67
C HIS A 86 5.21 17.08 -8.74
N HIS A 87 4.93 18.34 -8.50
CA HIS A 87 5.33 19.37 -9.43
C HIS A 87 6.56 20.08 -8.88
N MET A 1 19.34 9.56 -5.95
CA MET A 1 19.65 8.69 -7.11
C MET A 1 19.13 7.28 -6.89
N ALA A 2 18.98 6.89 -5.62
CA ALA A 2 18.40 5.60 -5.28
C ALA A 2 16.88 5.72 -5.11
N ASP A 3 16.33 6.74 -5.76
CA ASP A 3 14.91 7.03 -5.67
C ASP A 3 14.10 6.01 -6.44
N TYR A 4 13.48 5.08 -5.72
CA TYR A 4 12.69 4.04 -6.35
C TYR A 4 11.23 4.21 -6.00
N ASN A 5 10.37 4.21 -7.02
CA ASN A 5 8.94 4.35 -6.81
C ASN A 5 8.36 2.99 -6.40
N ILE A 6 7.77 2.93 -5.22
CA ILE A 6 7.21 1.70 -4.69
C ILE A 6 5.84 1.42 -5.30
N PRO A 7 5.43 0.14 -5.32
CA PRO A 7 4.11 -0.25 -5.79
C PRO A 7 2.99 0.36 -4.94
N HIS A 8 2.04 1.00 -5.59
CA HIS A 8 0.94 1.65 -4.90
C HIS A 8 -0.27 0.73 -4.87
N PHE A 9 -0.82 0.53 -3.68
CA PHE A 9 -1.88 -0.45 -3.48
C PHE A 9 -3.21 0.19 -3.07
N GLN A 10 -4.27 -0.61 -3.15
CA GLN A 10 -5.62 -0.22 -2.77
C GLN A 10 -6.45 -1.50 -2.67
N ASN A 11 -7.40 -1.58 -1.77
CA ASN A 11 -8.15 -2.82 -1.65
C ASN A 11 -9.65 -2.56 -1.68
N ASP A 12 -10.31 -3.13 -2.67
CA ASP A 12 -11.75 -2.97 -2.84
C ASP A 12 -12.50 -3.93 -1.94
N LEU A 13 -12.11 -5.20 -1.99
CA LEU A 13 -12.86 -6.27 -1.33
C LEU A 13 -12.69 -6.26 0.19
N GLY A 14 -11.59 -5.69 0.68
CA GLY A 14 -11.34 -5.68 2.11
C GLY A 14 -10.92 -4.31 2.61
N TYR A 15 -9.63 -4.00 2.50
CA TYR A 15 -9.04 -2.72 2.91
C TYR A 15 -8.86 -2.65 4.43
N LYS A 16 -9.74 -3.30 5.16
CA LYS A 16 -9.68 -3.30 6.62
C LYS A 16 -8.44 -4.03 7.10
N ILE A 17 -8.15 -5.18 6.50
CA ILE A 17 -6.96 -5.94 6.81
C ILE A 17 -6.28 -6.38 5.52
N ILE A 18 -5.10 -5.83 5.25
CA ILE A 18 -4.38 -6.15 4.01
C ILE A 18 -3.02 -6.81 4.29
N GLU A 19 -2.82 -7.99 3.74
CA GLU A 19 -1.54 -8.68 3.83
C GLU A 19 -0.66 -8.30 2.64
N ILE A 20 0.57 -7.93 2.90
CA ILE A 20 1.49 -7.51 1.83
C ILE A 20 2.88 -8.12 2.03
N GLY A 21 3.58 -8.34 0.94
CA GLY A 21 4.96 -8.80 1.02
C GLY A 21 5.93 -7.65 0.97
N VAL A 22 5.50 -6.51 1.48
CA VAL A 22 6.31 -5.30 1.48
C VAL A 22 6.63 -4.91 2.91
N LYS A 23 7.92 -4.81 3.21
CA LYS A 23 8.38 -4.53 4.57
C LYS A 23 8.35 -3.03 4.87
N GLU A 24 8.23 -2.22 3.82
CA GLU A 24 8.18 -0.76 3.97
C GLU A 24 7.17 -0.17 2.99
N PHE A 25 6.04 0.31 3.51
CA PHE A 25 4.98 0.83 2.66
C PHE A 25 4.45 2.17 3.22
N MET A 26 3.84 2.97 2.36
CA MET A 26 3.28 4.26 2.78
C MET A 26 1.94 4.49 2.08
N CYS A 27 1.11 5.32 2.67
CA CYS A 27 -0.24 5.59 2.16
C CYS A 27 -0.20 6.45 0.90
N VAL A 28 -0.79 5.93 -0.17
CA VAL A 28 -0.90 6.67 -1.41
C VAL A 28 -2.27 7.35 -1.49
N GLY A 29 -2.29 8.56 -2.04
CA GLY A 29 -3.54 9.28 -2.18
C GLY A 29 -3.51 10.60 -1.42
N ALA A 30 -3.79 10.54 -0.13
CA ALA A 30 -3.71 11.72 0.71
C ALA A 30 -2.31 11.84 1.29
N THR A 31 -1.33 11.72 0.41
CA THR A 31 0.07 11.80 0.80
C THR A 31 0.46 13.24 1.08
N GLN A 32 0.45 13.59 2.36
CA GLN A 32 0.80 14.93 2.82
C GLN A 32 1.78 14.81 3.98
N PRO A 33 2.30 15.94 4.52
CA PRO A 33 3.22 15.96 5.67
C PRO A 33 2.98 14.81 6.65
N PHE A 34 3.99 13.97 6.81
CA PHE A 34 3.84 12.72 7.54
C PHE A 34 3.77 12.96 9.03
N ASP A 35 2.56 13.20 9.52
CA ASP A 35 2.33 13.50 10.94
C ASP A 35 0.88 13.24 11.30
N HIS A 36 -0.04 13.83 10.54
CA HIS A 36 -1.47 13.64 10.78
C HIS A 36 -2.17 12.92 9.64
N PRO A 37 -2.12 13.44 8.39
CA PRO A 37 -2.81 12.84 7.24
C PRO A 37 -2.65 11.34 7.19
N HIS A 38 -1.41 10.89 7.16
CA HIS A 38 -1.10 9.47 7.19
C HIS A 38 0.25 9.23 7.86
N ILE A 39 0.67 7.99 7.86
CA ILE A 39 1.87 7.57 8.57
C ILE A 39 2.61 6.52 7.75
N PHE A 40 3.88 6.30 8.06
CA PHE A 40 4.65 5.28 7.36
C PHE A 40 4.57 3.96 8.10
N ILE A 41 4.49 2.86 7.36
CA ILE A 41 4.39 1.55 7.96
C ILE A 41 5.66 0.75 7.73
N ASP A 42 6.28 0.30 8.80
CA ASP A 42 7.49 -0.51 8.71
C ASP A 42 7.27 -1.85 9.40
N MET A 43 7.82 -2.90 8.81
CA MET A 43 7.68 -4.24 9.37
C MET A 43 8.99 -4.71 9.99
N GLY A 44 9.74 -3.78 10.57
CA GLY A 44 10.99 -4.13 11.20
C GLY A 44 10.79 -4.98 12.44
N SER A 45 10.51 -4.33 13.56
CA SER A 45 10.25 -5.04 14.80
C SER A 45 8.78 -5.48 14.88
N THR A 46 7.96 -4.89 14.02
CA THR A 46 6.54 -5.18 14.01
C THR A 46 6.16 -5.93 12.74
N ASP A 47 5.73 -7.17 12.89
CA ASP A 47 5.43 -8.02 11.75
C ASP A 47 4.11 -7.60 11.10
N GLU A 48 3.22 -7.00 11.88
CA GLU A 48 1.96 -6.51 11.36
C GLU A 48 1.57 -5.18 12.00
N LYS A 49 1.29 -4.20 11.16
CA LYS A 49 0.90 -2.87 11.62
C LYS A 49 -0.36 -2.39 10.89
N ILE A 50 -1.33 -1.91 11.65
CA ILE A 50 -2.52 -1.29 11.05
C ILE A 50 -2.24 0.20 10.85
N CYS A 51 -2.99 0.86 9.97
CA CYS A 51 -2.75 2.30 9.78
C CYS A 51 -3.77 3.11 10.57
N PRO A 52 -3.29 3.86 11.59
CA PRO A 52 -4.15 4.71 12.42
C PRO A 52 -5.05 5.60 11.59
N TYR A 53 -4.52 6.05 10.45
CA TYR A 53 -5.31 6.79 9.48
C TYR A 53 -5.45 5.97 8.21
N CYS A 54 -6.45 5.08 8.19
CA CYS A 54 -6.76 4.18 7.06
C CYS A 54 -7.48 2.93 7.54
N SER A 55 -7.07 2.43 8.71
CA SER A 55 -7.21 1.03 9.05
C SER A 55 -6.15 0.29 8.24
N THR A 56 -6.39 -0.95 7.86
CA THR A 56 -5.52 -1.66 6.95
C THR A 56 -4.39 -2.29 7.74
N LEU A 57 -4.70 -3.39 8.36
CA LEU A 57 -3.72 -4.15 9.10
C LEU A 57 -2.77 -4.79 8.10
N TYR A 58 -1.62 -4.16 7.94
CA TYR A 58 -0.60 -4.63 7.01
C TYR A 58 0.14 -5.82 7.62
N ARG A 59 -0.19 -7.01 7.15
CA ARG A 59 0.47 -8.21 7.62
C ARG A 59 1.63 -8.57 6.70
N TYR A 60 2.83 -8.60 7.26
CA TYR A 60 4.00 -9.04 6.51
C TYR A 60 4.43 -10.42 7.00
N ASP A 61 4.12 -11.42 6.21
CA ASP A 61 4.49 -12.79 6.54
C ASP A 61 5.59 -13.26 5.61
N PRO A 62 6.57 -14.01 6.12
CA PRO A 62 7.71 -14.50 5.32
C PRO A 62 7.29 -15.39 4.14
N SER A 63 6.02 -15.77 4.08
CA SER A 63 5.52 -16.54 2.94
C SER A 63 5.11 -15.59 1.81
N LEU A 64 4.97 -14.31 2.13
CA LEU A 64 4.65 -13.29 1.15
C LEU A 64 5.93 -12.70 0.58
N SER A 65 5.85 -12.27 -0.67
CA SER A 65 6.98 -11.64 -1.33
C SER A 65 6.51 -10.31 -1.92
N TYR A 66 7.44 -9.54 -2.47
CA TYR A 66 7.09 -8.24 -3.06
C TYR A 66 6.25 -8.42 -4.31
N ASN A 67 6.18 -9.65 -4.80
CA ASN A 67 5.38 -9.98 -5.97
C ASN A 67 4.01 -10.55 -5.52
N GLN A 68 3.83 -10.69 -4.23
CA GLN A 68 2.61 -11.27 -3.68
C GLN A 68 2.01 -10.37 -2.62
N THR A 69 0.74 -10.55 -2.32
CA THR A 69 0.07 -9.71 -1.36
C THR A 69 -1.34 -10.27 -1.02
N ASN A 70 -2.34 -9.40 -1.07
CA ASN A 70 -3.70 -9.73 -0.67
C ASN A 70 -4.53 -10.01 -1.93
N PRO A 71 -5.60 -10.84 -1.81
CA PRO A 71 -6.49 -11.21 -2.92
C PRO A 71 -6.60 -10.16 -4.03
N THR A 72 -6.56 -10.65 -5.28
CA THR A 72 -6.49 -9.78 -6.46
C THR A 72 -7.52 -8.66 -6.40
N GLY A 73 -7.04 -7.45 -6.59
CA GLY A 73 -7.84 -6.26 -6.35
C GLY A 73 -7.18 -5.41 -5.29
N CYS A 74 -5.84 -5.41 -5.32
CA CYS A 74 -5.05 -4.77 -4.30
C CYS A 74 -4.08 -3.75 -4.87
N LEU A 75 -3.92 -3.72 -6.18
CA LEU A 75 -3.09 -2.72 -6.82
C LEU A 75 -3.90 -1.46 -7.08
N TYR A 76 -3.27 -0.29 -6.97
CA TYR A 76 -3.99 0.96 -7.15
C TYR A 76 -4.14 1.28 -8.63
N ASN A 77 -5.32 0.99 -9.14
CA ASN A 77 -5.70 1.40 -10.48
C ASN A 77 -6.68 2.56 -10.38
N PRO A 78 -6.73 3.44 -11.39
CA PRO A 78 -7.50 4.69 -11.33
C PRO A 78 -9.01 4.47 -11.22
N LYS A 79 -9.50 4.30 -10.01
CA LYS A 79 -10.93 4.28 -9.75
C LYS A 79 -11.39 5.66 -9.30
N LEU A 80 -11.16 6.64 -10.16
CA LEU A 80 -11.49 8.01 -9.86
C LEU A 80 -12.98 8.26 -10.08
N GLU A 81 -13.61 7.33 -10.80
CA GLU A 81 -15.03 7.43 -11.18
C GLU A 81 -15.19 8.51 -12.24
N HIS A 82 -16.33 8.50 -12.93
CA HIS A 82 -16.61 9.43 -14.03
C HIS A 82 -15.65 9.22 -15.20
N HIS A 83 -15.13 8.00 -15.33
CA HIS A 83 -14.22 7.69 -16.43
C HIS A 83 -14.89 7.90 -17.78
N HIS A 84 -14.23 8.64 -18.66
CA HIS A 84 -14.81 9.01 -19.95
C HIS A 84 -14.92 7.80 -20.86
N HIS A 85 -13.97 6.89 -20.74
CA HIS A 85 -14.00 5.65 -21.51
C HIS A 85 -14.60 4.55 -20.65
N HIS A 86 -15.64 3.89 -21.16
CA HIS A 86 -16.33 2.85 -20.41
C HIS A 86 -16.18 1.50 -21.10
N HIS A 87 -15.27 0.70 -20.58
CA HIS A 87 -14.98 -0.62 -21.14
C HIS A 87 -14.05 -1.37 -20.20
N MET A 1 4.60 11.84 -13.40
CA MET A 1 5.01 10.50 -13.85
C MET A 1 5.18 9.57 -12.65
N ALA A 2 6.30 9.71 -11.95
CA ALA A 2 6.57 8.92 -10.75
C ALA A 2 7.43 9.73 -9.79
N ASP A 3 6.76 10.52 -8.96
CA ASP A 3 7.46 11.37 -8.00
C ASP A 3 8.10 10.52 -6.90
N TYR A 4 7.46 9.40 -6.58
CA TYR A 4 8.02 8.44 -5.64
C TYR A 4 8.44 7.19 -6.39
N ASN A 5 9.60 6.65 -6.03
CA ASN A 5 10.20 5.54 -6.76
C ASN A 5 9.65 4.19 -6.31
N ILE A 6 8.99 4.19 -5.15
CA ILE A 6 8.42 2.96 -4.59
C ILE A 6 7.16 2.54 -5.36
N PRO A 7 6.84 1.24 -5.34
CA PRO A 7 5.67 0.70 -6.05
C PRO A 7 4.38 1.43 -5.67
N HIS A 8 3.52 1.63 -6.66
CA HIS A 8 2.30 2.39 -6.45
C HIS A 8 1.13 1.49 -6.08
N PHE A 9 0.69 1.61 -4.84
CA PHE A 9 -0.48 0.89 -4.36
C PHE A 9 -1.67 1.83 -4.27
N GLN A 10 -2.79 1.34 -3.72
CA GLN A 10 -4.04 2.08 -3.77
C GLN A 10 -4.45 2.55 -2.38
N ASN A 11 -5.69 3.04 -2.29
CA ASN A 11 -6.19 3.67 -1.07
C ASN A 11 -6.41 2.63 0.03
N ASP A 12 -5.82 2.87 1.18
CA ASP A 12 -5.84 1.93 2.29
C ASP A 12 -7.05 2.15 3.19
N LEU A 13 -7.99 2.99 2.74
CA LEU A 13 -9.23 3.24 3.48
C LEU A 13 -10.34 2.29 3.03
N GLY A 14 -9.95 1.17 2.45
CA GLY A 14 -10.94 0.21 1.96
C GLY A 14 -11.02 -1.04 2.81
N TYR A 15 -10.00 -1.88 2.73
CA TYR A 15 -9.98 -3.14 3.46
C TYR A 15 -9.25 -2.93 4.78
N LYS A 16 -9.89 -3.32 5.88
CA LYS A 16 -9.35 -3.03 7.20
C LYS A 16 -8.28 -4.03 7.63
N ILE A 17 -8.08 -5.06 6.84
CA ILE A 17 -6.97 -5.99 7.04
C ILE A 17 -6.36 -6.35 5.69
N ILE A 18 -5.15 -5.88 5.44
CA ILE A 18 -4.48 -6.17 4.17
C ILE A 18 -3.11 -6.82 4.37
N GLU A 19 -2.86 -7.91 3.66
CA GLU A 19 -1.55 -8.56 3.69
C GLU A 19 -0.69 -7.98 2.57
N ILE A 20 0.60 -7.81 2.85
CA ILE A 20 1.52 -7.24 1.87
C ILE A 20 2.84 -8.00 1.88
N GLY A 21 3.56 -7.91 0.77
CA GLY A 21 4.86 -8.53 0.69
C GLY A 21 5.99 -7.55 0.99
N VAL A 22 5.67 -6.27 0.98
CA VAL A 22 6.65 -5.24 1.28
C VAL A 22 6.81 -5.07 2.79
N LYS A 23 8.03 -4.83 3.23
CA LYS A 23 8.31 -4.70 4.66
C LYS A 23 8.34 -3.22 5.05
N GLU A 24 8.25 -2.37 4.04
CA GLU A 24 8.10 -0.93 4.23
C GLU A 24 7.01 -0.43 3.32
N PHE A 25 6.07 0.33 3.86
CA PHE A 25 4.96 0.83 3.07
C PHE A 25 4.49 2.18 3.57
N MET A 26 3.98 2.99 2.67
CA MET A 26 3.41 4.28 3.02
C MET A 26 2.26 4.56 2.07
N CYS A 27 1.19 5.14 2.59
CA CYS A 27 0.04 5.49 1.76
C CYS A 27 0.50 6.39 0.62
N VAL A 28 0.30 5.94 -0.62
CA VAL A 28 0.83 6.62 -1.80
C VAL A 28 0.41 8.09 -1.86
N GLY A 29 -0.88 8.34 -1.80
CA GLY A 29 -1.35 9.70 -1.82
C GLY A 29 -2.83 9.81 -2.13
N ALA A 30 -3.48 10.76 -1.49
CA ALA A 30 -4.89 11.02 -1.72
C ALA A 30 -5.24 12.44 -1.30
N THR A 31 -5.29 12.67 0.00
CA THR A 31 -5.63 13.97 0.54
C THR A 31 -4.52 14.47 1.49
N GLN A 32 -3.87 13.53 2.17
CA GLN A 32 -2.82 13.82 3.14
C GLN A 32 -3.36 14.67 4.30
N PRO A 33 -4.05 14.01 5.26
CA PRO A 33 -4.59 14.69 6.44
C PRO A 33 -3.56 14.85 7.56
N PHE A 34 -2.37 14.31 7.32
CA PHE A 34 -1.29 14.35 8.31
C PHE A 34 0.01 14.76 7.63
N ASP A 35 1.11 14.60 8.34
CA ASP A 35 2.42 14.96 7.80
C ASP A 35 2.82 14.00 6.68
N HIS A 36 2.88 14.54 5.46
CA HIS A 36 3.23 13.76 4.27
C HIS A 36 2.10 12.78 3.92
N PRO A 37 2.23 11.99 2.83
CA PRO A 37 1.22 10.98 2.43
C PRO A 37 0.74 10.10 3.59
N HIS A 38 -0.38 10.55 4.20
CA HIS A 38 -0.94 9.93 5.41
C HIS A 38 0.11 9.69 6.48
N ILE A 39 0.64 8.47 6.55
CA ILE A 39 1.62 8.11 7.56
C ILE A 39 2.58 7.07 7.00
N PHE A 40 3.80 7.03 7.54
CA PHE A 40 4.79 6.05 7.12
C PHE A 40 4.69 4.79 7.97
N ILE A 41 4.82 3.63 7.34
CA ILE A 41 4.71 2.36 8.03
C ILE A 41 5.92 1.47 7.72
N ASP A 42 6.54 0.95 8.76
CA ASP A 42 7.65 0.02 8.59
C ASP A 42 7.48 -1.16 9.54
N MET A 43 7.74 -2.35 9.05
CA MET A 43 7.64 -3.55 9.88
C MET A 43 8.84 -3.67 10.80
N GLY A 44 10.02 -3.82 10.19
CA GLY A 44 11.23 -3.95 10.95
C GLY A 44 11.37 -5.32 11.59
N SER A 45 10.68 -5.52 12.69
CA SER A 45 10.73 -6.80 13.40
C SER A 45 9.35 -7.45 13.40
N THR A 46 8.31 -6.66 13.61
CA THR A 46 6.96 -7.17 13.66
C THR A 46 6.36 -7.25 12.25
N ASP A 47 5.90 -8.44 11.88
CA ASP A 47 5.43 -8.70 10.53
C ASP A 47 4.01 -8.19 10.31
N GLU A 48 3.28 -7.97 11.40
CA GLU A 48 1.91 -7.50 11.29
C GLU A 48 1.69 -6.22 12.10
N LYS A 49 1.25 -5.20 11.39
CA LYS A 49 0.91 -3.91 12.00
C LYS A 49 -0.43 -3.43 11.45
N ILE A 50 -0.78 -2.19 11.77
CA ILE A 50 -1.98 -1.58 11.22
C ILE A 50 -1.69 -0.14 10.81
N CYS A 51 -2.46 0.40 9.89
CA CYS A 51 -2.31 1.78 9.48
C CYS A 51 -3.27 2.65 10.29
N PRO A 52 -2.74 3.41 11.26
CA PRO A 52 -3.55 4.26 12.12
C PRO A 52 -4.28 5.33 11.33
N TYR A 53 -5.58 5.51 11.61
CA TYR A 53 -6.43 6.44 10.87
C TYR A 53 -6.68 5.94 9.45
N CYS A 54 -6.67 4.62 9.30
CA CYS A 54 -7.01 3.98 8.03
C CYS A 54 -7.68 2.63 8.28
N SER A 55 -7.05 1.82 9.15
CA SER A 55 -7.47 0.44 9.38
C SER A 55 -7.23 -0.40 8.12
N THR A 56 -6.11 -1.11 8.11
CA THR A 56 -5.63 -1.78 6.92
C THR A 56 -4.61 -2.81 7.35
N LEU A 57 -4.91 -3.49 8.48
CA LEU A 57 -3.97 -4.34 9.20
C LEU A 57 -2.99 -5.04 8.27
N TYR A 58 -1.78 -4.48 8.18
CA TYR A 58 -0.78 -4.96 7.27
C TYR A 58 -0.03 -6.14 7.85
N ARG A 59 -0.32 -7.30 7.33
CA ARG A 59 0.34 -8.51 7.76
C ARG A 59 1.21 -9.06 6.65
N TYR A 60 2.52 -9.06 6.86
CA TYR A 60 3.42 -9.69 5.92
C TYR A 60 3.36 -11.19 6.10
N ASP A 61 2.79 -11.86 5.12
CA ASP A 61 2.70 -13.32 5.15
C ASP A 61 3.91 -13.90 4.46
N PRO A 62 4.56 -14.90 5.09
CA PRO A 62 5.78 -15.52 4.55
C PRO A 62 5.57 -16.20 3.20
N SER A 63 4.32 -16.38 2.80
CA SER A 63 4.03 -16.99 1.50
C SER A 63 3.98 -15.94 0.39
N LEU A 64 4.01 -14.67 0.79
CA LEU A 64 3.93 -13.57 -0.16
C LEU A 64 5.31 -13.04 -0.51
N SER A 65 5.47 -12.61 -1.75
CA SER A 65 6.70 -11.98 -2.19
C SER A 65 6.58 -10.47 -2.07
N TYR A 66 7.70 -9.75 -2.20
CA TYR A 66 7.70 -8.29 -2.07
C TYR A 66 6.89 -7.61 -3.17
N ASN A 67 6.63 -8.34 -4.24
CA ASN A 67 5.86 -7.81 -5.36
C ASN A 67 4.38 -8.15 -5.17
N GLN A 68 4.07 -8.90 -4.12
CA GLN A 68 2.72 -9.39 -3.89
C GLN A 68 2.06 -8.71 -2.71
N THR A 69 0.82 -9.11 -2.43
CA THR A 69 0.01 -8.50 -1.40
C THR A 69 -1.22 -9.39 -1.15
N ASN A 70 -2.37 -8.79 -0.92
CA ASN A 70 -3.61 -9.52 -0.73
C ASN A 70 -4.38 -9.44 -2.06
N PRO A 71 -5.60 -10.04 -2.17
CA PRO A 71 -6.38 -10.09 -3.42
C PRO A 71 -6.00 -8.99 -4.41
N THR A 72 -5.31 -9.41 -5.48
CA THR A 72 -4.63 -8.48 -6.37
C THR A 72 -5.58 -7.51 -7.07
N GLY A 73 -5.76 -6.36 -6.44
CA GLY A 73 -6.52 -5.27 -7.01
C GLY A 73 -6.28 -3.99 -6.24
N CYS A 74 -5.15 -3.95 -5.53
CA CYS A 74 -4.83 -2.83 -4.65
C CYS A 74 -3.59 -2.11 -5.18
N LEU A 75 -3.35 -2.26 -6.47
CA LEU A 75 -2.23 -1.59 -7.13
C LEU A 75 -2.71 -0.36 -7.89
N TYR A 76 -1.95 0.72 -7.82
CA TYR A 76 -2.33 1.95 -8.48
C TYR A 76 -1.90 1.93 -9.93
N ASN A 77 -2.80 1.52 -10.80
CA ASN A 77 -2.51 1.49 -12.22
C ASN A 77 -3.21 2.65 -12.91
N PRO A 78 -2.48 3.38 -13.77
CA PRO A 78 -3.03 4.52 -14.50
C PRO A 78 -4.08 4.09 -15.52
N LYS A 79 -5.34 4.19 -15.14
CA LYS A 79 -6.44 3.79 -16.00
C LYS A 79 -6.78 4.93 -16.95
N LEU A 80 -6.44 6.13 -16.54
CA LEU A 80 -6.67 7.32 -17.34
C LEU A 80 -5.65 7.40 -18.47
N GLU A 81 -6.01 8.11 -19.53
CA GLU A 81 -5.13 8.34 -20.69
C GLU A 81 -4.99 7.08 -21.54
N HIS A 82 -4.89 7.29 -22.84
CA HIS A 82 -4.50 6.24 -23.77
C HIS A 82 -2.99 6.32 -23.95
N HIS A 83 -2.50 7.53 -23.72
CA HIS A 83 -1.07 7.80 -23.69
C HIS A 83 -0.49 7.38 -22.34
N HIS A 84 0.38 6.39 -22.36
CA HIS A 84 1.03 5.92 -21.14
C HIS A 84 2.54 5.99 -21.29
N HIS A 85 3.25 5.73 -20.21
CA HIS A 85 4.70 5.87 -20.19
C HIS A 85 5.36 4.59 -20.67
N HIS A 86 5.90 4.63 -21.89
CA HIS A 86 6.57 3.47 -22.45
C HIS A 86 8.06 3.53 -22.16
N HIS A 87 8.61 2.43 -21.68
CA HIS A 87 10.05 2.31 -21.51
C HIS A 87 10.54 0.99 -22.08
N MET A 1 17.48 5.85 -13.44
CA MET A 1 17.32 6.55 -12.15
C MET A 1 16.86 5.59 -11.08
N ALA A 2 17.25 5.84 -9.84
CA ALA A 2 16.76 5.07 -8.71
C ALA A 2 15.39 5.58 -8.30
N ASP A 3 14.36 4.88 -8.74
CA ASP A 3 12.99 5.30 -8.49
C ASP A 3 12.42 4.65 -7.22
N TYR A 4 11.89 3.44 -7.35
CA TYR A 4 11.28 2.74 -6.22
C TYR A 4 11.26 1.24 -6.46
N ASN A 5 11.36 0.48 -5.38
CA ASN A 5 11.30 -0.98 -5.48
C ASN A 5 9.87 -1.47 -5.26
N ILE A 6 9.13 -0.77 -4.40
CA ILE A 6 7.76 -1.15 -4.08
C ILE A 6 6.80 -0.67 -5.18
N PRO A 7 5.68 -1.39 -5.38
CA PRO A 7 4.71 -1.09 -6.42
C PRO A 7 3.72 0.01 -6.03
N HIS A 8 2.76 0.28 -6.90
CA HIS A 8 1.73 1.28 -6.64
C HIS A 8 0.53 0.65 -5.94
N PHE A 9 0.16 1.18 -4.79
CA PHE A 9 -0.85 0.58 -3.94
C PHE A 9 -2.19 1.31 -4.07
N GLN A 10 -3.16 0.92 -3.26
CA GLN A 10 -4.49 1.52 -3.26
C GLN A 10 -4.72 2.28 -1.95
N ASN A 11 -5.86 2.94 -1.84
CA ASN A 11 -6.17 3.69 -0.63
C ASN A 11 -6.69 2.76 0.46
N ASP A 12 -6.48 3.16 1.71
CA ASP A 12 -6.77 2.34 2.89
C ASP A 12 -8.20 1.84 2.90
N LEU A 13 -9.12 2.70 2.49
CA LEU A 13 -10.55 2.47 2.67
C LEU A 13 -11.08 1.34 1.79
N GLY A 14 -10.19 0.66 1.07
CA GLY A 14 -10.59 -0.48 0.28
C GLY A 14 -10.81 -1.71 1.14
N TYR A 15 -9.86 -1.99 2.01
CA TYR A 15 -9.91 -3.19 2.86
C TYR A 15 -9.33 -2.86 4.23
N LYS A 16 -9.99 -3.32 5.30
CA LYS A 16 -9.54 -3.02 6.65
C LYS A 16 -8.43 -3.95 7.11
N ILE A 17 -8.15 -4.98 6.33
CA ILE A 17 -7.05 -5.91 6.63
C ILE A 17 -6.31 -6.24 5.34
N ILE A 18 -5.08 -5.75 5.23
CA ILE A 18 -4.28 -6.03 4.03
C ILE A 18 -3.08 -6.93 4.32
N GLU A 19 -2.94 -7.97 3.50
CA GLU A 19 -1.76 -8.81 3.54
C GLU A 19 -0.73 -8.26 2.55
N ILE A 20 0.53 -8.24 2.94
CA ILE A 20 1.58 -7.72 2.06
C ILE A 20 2.84 -8.55 2.13
N GLY A 21 3.67 -8.43 1.11
CA GLY A 21 4.96 -9.08 1.08
C GLY A 21 6.08 -8.08 1.01
N VAL A 22 5.79 -6.85 1.41
CA VAL A 22 6.76 -5.78 1.39
C VAL A 22 7.10 -5.35 2.81
N LYS A 23 8.33 -4.90 3.02
CA LYS A 23 8.79 -4.55 4.36
C LYS A 23 8.68 -3.05 4.63
N GLU A 24 8.45 -2.27 3.58
CA GLU A 24 8.37 -0.82 3.72
C GLU A 24 7.32 -0.23 2.79
N PHE A 25 6.47 0.63 3.34
CA PHE A 25 5.47 1.34 2.55
C PHE A 25 4.87 2.48 3.35
N MET A 26 4.71 3.64 2.73
CA MET A 26 4.04 4.76 3.38
C MET A 26 2.64 4.90 2.81
N CYS A 27 1.65 4.92 3.70
CA CYS A 27 0.25 4.99 3.31
C CYS A 27 -0.02 6.19 2.40
N VAL A 28 -0.51 5.92 1.21
CA VAL A 28 -0.80 6.97 0.24
C VAL A 28 -2.23 7.46 0.39
N GLY A 29 -2.40 8.78 0.32
CA GLY A 29 -3.73 9.37 0.41
C GLY A 29 -4.05 10.18 -0.82
N ALA A 30 -4.43 9.50 -1.89
CA ALA A 30 -4.69 10.16 -3.17
C ALA A 30 -6.04 10.86 -3.16
N THR A 31 -7.08 10.13 -2.80
CA THR A 31 -8.42 10.67 -2.78
C THR A 31 -8.74 11.30 -1.44
N GLN A 32 -8.57 12.62 -1.37
CA GLN A 32 -8.79 13.40 -0.14
C GLN A 32 -7.76 13.02 0.93
N PRO A 33 -6.61 13.69 0.91
CA PRO A 33 -5.51 13.41 1.84
C PRO A 33 -5.85 13.77 3.28
N PHE A 34 -5.48 12.91 4.21
CA PHE A 34 -5.77 13.11 5.63
C PHE A 34 -4.78 14.09 6.25
N ASP A 35 -4.46 15.14 5.49
CA ASP A 35 -3.43 16.12 5.84
C ASP A 35 -2.06 15.46 5.75
N HIS A 36 -1.26 15.93 4.78
CA HIS A 36 0.01 15.28 4.42
C HIS A 36 -0.27 13.95 3.74
N PRO A 37 0.77 13.25 3.25
CA PRO A 37 0.66 11.82 2.99
C PRO A 37 0.35 11.11 4.29
N HIS A 38 -0.29 9.96 4.24
CA HIS A 38 -0.71 9.33 5.48
C HIS A 38 0.48 8.67 6.19
N ILE A 39 0.22 7.76 7.10
CA ILE A 39 1.23 7.33 8.05
C ILE A 39 2.09 6.20 7.49
N PHE A 40 3.40 6.32 7.69
CA PHE A 40 4.36 5.36 7.16
C PHE A 40 4.29 4.03 7.90
N ILE A 41 4.28 2.96 7.13
CA ILE A 41 4.17 1.63 7.68
C ILE A 41 5.42 0.82 7.36
N ASP A 42 6.40 0.96 8.25
CA ASP A 42 7.61 0.16 8.20
C ASP A 42 7.37 -1.12 9.00
N MET A 43 7.77 -2.25 8.44
CA MET A 43 7.53 -3.51 9.12
C MET A 43 8.80 -3.96 9.83
N GLY A 44 9.68 -3.00 10.10
CA GLY A 44 10.85 -3.27 10.92
C GLY A 44 10.56 -2.98 12.37
N SER A 45 9.36 -2.49 12.63
CA SER A 45 8.91 -2.19 13.98
C SER A 45 7.96 -3.27 14.47
N THR A 46 7.21 -3.87 13.55
CA THR A 46 6.23 -4.89 13.88
C THR A 46 6.01 -5.85 12.71
N ASP A 47 5.60 -7.09 13.01
CA ASP A 47 5.32 -8.08 11.97
C ASP A 47 3.92 -7.86 11.40
N GLU A 48 3.08 -7.20 12.18
CA GLU A 48 1.77 -6.80 11.74
C GLU A 48 1.50 -5.36 12.15
N LYS A 49 1.48 -4.47 11.17
CA LYS A 49 1.33 -3.06 11.45
C LYS A 49 0.05 -2.52 10.83
N ILE A 50 -0.83 -2.02 11.68
CA ILE A 50 -2.09 -1.45 11.21
C ILE A 50 -1.88 0.01 10.82
N CYS A 51 -2.71 0.50 9.92
CA CYS A 51 -2.68 1.90 9.54
C CYS A 51 -3.67 2.67 10.39
N PRO A 52 -3.17 3.45 11.37
CA PRO A 52 -4.02 4.21 12.28
C PRO A 52 -4.85 5.25 11.54
N TYR A 53 -6.10 5.43 11.97
CA TYR A 53 -7.03 6.37 11.34
C TYR A 53 -7.41 5.92 9.94
N CYS A 54 -7.24 4.63 9.68
CA CYS A 54 -7.60 4.04 8.39
C CYS A 54 -8.20 2.64 8.58
N SER A 55 -7.44 1.78 9.28
CA SER A 55 -7.77 0.36 9.42
C SER A 55 -7.54 -0.35 8.08
N THR A 56 -6.40 -1.04 7.99
CA THR A 56 -5.93 -1.62 6.75
C THR A 56 -4.85 -2.63 7.13
N LEU A 57 -5.05 -3.23 8.30
CA LEU A 57 -4.02 -3.97 9.04
C LEU A 57 -3.09 -4.73 8.11
N TYR A 58 -1.89 -4.18 7.92
CA TYR A 58 -0.90 -4.77 7.03
C TYR A 58 -0.10 -5.84 7.78
N ARG A 59 -0.28 -7.08 7.36
CA ARG A 59 0.44 -8.18 7.96
C ARG A 59 1.41 -8.78 6.95
N TYR A 60 2.59 -9.14 7.42
CA TYR A 60 3.60 -9.72 6.54
C TYR A 60 3.47 -11.23 6.52
N ASP A 61 3.60 -11.80 5.33
CA ASP A 61 3.58 -13.25 5.18
C ASP A 61 4.69 -13.69 4.26
N PRO A 62 5.45 -14.72 4.67
CA PRO A 62 6.60 -15.23 3.90
C PRO A 62 6.23 -15.78 2.52
N SER A 63 4.97 -16.16 2.34
CA SER A 63 4.53 -16.69 1.06
C SER A 63 4.28 -15.57 0.06
N LEU A 64 4.15 -14.35 0.58
CA LEU A 64 3.93 -13.18 -0.25
C LEU A 64 5.26 -12.57 -0.67
N SER A 65 5.23 -11.69 -1.64
CA SER A 65 6.45 -11.11 -2.18
C SER A 65 6.19 -9.71 -2.72
N TYR A 66 7.23 -9.07 -3.26
CA TYR A 66 7.13 -7.68 -3.72
C TYR A 66 6.38 -7.57 -5.04
N ASN A 67 6.30 -8.67 -5.78
CA ASN A 67 5.60 -8.67 -7.06
C ASN A 67 4.09 -8.79 -6.88
N GLN A 68 3.67 -8.96 -5.63
CA GLN A 68 2.27 -9.12 -5.30
C GLN A 68 1.97 -8.45 -3.96
N THR A 69 0.79 -8.70 -3.42
CA THR A 69 0.47 -8.15 -2.11
C THR A 69 -0.56 -9.02 -1.38
N ASN A 70 -1.76 -9.06 -1.90
CA ASN A 70 -2.89 -9.67 -1.19
C ASN A 70 -3.84 -10.36 -2.18
N PRO A 71 -4.76 -11.18 -1.67
CA PRO A 71 -5.83 -11.78 -2.49
C PRO A 71 -6.73 -10.70 -3.08
N THR A 72 -6.79 -10.64 -4.39
CA THR A 72 -7.40 -9.52 -5.10
C THR A 72 -6.52 -8.27 -4.91
N GLY A 73 -5.48 -8.20 -5.74
CA GLY A 73 -4.47 -7.16 -5.61
C GLY A 73 -5.03 -5.76 -5.65
N CYS A 74 -4.65 -4.95 -4.68
CA CYS A 74 -5.06 -3.56 -4.63
C CYS A 74 -3.90 -2.67 -5.04
N LEU A 75 -3.85 -2.36 -6.32
CA LEU A 75 -2.75 -1.62 -6.91
C LEU A 75 -3.28 -0.51 -7.80
N TYR A 76 -2.76 0.70 -7.64
CA TYR A 76 -3.24 1.84 -8.41
C TYR A 76 -2.27 2.19 -9.54
N ASN A 77 -2.54 1.65 -10.71
CA ASN A 77 -1.83 2.05 -11.91
C ASN A 77 -2.77 2.82 -12.83
N PRO A 78 -2.37 4.04 -13.23
CA PRO A 78 -3.19 4.91 -14.06
C PRO A 78 -3.53 4.28 -15.42
N LYS A 79 -4.81 4.03 -15.64
CA LYS A 79 -5.26 3.48 -16.90
C LYS A 79 -5.61 4.61 -17.86
N LEU A 80 -5.06 4.55 -19.06
CA LEU A 80 -5.30 5.59 -20.06
C LEU A 80 -6.76 5.63 -20.45
N GLU A 81 -7.40 6.77 -20.23
CA GLU A 81 -8.82 6.93 -20.53
C GLU A 81 -9.01 7.46 -21.96
N HIS A 82 -10.20 7.97 -22.25
CA HIS A 82 -10.56 8.28 -23.63
C HIS A 82 -10.87 9.76 -23.84
N HIS A 83 -10.63 10.59 -22.84
CA HIS A 83 -10.89 12.02 -22.95
C HIS A 83 -9.60 12.81 -23.09
N HIS A 84 -8.66 12.53 -22.18
CA HIS A 84 -7.41 13.28 -22.07
C HIS A 84 -7.70 14.71 -21.61
N HIS A 85 -6.65 15.49 -21.43
CA HIS A 85 -6.82 16.86 -21.00
C HIS A 85 -6.80 17.78 -22.21
N HIS A 86 -7.52 18.89 -22.12
CA HIS A 86 -7.79 19.74 -23.28
C HIS A 86 -6.53 20.42 -23.79
N HIS A 87 -5.52 20.53 -22.94
CA HIS A 87 -4.25 21.08 -23.36
C HIS A 87 -3.12 20.38 -22.64
N MET A 1 19.77 1.02 -13.30
CA MET A 1 20.10 0.06 -12.22
C MET A 1 18.87 -0.20 -11.36
N ALA A 2 19.03 -1.03 -10.34
CA ALA A 2 17.94 -1.31 -9.42
C ALA A 2 17.67 -0.11 -8.53
N ASP A 3 16.79 0.76 -8.99
CA ASP A 3 16.40 1.93 -8.23
C ASP A 3 15.29 1.57 -7.24
N TYR A 4 15.55 1.82 -5.96
CA TYR A 4 14.63 1.41 -4.92
C TYR A 4 13.61 2.51 -4.62
N ASN A 5 12.34 2.14 -4.77
CA ASN A 5 11.23 3.02 -4.42
C ASN A 5 10.08 2.15 -3.95
N ILE A 6 9.31 2.64 -2.98
CA ILE A 6 8.21 1.87 -2.43
C ILE A 6 7.07 1.78 -3.45
N PRO A 7 6.69 0.55 -3.84
CA PRO A 7 5.63 0.30 -4.82
C PRO A 7 4.36 1.07 -4.48
N HIS A 8 3.78 1.70 -5.48
CA HIS A 8 2.67 2.61 -5.27
C HIS A 8 1.34 1.86 -5.36
N PHE A 9 0.81 1.49 -4.22
CA PHE A 9 -0.48 0.82 -4.15
C PHE A 9 -1.50 1.75 -3.51
N GLN A 10 -2.77 1.48 -3.75
CA GLN A 10 -3.83 2.28 -3.18
C GLN A 10 -4.65 1.47 -2.18
N ASN A 11 -5.48 2.15 -1.41
CA ASN A 11 -6.41 1.48 -0.54
C ASN A 11 -7.76 1.42 -1.24
N ASP A 12 -8.22 0.20 -1.54
CA ASP A 12 -9.40 0.01 -2.40
C ASP A 12 -10.61 0.77 -1.87
N LEU A 13 -11.13 0.34 -0.75
CA LEU A 13 -12.09 1.13 0.00
C LEU A 13 -11.54 1.38 1.41
N GLY A 14 -10.48 0.66 1.73
CA GLY A 14 -9.96 0.66 3.09
C GLY A 14 -10.31 -0.62 3.80
N TYR A 15 -9.89 -1.75 3.21
CA TYR A 15 -10.22 -3.06 3.76
C TYR A 15 -9.54 -3.24 5.12
N LYS A 16 -10.27 -3.86 6.05
CA LYS A 16 -9.88 -3.89 7.45
C LYS A 16 -8.56 -4.61 7.67
N ILE A 17 -8.37 -5.74 6.98
CA ILE A 17 -7.11 -6.47 7.09
C ILE A 17 -6.53 -6.71 5.72
N ILE A 18 -5.42 -6.05 5.41
CA ILE A 18 -4.80 -6.25 4.10
C ILE A 18 -3.39 -6.85 4.22
N GLU A 19 -3.20 -7.99 3.56
CA GLU A 19 -1.92 -8.66 3.53
C GLU A 19 -1.11 -8.19 2.33
N ILE A 20 0.18 -7.98 2.52
CA ILE A 20 1.03 -7.39 1.48
C ILE A 20 2.34 -8.16 1.34
N GLY A 21 2.93 -8.06 0.15
CA GLY A 21 4.21 -8.70 -0.11
C GLY A 21 5.38 -7.82 0.28
N VAL A 22 5.10 -6.56 0.57
CA VAL A 22 6.13 -5.62 0.99
C VAL A 22 6.20 -5.55 2.50
N LYS A 23 7.38 -5.25 3.02
CA LYS A 23 7.57 -5.19 4.46
C LYS A 23 7.36 -3.78 5.00
N GLU A 24 8.13 -2.83 4.49
CA GLU A 24 7.99 -1.44 4.90
C GLU A 24 7.10 -0.72 3.88
N PHE A 25 6.01 -0.15 4.35
CA PHE A 25 5.00 0.38 3.43
C PHE A 25 4.62 1.82 3.80
N MET A 26 4.03 2.53 2.87
CA MET A 26 3.53 3.88 3.13
C MET A 26 2.29 4.12 2.28
N CYS A 27 1.26 4.69 2.89
CA CYS A 27 0.08 5.06 2.14
C CYS A 27 0.36 6.30 1.30
N VAL A 28 0.09 6.21 -0.01
CA VAL A 28 0.32 7.32 -0.93
C VAL A 28 -0.30 8.61 -0.42
N GLY A 29 -1.56 8.53 0.00
CA GLY A 29 -2.23 9.70 0.55
C GLY A 29 -3.73 9.51 0.65
N ALA A 30 -4.45 10.60 0.47
CA ALA A 30 -5.91 10.60 0.53
C ALA A 30 -6.42 11.95 0.05
N THR A 31 -7.74 12.12 -0.01
CA THR A 31 -8.31 13.41 -0.36
C THR A 31 -8.12 14.38 0.80
N GLN A 32 -8.23 13.86 2.02
CA GLN A 32 -7.96 14.62 3.22
C GLN A 32 -7.00 13.83 4.11
N PRO A 33 -5.70 13.92 3.85
CA PRO A 33 -4.67 13.19 4.56
C PRO A 33 -4.01 14.00 5.67
N PHE A 34 -2.85 13.53 6.10
CA PHE A 34 -2.10 14.19 7.18
C PHE A 34 -0.85 14.84 6.63
N ASP A 35 -0.74 16.15 6.84
CA ASP A 35 0.38 16.95 6.32
C ASP A 35 0.26 17.09 4.80
N HIS A 36 0.55 16.01 4.08
CA HIS A 36 0.44 15.98 2.63
C HIS A 36 0.05 14.58 2.16
N PRO A 37 0.82 13.53 2.53
CA PRO A 37 0.48 12.15 2.24
C PRO A 37 -0.13 11.47 3.47
N HIS A 38 0.16 10.18 3.65
CA HIS A 38 -0.20 9.52 4.88
C HIS A 38 1.09 9.22 5.65
N ILE A 39 1.00 8.43 6.71
CA ILE A 39 2.16 8.19 7.55
C ILE A 39 2.99 7.02 7.02
N PHE A 40 4.29 7.06 7.28
CA PHE A 40 5.20 5.99 6.91
C PHE A 40 4.99 4.79 7.82
N ILE A 41 4.64 3.66 7.24
CA ILE A 41 4.37 2.46 8.03
C ILE A 41 5.58 1.55 8.04
N ASP A 42 6.48 1.80 8.98
CA ASP A 42 7.64 0.94 9.16
C ASP A 42 7.34 -0.09 10.21
N MET A 43 7.64 -1.34 9.91
CA MET A 43 7.44 -2.40 10.87
C MET A 43 8.64 -3.34 10.86
N GLY A 44 9.81 -2.76 11.14
CA GLY A 44 11.03 -3.54 11.27
C GLY A 44 10.99 -4.44 12.48
N SER A 45 10.20 -4.06 13.47
CA SER A 45 10.04 -4.85 14.67
C SER A 45 9.10 -6.03 14.45
N THR A 46 7.80 -5.74 14.43
CA THR A 46 6.78 -6.75 14.19
C THR A 46 6.35 -6.71 12.72
N ASP A 47 6.30 -7.86 12.07
CA ASP A 47 5.98 -7.93 10.64
C ASP A 47 4.48 -7.83 10.39
N GLU A 48 3.75 -7.44 11.41
CA GLU A 48 2.33 -7.23 11.31
C GLU A 48 1.97 -5.91 11.97
N LYS A 49 1.60 -4.92 11.15
CA LYS A 49 1.32 -3.59 11.66
C LYS A 49 0.16 -2.96 10.90
N ILE A 50 -0.54 -2.05 11.54
CA ILE A 50 -1.70 -1.43 10.95
C ILE A 50 -1.48 0.06 10.75
N CYS A 51 -2.21 0.65 9.82
CA CYS A 51 -2.21 2.10 9.65
C CYS A 51 -3.35 2.68 10.47
N PRO A 52 -3.02 3.31 11.62
CA PRO A 52 -4.00 3.76 12.62
C PRO A 52 -5.24 4.41 12.02
N TYR A 53 -5.04 5.43 11.21
CA TYR A 53 -6.14 6.14 10.60
C TYR A 53 -6.48 5.53 9.24
N CYS A 54 -6.79 4.23 9.26
CA CYS A 54 -7.19 3.49 8.06
C CYS A 54 -7.96 2.23 8.44
N SER A 55 -7.37 1.44 9.33
CA SER A 55 -7.85 0.09 9.62
C SER A 55 -7.66 -0.77 8.38
N THR A 56 -6.50 -1.38 8.29
CA THR A 56 -6.01 -2.01 7.08
C THR A 56 -4.78 -2.82 7.48
N LEU A 57 -4.99 -3.72 8.43
CA LEU A 57 -3.91 -4.45 9.10
C LEU A 57 -2.97 -5.09 8.08
N TYR A 58 -1.79 -4.51 7.94
CA TYR A 58 -0.81 -4.97 6.96
C TYR A 58 -0.06 -6.16 7.51
N ARG A 59 -0.22 -7.27 6.84
CA ARG A 59 0.34 -8.53 7.29
C ARG A 59 1.42 -9.03 6.32
N TYR A 60 2.66 -9.08 6.79
CA TYR A 60 3.76 -9.57 5.99
C TYR A 60 4.20 -10.95 6.49
N ASP A 61 3.89 -11.97 5.70
CA ASP A 61 4.24 -13.34 6.05
C ASP A 61 4.95 -14.00 4.87
N PRO A 62 6.01 -14.78 5.14
CA PRO A 62 6.84 -15.43 4.10
C PRO A 62 6.04 -16.25 3.08
N SER A 63 4.81 -16.63 3.41
CA SER A 63 3.99 -17.40 2.47
C SER A 63 3.46 -16.51 1.35
N LEU A 64 3.42 -15.21 1.62
CA LEU A 64 2.97 -14.24 0.62
C LEU A 64 4.12 -13.93 -0.33
N SER A 65 3.83 -13.96 -1.62
CA SER A 65 4.84 -13.64 -2.61
C SER A 65 4.89 -12.12 -2.80
N TYR A 66 6.01 -11.62 -3.31
CA TYR A 66 6.18 -10.18 -3.49
C TYR A 66 5.27 -9.66 -4.60
N ASN A 67 4.99 -10.53 -5.56
CA ASN A 67 4.06 -10.20 -6.63
C ASN A 67 2.62 -10.48 -6.21
N GLN A 68 2.44 -10.83 -4.94
CA GLN A 68 1.13 -11.16 -4.41
C GLN A 68 0.75 -10.19 -3.29
N THR A 69 -0.53 -10.17 -2.97
CA THR A 69 -1.04 -9.30 -1.92
C THR A 69 -2.41 -9.79 -1.44
N ASN A 70 -3.31 -8.87 -1.12
CA ASN A 70 -4.60 -9.21 -0.58
C ASN A 70 -5.66 -9.15 -1.66
N PRO A 71 -6.60 -10.11 -1.64
CA PRO A 71 -7.67 -10.21 -2.64
C PRO A 71 -8.45 -8.90 -2.81
N THR A 72 -8.56 -8.46 -4.06
CA THR A 72 -9.27 -7.23 -4.42
C THR A 72 -8.80 -6.03 -3.59
N GLY A 73 -7.68 -5.44 -4.00
CA GLY A 73 -7.14 -4.30 -3.29
C GLY A 73 -5.84 -3.82 -3.91
N CYS A 74 -5.17 -2.89 -3.21
CA CYS A 74 -3.92 -2.27 -3.64
C CYS A 74 -4.01 -1.73 -5.07
N LEU A 75 -2.84 -1.53 -5.70
CA LEU A 75 -2.74 -1.15 -7.10
C LEU A 75 -3.27 0.27 -7.35
N TYR A 76 -2.39 1.25 -7.24
CA TYR A 76 -2.78 2.63 -7.49
C TYR A 76 -2.80 2.91 -8.99
N ASN A 77 -3.91 3.45 -9.47
CA ASN A 77 -4.04 3.79 -10.88
C ASN A 77 -3.71 5.27 -11.09
N PRO A 78 -2.58 5.55 -11.77
CA PRO A 78 -2.17 6.91 -12.09
C PRO A 78 -3.04 7.52 -13.18
N LYS A 79 -3.65 8.65 -12.89
CA LYS A 79 -4.58 9.28 -13.82
C LYS A 79 -3.82 10.19 -14.78
N LEU A 80 -4.53 10.86 -15.66
CA LEU A 80 -3.94 11.89 -16.52
C LEU A 80 -3.76 13.17 -15.72
N GLU A 81 -2.98 13.08 -14.64
CA GLU A 81 -2.76 14.22 -13.76
C GLU A 81 -1.98 15.31 -14.48
N HIS A 82 -2.37 16.55 -14.25
CA HIS A 82 -1.78 17.69 -14.91
C HIS A 82 -1.67 18.87 -13.96
N HIS A 83 -0.49 19.04 -13.39
CA HIS A 83 -0.22 20.16 -12.49
C HIS A 83 -0.04 21.42 -13.33
N HIS A 84 0.87 21.32 -14.30
CA HIS A 84 1.05 22.36 -15.30
C HIS A 84 1.29 21.70 -16.64
N HIS A 85 2.44 21.07 -16.79
CA HIS A 85 2.70 20.21 -17.93
C HIS A 85 2.21 18.81 -17.58
N HIS A 86 2.93 18.15 -16.71
CA HIS A 86 2.45 16.94 -16.06
C HIS A 86 2.52 17.18 -14.56
N HIS A 87 3.73 17.46 -14.09
CA HIS A 87 3.97 17.91 -12.73
C HIS A 87 4.87 19.13 -12.77
N MET A 1 18.22 -6.12 -9.73
CA MET A 1 16.95 -5.57 -9.23
C MET A 1 16.97 -4.05 -9.28
N ALA A 2 16.41 -3.49 -10.34
CA ALA A 2 16.42 -2.05 -10.53
C ALA A 2 15.01 -1.48 -10.49
N ASP A 3 14.47 -1.36 -9.28
CA ASP A 3 13.17 -0.74 -9.06
C ASP A 3 13.01 -0.46 -7.58
N TYR A 4 12.98 0.82 -7.22
CA TYR A 4 12.96 1.20 -5.82
C TYR A 4 11.61 1.78 -5.42
N ASN A 5 10.63 1.60 -6.29
CA ASN A 5 9.28 2.08 -6.02
C ASN A 5 8.42 0.94 -5.49
N ILE A 6 7.91 1.13 -4.29
CA ILE A 6 7.14 0.10 -3.62
C ILE A 6 5.78 -0.09 -4.28
N PRO A 7 5.30 -1.33 -4.36
CA PRO A 7 4.01 -1.67 -5.00
C PRO A 7 2.87 -0.84 -4.44
N HIS A 8 2.15 -0.16 -5.31
CA HIS A 8 1.04 0.70 -4.91
C HIS A 8 -0.27 -0.08 -4.99
N PHE A 9 -1.11 0.07 -3.98
CA PHE A 9 -2.36 -0.66 -3.92
C PHE A 9 -3.54 0.31 -3.85
N GLN A 10 -4.67 -0.10 -4.43
CA GLN A 10 -5.87 0.72 -4.43
C GLN A 10 -6.96 0.05 -3.59
N ASN A 11 -8.06 0.76 -3.39
CA ASN A 11 -9.19 0.23 -2.66
C ASN A 11 -10.47 0.44 -3.45
N ASP A 12 -11.23 -0.63 -3.62
CA ASP A 12 -12.51 -0.55 -4.30
C ASP A 12 -13.57 -0.04 -3.35
N LEU A 13 -13.61 -0.66 -2.17
CA LEU A 13 -14.53 -0.28 -1.13
C LEU A 13 -13.77 0.14 0.13
N GLY A 14 -12.58 -0.44 0.31
CA GLY A 14 -11.81 -0.22 1.51
C GLY A 14 -11.66 -1.50 2.30
N TYR A 15 -10.48 -2.09 2.25
CA TYR A 15 -10.23 -3.35 2.95
C TYR A 15 -9.83 -3.07 4.40
N LYS A 16 -10.10 -4.03 5.28
CA LYS A 16 -9.87 -3.83 6.70
C LYS A 16 -8.47 -4.31 7.10
N ILE A 17 -8.04 -5.41 6.50
CA ILE A 17 -6.69 -5.91 6.73
C ILE A 17 -6.03 -6.17 5.40
N ILE A 18 -5.04 -5.37 5.05
CA ILE A 18 -4.34 -5.59 3.78
C ILE A 18 -2.98 -6.24 3.98
N GLU A 19 -2.83 -7.42 3.41
CA GLU A 19 -1.59 -8.19 3.54
C GLU A 19 -0.66 -7.90 2.38
N ILE A 20 0.63 -7.78 2.66
CA ILE A 20 1.62 -7.44 1.65
C ILE A 20 2.88 -8.28 1.83
N GLY A 21 3.62 -8.48 0.75
CA GLY A 21 4.85 -9.24 0.81
C GLY A 21 6.07 -8.37 1.10
N VAL A 22 5.85 -7.07 1.12
CA VAL A 22 6.93 -6.12 1.42
C VAL A 22 6.74 -5.58 2.85
N LYS A 23 7.83 -5.37 3.57
CA LYS A 23 7.73 -5.01 4.98
C LYS A 23 7.85 -3.49 5.18
N GLU A 24 8.03 -2.77 4.09
CA GLU A 24 8.06 -1.31 4.14
C GLU A 24 7.10 -0.73 3.12
N PHE A 25 6.03 -0.12 3.60
CA PHE A 25 5.02 0.48 2.73
C PHE A 25 4.29 1.61 3.46
N MET A 26 4.08 2.72 2.79
CA MET A 26 3.39 3.85 3.39
C MET A 26 1.94 3.90 2.92
N CYS A 27 1.04 4.17 3.85
CA CYS A 27 -0.38 4.23 3.55
C CYS A 27 -0.70 5.38 2.60
N VAL A 28 -1.26 5.05 1.45
CA VAL A 28 -1.66 6.05 0.48
C VAL A 28 -3.12 6.43 0.71
N GLY A 29 -4.02 5.62 0.17
CA GLY A 29 -5.44 5.88 0.31
C GLY A 29 -6.24 4.62 0.52
N ALA A 30 -7.02 4.60 1.59
CA ALA A 30 -7.87 3.46 1.91
C ALA A 30 -9.21 3.95 2.42
N THR A 31 -9.20 4.55 3.60
CA THR A 31 -10.38 5.18 4.15
C THR A 31 -10.24 6.70 4.05
N GLN A 32 -10.59 7.24 2.88
CA GLN A 32 -10.58 8.68 2.62
C GLN A 32 -9.17 9.26 2.62
N PRO A 33 -8.98 10.43 1.98
CA PRO A 33 -7.72 11.17 2.01
C PRO A 33 -7.54 11.91 3.34
N PHE A 34 -6.31 11.99 3.81
CA PHE A 34 -6.02 12.64 5.10
C PHE A 34 -5.47 14.05 4.83
N ASP A 35 -5.93 14.64 3.71
CA ASP A 35 -5.47 15.96 3.25
C ASP A 35 -4.04 15.89 2.73
N HIS A 36 -3.15 15.43 3.58
CA HIS A 36 -1.77 15.17 3.23
C HIS A 36 -1.53 13.67 3.28
N PRO A 37 -0.35 13.19 2.83
CA PRO A 37 0.01 11.77 2.92
C PRO A 37 -0.31 11.17 4.28
N HIS A 38 -0.66 9.89 4.30
CA HIS A 38 -1.07 9.21 5.51
C HIS A 38 0.15 8.83 6.36
N ILE A 39 0.03 7.70 7.04
CA ILE A 39 1.06 7.25 7.96
C ILE A 39 1.90 6.14 7.31
N PHE A 40 3.17 6.11 7.64
CA PHE A 40 4.09 5.15 7.07
C PHE A 40 4.14 3.86 7.89
N ILE A 41 4.31 2.74 7.22
CA ILE A 41 4.40 1.45 7.88
C ILE A 41 5.79 0.85 7.70
N ASP A 42 6.53 0.77 8.80
CA ASP A 42 7.81 0.11 8.82
C ASP A 42 7.75 -1.10 9.74
N MET A 43 7.91 -2.28 9.17
CA MET A 43 7.85 -3.51 9.95
C MET A 43 9.22 -3.82 10.56
N GLY A 44 9.64 -2.96 11.48
CA GLY A 44 10.90 -3.15 12.14
C GLY A 44 10.77 -4.03 13.36
N SER A 45 9.83 -3.70 14.23
CA SER A 45 9.59 -4.46 15.44
C SER A 45 8.77 -5.72 15.16
N THR A 46 7.59 -5.52 14.60
CA THR A 46 6.70 -6.62 14.29
C THR A 46 6.64 -6.89 12.79
N ASP A 47 5.94 -7.93 12.39
CA ASP A 47 5.71 -8.23 10.97
C ASP A 47 4.32 -7.75 10.58
N GLU A 48 3.66 -7.10 11.52
CA GLU A 48 2.32 -6.58 11.30
C GLU A 48 2.21 -5.16 11.82
N LYS A 49 1.68 -4.28 11.00
CA LYS A 49 1.49 -2.88 11.35
C LYS A 49 0.14 -2.40 10.85
N ILE A 50 -0.38 -1.36 11.46
CA ILE A 50 -1.66 -0.82 11.04
C ILE A 50 -1.57 0.69 10.90
N CYS A 51 -2.37 1.24 10.01
CA CYS A 51 -2.48 2.68 9.87
C CYS A 51 -3.64 3.17 10.72
N PRO A 52 -3.35 3.94 11.79
CA PRO A 52 -4.38 4.50 12.66
C PRO A 52 -5.45 5.21 11.86
N TYR A 53 -5.02 6.00 10.90
CA TYR A 53 -5.93 6.68 9.99
C TYR A 53 -6.18 5.81 8.76
N CYS A 54 -7.03 4.78 8.95
CA CYS A 54 -7.54 3.90 7.89
C CYS A 54 -8.07 2.59 8.44
N SER A 55 -7.33 1.98 9.37
CA SER A 55 -7.55 0.57 9.76
C SER A 55 -7.58 -0.31 8.51
N THR A 56 -6.41 -0.81 8.14
CA THR A 56 -6.17 -1.48 6.89
C THR A 56 -4.93 -2.32 7.11
N LEU A 57 -4.94 -3.01 8.25
CA LEU A 57 -3.76 -3.62 8.87
C LEU A 57 -2.86 -4.30 7.83
N TYR A 58 -1.68 -3.73 7.65
CA TYR A 58 -0.71 -4.25 6.73
C TYR A 58 0.09 -5.36 7.40
N ARG A 59 -0.20 -6.58 7.02
CA ARG A 59 0.40 -7.74 7.65
C ARG A 59 1.28 -8.51 6.67
N TYR A 60 2.50 -8.79 7.09
CA TYR A 60 3.41 -9.62 6.32
C TYR A 60 3.30 -11.07 6.76
N ASP A 61 3.16 -11.96 5.80
CA ASP A 61 3.06 -13.38 6.09
C ASP A 61 4.13 -14.13 5.33
N PRO A 62 4.80 -15.11 5.96
CA PRO A 62 5.91 -15.86 5.35
C PRO A 62 5.51 -16.65 4.10
N SER A 63 4.22 -16.72 3.81
CA SER A 63 3.74 -17.39 2.61
C SER A 63 3.70 -16.39 1.46
N LEU A 64 3.73 -15.10 1.79
CA LEU A 64 3.65 -14.05 0.80
C LEU A 64 5.04 -13.62 0.35
N SER A 65 5.29 -13.71 -0.95
CA SER A 65 6.54 -13.24 -1.52
C SER A 65 6.44 -11.72 -1.76
N TYR A 66 7.55 -11.10 -2.11
CA TYR A 66 7.58 -9.64 -2.27
C TYR A 66 6.69 -9.20 -3.43
N ASN A 67 6.46 -10.10 -4.36
CA ASN A 67 5.63 -9.81 -5.52
C ASN A 67 4.15 -10.08 -5.23
N GLN A 68 3.86 -10.56 -4.03
CA GLN A 68 2.51 -10.96 -3.69
C GLN A 68 1.85 -9.96 -2.74
N THR A 69 0.55 -10.12 -2.55
CA THR A 69 -0.23 -9.22 -1.72
C THR A 69 -1.55 -9.89 -1.31
N ASN A 70 -2.59 -9.09 -1.11
CA ASN A 70 -3.89 -9.59 -0.66
C ASN A 70 -4.85 -9.70 -1.85
N PRO A 71 -6.07 -10.25 -1.64
CA PRO A 71 -7.09 -10.49 -2.69
C PRO A 71 -7.17 -9.39 -3.76
N THR A 72 -7.57 -9.82 -4.95
CA THR A 72 -7.70 -8.93 -6.10
C THR A 72 -8.70 -7.81 -5.85
N GLY A 73 -8.36 -6.62 -6.34
CA GLY A 73 -9.17 -5.44 -6.09
C GLY A 73 -8.29 -4.26 -5.77
N CYS A 74 -7.03 -4.57 -5.49
CA CYS A 74 -6.02 -3.57 -5.21
C CYS A 74 -5.15 -3.32 -6.45
N LEU A 75 -3.88 -2.99 -6.23
CA LEU A 75 -2.95 -2.59 -7.30
C LEU A 75 -3.35 -1.24 -7.88
N TYR A 76 -2.72 -0.18 -7.39
CA TYR A 76 -3.09 1.17 -7.78
C TYR A 76 -2.39 1.57 -9.06
N ASN A 77 -3.02 1.27 -10.18
CA ASN A 77 -2.56 1.77 -11.46
C ASN A 77 -3.06 3.19 -11.65
N PRO A 78 -2.29 4.05 -12.36
CA PRO A 78 -2.57 5.48 -12.53
C PRO A 78 -4.04 5.82 -12.48
N LYS A 79 -4.81 5.27 -13.40
CA LYS A 79 -6.26 5.42 -13.37
C LYS A 79 -6.95 4.12 -13.76
N LEU A 80 -6.67 3.08 -12.98
CA LEU A 80 -7.34 1.80 -13.17
C LEU A 80 -8.67 1.82 -12.45
N GLU A 81 -9.72 2.13 -13.19
CA GLU A 81 -11.05 2.22 -12.63
C GLU A 81 -11.63 0.82 -12.42
N HIS A 82 -12.74 0.75 -11.72
CA HIS A 82 -13.39 -0.51 -11.42
C HIS A 82 -14.35 -0.89 -12.53
N HIS A 83 -14.40 -2.17 -12.88
CA HIS A 83 -15.27 -2.65 -13.94
C HIS A 83 -16.73 -2.27 -13.67
N HIS A 84 -17.36 -1.67 -14.66
CA HIS A 84 -18.73 -1.22 -14.52
C HIS A 84 -19.68 -2.04 -15.38
N HIS A 85 -19.65 -1.79 -16.69
CA HIS A 85 -20.58 -2.44 -17.60
C HIS A 85 -19.97 -3.70 -18.19
N HIS A 86 -20.81 -4.62 -18.62
CA HIS A 86 -20.36 -5.92 -19.12
C HIS A 86 -20.75 -6.10 -20.59
N HIS A 87 -19.84 -6.65 -21.37
CA HIS A 87 -20.13 -7.01 -22.75
C HIS A 87 -18.96 -7.80 -23.33
N MET A 1 8.11 9.60 -18.61
CA MET A 1 7.15 10.40 -17.82
C MET A 1 6.58 9.57 -16.67
N ALA A 2 6.90 8.27 -16.66
CA ALA A 2 6.40 7.38 -15.62
C ALA A 2 7.52 6.91 -14.72
N ASP A 3 7.29 6.95 -13.42
CA ASP A 3 8.26 6.48 -12.45
C ASP A 3 7.74 5.23 -11.75
N TYR A 4 8.52 4.16 -11.80
CA TYR A 4 8.13 2.91 -11.17
C TYR A 4 8.86 2.74 -9.84
N ASN A 5 8.13 2.99 -8.77
CA ASN A 5 8.65 2.83 -7.42
C ASN A 5 7.84 1.76 -6.68
N ILE A 6 7.71 1.89 -5.36
CA ILE A 6 7.01 0.90 -4.57
C ILE A 6 5.51 0.94 -4.83
N PRO A 7 4.84 -0.22 -4.78
CA PRO A 7 3.43 -0.35 -5.09
C PRO A 7 2.52 0.40 -4.12
N HIS A 8 1.63 1.21 -4.66
CA HIS A 8 0.59 1.84 -3.87
C HIS A 8 -0.65 0.96 -3.92
N PHE A 9 -1.57 1.12 -2.98
CA PHE A 9 -2.71 0.21 -2.87
C PHE A 9 -4.04 0.95 -2.93
N GLN A 10 -5.03 0.30 -3.52
CA GLN A 10 -6.37 0.86 -3.68
C GLN A 10 -7.41 -0.05 -3.04
N ASN A 11 -8.47 0.55 -2.52
CA ASN A 11 -9.59 -0.22 -2.00
C ASN A 11 -10.90 0.35 -2.52
N ASP A 12 -11.69 -0.52 -3.16
CA ASP A 12 -12.99 -0.11 -3.71
C ASP A 12 -14.05 -0.18 -2.62
N LEU A 13 -14.35 -1.41 -2.20
CA LEU A 13 -15.36 -1.67 -1.18
C LEU A 13 -14.74 -1.60 0.21
N GLY A 14 -13.42 -1.45 0.26
CA GLY A 14 -12.74 -1.35 1.53
C GLY A 14 -12.22 -2.68 2.01
N TYR A 15 -11.09 -2.65 2.71
CA TYR A 15 -10.50 -3.85 3.28
C TYR A 15 -9.94 -3.54 4.65
N LYS A 16 -10.43 -4.24 5.66
CA LYS A 16 -10.06 -3.97 7.04
C LYS A 16 -8.70 -4.61 7.39
N ILE A 17 -8.35 -5.67 6.67
CA ILE A 17 -7.07 -6.33 6.89
C ILE A 17 -6.41 -6.62 5.55
N ILE A 18 -5.32 -5.93 5.25
CA ILE A 18 -4.61 -6.17 3.99
C ILE A 18 -3.20 -6.71 4.23
N GLU A 19 -2.87 -7.80 3.55
CA GLU A 19 -1.53 -8.38 3.62
C GLU A 19 -0.65 -7.80 2.53
N ILE A 20 0.65 -7.75 2.78
CA ILE A 20 1.59 -7.19 1.81
C ILE A 20 2.92 -7.94 1.86
N GLY A 21 3.63 -7.92 0.73
CA GLY A 21 4.92 -8.57 0.67
C GLY A 21 6.07 -7.59 0.71
N VAL A 22 5.89 -6.52 1.50
CA VAL A 22 6.91 -5.50 1.64
C VAL A 22 7.10 -5.14 3.12
N LYS A 23 8.33 -4.78 3.49
CA LYS A 23 8.61 -4.40 4.87
C LYS A 23 8.55 -2.89 5.04
N GLU A 24 8.70 -2.19 3.93
CA GLU A 24 8.73 -0.73 3.95
C GLU A 24 7.68 -0.18 2.98
N PHE A 25 6.76 0.60 3.50
CA PHE A 25 5.69 1.16 2.68
C PHE A 25 5.10 2.40 3.34
N MET A 26 4.21 3.07 2.64
CA MET A 26 3.55 4.25 3.17
C MET A 26 2.10 4.24 2.74
N CYS A 27 1.22 4.72 3.61
CA CYS A 27 -0.20 4.78 3.30
C CYS A 27 -0.42 5.70 2.10
N VAL A 28 -1.47 5.42 1.33
CA VAL A 28 -1.72 6.10 0.06
C VAL A 28 -1.60 7.62 0.18
N GLY A 29 -0.77 8.18 -0.69
CA GLY A 29 -0.55 9.60 -0.73
C GLY A 29 0.82 9.92 -1.29
N ALA A 30 1.16 11.19 -1.36
CA ALA A 30 2.48 11.60 -1.81
C ALA A 30 3.33 11.95 -0.61
N THR A 31 4.64 12.08 -0.81
CA THR A 31 5.53 12.43 0.28
C THR A 31 5.38 13.92 0.63
N GLN A 32 4.32 14.23 1.35
CA GLN A 32 4.00 15.60 1.73
C GLN A 32 3.43 15.59 3.15
N PRO A 33 3.37 16.76 3.81
CA PRO A 33 2.86 16.88 5.18
C PRO A 33 1.53 16.15 5.40
N PHE A 34 1.43 15.47 6.54
CA PHE A 34 0.26 14.68 6.88
C PHE A 34 -1.01 15.55 6.89
N ASP A 35 -1.93 15.21 6.01
CA ASP A 35 -3.20 15.93 5.89
C ASP A 35 -4.13 15.14 4.97
N HIS A 36 -3.81 15.17 3.69
CA HIS A 36 -4.47 14.30 2.72
C HIS A 36 -3.68 13.01 2.56
N PRO A 37 -2.34 13.09 2.37
CA PRO A 37 -1.48 11.90 2.44
C PRO A 37 -1.37 11.40 3.87
N HIS A 38 -1.14 10.12 4.05
CA HIS A 38 -1.05 9.54 5.38
C HIS A 38 0.40 9.31 5.79
N ILE A 39 0.60 8.40 6.73
CA ILE A 39 1.88 8.22 7.37
C ILE A 39 2.64 7.01 6.81
N PHE A 40 3.95 6.99 7.03
CA PHE A 40 4.81 5.89 6.59
C PHE A 40 4.78 4.77 7.63
N ILE A 41 4.77 3.52 7.17
CA ILE A 41 4.73 2.38 8.07
C ILE A 41 5.84 1.39 7.76
N ASP A 42 6.60 1.04 8.77
CA ASP A 42 7.59 -0.02 8.64
C ASP A 42 7.01 -1.29 9.24
N MET A 43 7.46 -2.43 8.77
CA MET A 43 7.07 -3.69 9.37
C MET A 43 8.27 -4.33 10.04
N GLY A 44 9.27 -3.50 10.35
CA GLY A 44 10.49 -4.00 10.93
C GLY A 44 10.50 -3.91 12.43
N SER A 45 9.53 -4.57 13.06
CA SER A 45 9.43 -4.61 14.50
C SER A 45 8.49 -5.74 14.92
N THR A 46 7.19 -5.47 14.90
CA THR A 46 6.19 -6.50 15.13
C THR A 46 5.85 -7.21 13.82
N ASP A 47 5.08 -8.29 13.90
CA ASP A 47 4.79 -9.09 12.73
C ASP A 47 3.66 -8.47 11.93
N GLU A 48 2.75 -7.80 12.62
CA GLU A 48 1.64 -7.12 11.97
C GLU A 48 1.59 -5.65 12.36
N LYS A 49 1.37 -4.79 11.37
CA LYS A 49 1.25 -3.36 11.60
C LYS A 49 -0.06 -2.84 11.03
N ILE A 50 -0.71 -1.94 11.75
CA ILE A 50 -1.93 -1.33 11.26
C ILE A 50 -1.63 0.07 10.74
N CYS A 51 -2.53 0.64 9.96
CA CYS A 51 -2.36 1.99 9.47
C CYS A 51 -3.05 2.97 10.37
N PRO A 52 -2.30 3.89 10.98
CA PRO A 52 -2.87 5.02 11.68
C PRO A 52 -3.79 5.78 10.74
N TYR A 53 -5.08 5.71 11.03
CA TYR A 53 -6.10 6.30 10.17
C TYR A 53 -6.22 5.51 8.86
N CYS A 54 -7.13 4.52 8.89
CA CYS A 54 -7.52 3.71 7.73
C CYS A 54 -8.16 2.40 8.19
N SER A 55 -7.47 1.68 9.08
CA SER A 55 -7.83 0.32 9.45
C SER A 55 -7.71 -0.59 8.23
N THR A 56 -6.55 -1.23 8.11
CA THR A 56 -6.16 -1.94 6.91
C THR A 56 -5.08 -2.94 7.31
N LEU A 57 -5.24 -3.43 8.55
CA LEU A 57 -4.25 -4.25 9.27
C LEU A 57 -3.33 -5.02 8.32
N TYR A 58 -2.09 -4.57 8.24
CA TYR A 58 -1.14 -5.12 7.30
C TYR A 58 -0.44 -6.32 7.87
N ARG A 59 -0.41 -7.39 7.09
CA ARG A 59 0.25 -8.61 7.50
C ARG A 59 1.40 -8.94 6.55
N TYR A 60 2.50 -9.39 7.10
CA TYR A 60 3.67 -9.74 6.32
C TYR A 60 3.97 -11.22 6.46
N ASP A 61 4.32 -11.87 5.36
CA ASP A 61 4.63 -13.28 5.37
C ASP A 61 5.81 -13.54 4.42
N PRO A 62 6.75 -14.42 4.81
CA PRO A 62 7.92 -14.75 3.98
C PRO A 62 7.56 -15.29 2.60
N SER A 63 6.38 -15.91 2.49
CA SER A 63 5.95 -16.47 1.21
C SER A 63 5.37 -15.38 0.30
N LEU A 64 5.16 -14.19 0.86
CA LEU A 64 4.68 -13.07 0.07
C LEU A 64 5.85 -12.33 -0.54
N SER A 65 6.05 -12.53 -1.83
CA SER A 65 7.13 -11.87 -2.56
C SER A 65 6.74 -10.41 -2.85
N TYR A 66 7.70 -9.64 -3.34
CA TYR A 66 7.48 -8.24 -3.66
C TYR A 66 6.33 -8.07 -4.66
N ASN A 67 6.17 -9.04 -5.55
CA ASN A 67 5.13 -8.99 -6.58
C ASN A 67 3.84 -9.65 -6.07
N GLN A 68 3.79 -9.98 -4.79
CA GLN A 68 2.60 -10.58 -4.18
C GLN A 68 2.20 -9.82 -2.93
N THR A 69 1.02 -9.22 -2.94
CA THR A 69 0.57 -8.45 -1.80
C THR A 69 -0.50 -9.18 -1.02
N ASN A 70 -1.66 -9.33 -1.61
CA ASN A 70 -2.81 -9.87 -0.91
C ASN A 70 -3.74 -10.56 -1.89
N PRO A 71 -4.52 -11.53 -1.39
CA PRO A 71 -5.47 -12.26 -2.19
C PRO A 71 -6.85 -11.61 -2.20
N THR A 72 -7.19 -10.99 -3.33
CA THR A 72 -8.46 -10.30 -3.56
C THR A 72 -8.35 -9.45 -4.82
N GLY A 73 -7.52 -8.42 -4.74
CA GLY A 73 -7.34 -7.51 -5.86
C GLY A 73 -7.35 -6.07 -5.41
N CYS A 74 -6.17 -5.47 -5.35
CA CYS A 74 -6.05 -4.08 -4.93
C CYS A 74 -5.09 -3.33 -5.86
N LEU A 75 -3.82 -3.23 -5.45
CA LEU A 75 -2.78 -2.51 -6.22
C LEU A 75 -3.15 -1.05 -6.34
N TYR A 76 -2.49 -0.32 -7.20
CA TYR A 76 -2.97 0.99 -7.58
C TYR A 76 -3.52 0.89 -8.99
N ASN A 77 -4.76 0.43 -9.09
CA ASN A 77 -5.36 0.09 -10.36
C ASN A 77 -6.24 1.24 -10.84
N PRO A 78 -6.22 1.53 -12.15
CA PRO A 78 -6.98 2.62 -12.74
C PRO A 78 -8.50 2.45 -12.62
N LYS A 79 -9.04 2.92 -11.50
CA LYS A 79 -10.48 3.00 -11.32
C LYS A 79 -10.96 4.41 -11.60
N LEU A 80 -10.00 5.27 -11.88
CA LEU A 80 -10.27 6.66 -12.20
C LEU A 80 -9.52 7.03 -13.47
N GLU A 81 -10.24 7.30 -14.54
CA GLU A 81 -9.61 7.70 -15.80
C GLU A 81 -8.99 9.08 -15.66
N HIS A 82 -7.67 9.11 -15.47
CA HIS A 82 -6.95 10.37 -15.42
C HIS A 82 -6.98 11.02 -16.80
N HIS A 83 -7.64 12.17 -16.88
CA HIS A 83 -7.86 12.84 -18.15
C HIS A 83 -6.57 13.45 -18.68
N HIS A 84 -6.62 13.93 -19.90
CA HIS A 84 -5.46 14.51 -20.53
C HIS A 84 -5.23 15.91 -20.00
N HIS A 85 -4.37 16.03 -18.98
CA HIS A 85 -4.02 17.32 -18.41
C HIS A 85 -2.99 17.99 -19.31
N HIS A 86 -3.42 18.27 -20.54
CA HIS A 86 -2.54 18.76 -21.60
C HIS A 86 -1.45 17.73 -21.89
N HIS A 87 -1.88 16.58 -22.40
CA HIS A 87 -0.99 15.49 -22.75
C HIS A 87 -1.60 14.68 -23.87
N MET A 1 12.42 13.91 -10.60
CA MET A 1 13.66 14.60 -10.18
C MET A 1 14.64 13.58 -9.59
N ALA A 2 14.77 12.44 -10.28
CA ALA A 2 15.54 11.30 -9.79
C ALA A 2 14.96 10.82 -8.48
N ASP A 3 13.74 10.31 -8.53
CA ASP A 3 13.00 9.96 -7.32
C ASP A 3 12.49 8.53 -7.38
N TYR A 4 12.56 7.84 -6.25
CA TYR A 4 11.92 6.55 -6.10
C TYR A 4 11.27 6.50 -4.72
N ASN A 5 10.18 5.78 -4.60
CA ASN A 5 9.43 5.75 -3.34
C ASN A 5 9.01 4.33 -3.00
N ILE A 6 8.29 4.21 -1.90
CA ILE A 6 7.84 2.90 -1.42
C ILE A 6 6.75 2.36 -2.32
N PRO A 7 6.87 1.07 -2.72
CA PRO A 7 5.90 0.40 -3.59
C PRO A 7 4.45 0.65 -3.16
N HIS A 8 3.66 1.16 -4.09
CA HIS A 8 2.26 1.47 -3.82
C HIS A 8 1.35 0.59 -4.64
N PHE A 9 0.41 -0.06 -3.97
CA PHE A 9 -0.57 -0.91 -4.61
C PHE A 9 -1.91 -0.18 -4.72
N GLN A 10 -2.93 -0.86 -5.20
CA GLN A 10 -4.25 -0.24 -5.33
C GLN A 10 -5.33 -1.10 -4.69
N ASN A 11 -5.94 -0.60 -3.64
CA ASN A 11 -7.05 -1.31 -3.01
C ASN A 11 -8.30 -0.45 -3.02
N ASP A 12 -9.11 -0.62 -4.05
CA ASP A 12 -10.38 0.09 -4.16
C ASP A 12 -11.49 -0.70 -3.49
N LEU A 13 -11.11 -1.82 -2.91
CA LEU A 13 -12.05 -2.80 -2.39
C LEU A 13 -12.37 -2.54 -0.91
N GLY A 14 -12.15 -1.32 -0.47
CA GLY A 14 -12.39 -0.99 0.94
C GLY A 14 -11.22 -1.40 1.82
N TYR A 15 -10.89 -0.58 2.79
CA TYR A 15 -9.74 -0.84 3.65
C TYR A 15 -10.19 -1.38 5.00
N LYS A 16 -9.55 -2.46 5.44
CA LYS A 16 -9.81 -3.00 6.76
C LYS A 16 -8.65 -3.89 7.21
N ILE A 17 -8.30 -4.84 6.36
CA ILE A 17 -7.17 -5.70 6.61
C ILE A 17 -6.46 -5.94 5.29
N ILE A 18 -5.28 -5.39 5.13
CA ILE A 18 -4.56 -5.56 3.86
C ILE A 18 -3.18 -6.18 4.05
N GLU A 19 -2.92 -7.25 3.30
CA GLU A 19 -1.67 -7.98 3.39
C GLU A 19 -0.64 -7.41 2.40
N ILE A 20 0.64 -7.59 2.71
CA ILE A 20 1.73 -7.16 1.85
C ILE A 20 2.91 -8.12 1.97
N GLY A 21 3.82 -8.07 1.01
CA GLY A 21 4.98 -8.94 1.04
C GLY A 21 6.26 -8.19 1.40
N VAL A 22 6.10 -6.99 1.95
CA VAL A 22 7.24 -6.16 2.32
C VAL A 22 7.11 -5.66 3.76
N LYS A 23 8.19 -5.11 4.29
CA LYS A 23 8.18 -4.59 5.66
C LYS A 23 8.17 -3.06 5.65
N GLU A 24 8.10 -2.50 4.46
CA GLU A 24 8.06 -1.05 4.30
C GLU A 24 6.87 -0.66 3.45
N PHE A 25 6.06 0.27 3.93
CA PHE A 25 4.84 0.64 3.25
C PHE A 25 4.38 2.03 3.63
N MET A 26 3.45 2.55 2.85
CA MET A 26 2.80 3.81 3.17
C MET A 26 1.34 3.73 2.74
N CYS A 27 0.47 4.38 3.50
CA CYS A 27 -0.97 4.27 3.29
C CYS A 27 -1.39 4.52 1.84
N VAL A 28 -1.98 3.51 1.24
CA VAL A 28 -2.67 3.67 -0.02
C VAL A 28 -4.09 4.14 0.26
N GLY A 29 -4.22 5.44 0.49
CA GLY A 29 -5.49 6.02 0.85
C GLY A 29 -5.34 7.44 1.34
N ALA A 30 -6.06 8.34 0.70
CA ALA A 30 -5.94 9.76 1.00
C ALA A 30 -7.01 10.22 1.98
N THR A 31 -7.54 9.27 2.74
CA THR A 31 -8.55 9.57 3.74
C THR A 31 -7.94 10.34 4.91
N GLN A 32 -7.94 11.66 4.79
CA GLN A 32 -7.36 12.55 5.79
C GLN A 32 -5.85 12.31 5.91
N PRO A 33 -5.07 12.97 5.06
CA PRO A 33 -3.62 12.79 5.00
C PRO A 33 -2.87 13.68 6.00
N PHE A 34 -1.57 13.43 6.11
CA PHE A 34 -0.70 14.23 6.98
C PHE A 34 0.50 14.69 6.17
N ASP A 35 0.33 15.82 5.47
CA ASP A 35 1.31 16.31 4.49
C ASP A 35 1.30 15.43 3.26
N HIS A 36 1.69 14.17 3.42
CA HIS A 36 1.61 13.18 2.38
C HIS A 36 0.51 12.17 2.74
N PRO A 37 0.21 11.16 1.88
CA PRO A 37 -0.78 10.13 2.20
C PRO A 37 -0.54 9.46 3.56
N HIS A 38 -1.18 10.02 4.58
CA HIS A 38 -0.98 9.61 5.97
C HIS A 38 0.49 9.66 6.35
N ILE A 39 1.07 8.49 6.60
CA ILE A 39 2.45 8.40 7.04
C ILE A 39 3.07 7.11 6.51
N PHE A 40 4.38 7.13 6.28
CA PHE A 40 5.10 5.93 5.88
C PHE A 40 5.44 5.11 7.12
N ILE A 41 5.13 3.83 7.08
CA ILE A 41 5.26 3.00 8.26
C ILE A 41 6.24 1.86 8.03
N ASP A 42 7.21 1.74 8.93
CA ASP A 42 8.16 0.64 8.91
C ASP A 42 7.67 -0.46 9.83
N MET A 43 7.90 -1.71 9.44
CA MET A 43 7.48 -2.83 10.28
C MET A 43 8.48 -3.10 11.39
N GLY A 44 8.27 -2.44 12.52
CA GLY A 44 9.02 -2.77 13.71
C GLY A 44 8.34 -3.88 14.47
N SER A 45 7.89 -4.87 13.74
CA SER A 45 7.13 -5.97 14.31
C SER A 45 7.48 -7.28 13.61
N THR A 46 6.79 -8.34 13.98
CA THR A 46 7.08 -9.65 13.43
C THR A 46 6.55 -9.82 12.01
N ASP A 47 5.25 -10.01 11.90
CA ASP A 47 4.62 -10.28 10.63
C ASP A 47 3.32 -9.51 10.45
N GLU A 48 3.00 -8.62 11.39
CA GLU A 48 1.78 -7.84 11.29
C GLU A 48 1.94 -6.47 11.93
N LYS A 49 1.38 -5.46 11.28
CA LYS A 49 1.33 -4.10 11.83
C LYS A 49 0.20 -3.32 11.16
N ILE A 50 -0.60 -2.64 11.96
CA ILE A 50 -1.75 -1.93 11.44
C ILE A 50 -1.55 -0.41 11.55
N CYS A 51 -2.18 0.32 10.65
CA CYS A 51 -2.19 1.78 10.73
C CYS A 51 -3.45 2.22 11.47
N PRO A 52 -3.31 2.76 12.69
CA PRO A 52 -4.43 3.26 13.48
C PRO A 52 -5.26 4.26 12.67
N TYR A 53 -4.56 5.17 12.01
CA TYR A 53 -5.19 6.07 11.07
C TYR A 53 -5.42 5.34 9.75
N CYS A 54 -6.38 4.41 9.75
CA CYS A 54 -6.75 3.61 8.57
C CYS A 54 -7.72 2.49 8.92
N SER A 55 -7.26 1.56 9.76
CA SER A 55 -7.88 0.24 9.87
C SER A 55 -7.59 -0.50 8.56
N THR A 56 -6.46 -1.19 8.53
CA THR A 56 -5.86 -1.71 7.34
C THR A 56 -4.68 -2.55 7.80
N LEU A 57 -4.99 -3.62 8.53
CA LEU A 57 -3.96 -4.43 9.16
C LEU A 57 -3.03 -5.00 8.11
N TYR A 58 -1.83 -4.46 8.04
CA TYR A 58 -0.85 -4.90 7.06
C TYR A 58 -0.17 -6.17 7.54
N ARG A 59 -0.52 -7.28 6.91
CA ARG A 59 0.04 -8.56 7.25
C ARG A 59 1.13 -8.96 6.26
N TYR A 60 2.31 -9.21 6.78
CA TYR A 60 3.41 -9.72 5.98
C TYR A 60 3.60 -11.19 6.26
N ASP A 61 3.13 -12.03 5.35
CA ASP A 61 3.20 -13.46 5.51
C ASP A 61 4.44 -14.01 4.81
N PRO A 62 5.16 -14.95 5.44
CA PRO A 62 6.36 -15.55 4.87
C PRO A 62 6.13 -16.20 3.50
N SER A 63 4.88 -16.58 3.22
CA SER A 63 4.55 -17.18 1.95
C SER A 63 4.50 -16.12 0.85
N LEU A 64 4.20 -14.89 1.24
CA LEU A 64 4.09 -13.78 0.30
C LEU A 64 5.49 -13.31 -0.11
N SER A 65 5.63 -12.96 -1.37
CA SER A 65 6.91 -12.47 -1.87
C SER A 65 6.93 -10.95 -1.92
N TYR A 66 8.12 -10.38 -2.01
CA TYR A 66 8.29 -8.93 -1.96
C TYR A 66 7.79 -8.24 -3.23
N ASN A 67 7.35 -9.03 -4.20
CA ASN A 67 6.83 -8.48 -5.44
C ASN A 67 5.30 -8.52 -5.46
N GLN A 68 4.72 -9.03 -4.38
CA GLN A 68 3.27 -9.11 -4.26
C GLN A 68 2.80 -8.39 -3.01
N THR A 69 1.48 -8.22 -2.90
CA THR A 69 0.91 -7.58 -1.73
C THR A 69 -0.20 -8.43 -1.14
N ASN A 70 -1.30 -8.51 -1.85
CA ASN A 70 -2.49 -9.19 -1.35
C ASN A 70 -3.19 -9.88 -2.51
N PRO A 71 -4.21 -10.70 -2.23
CA PRO A 71 -4.91 -11.51 -3.24
C PRO A 71 -5.58 -10.69 -4.35
N THR A 72 -6.14 -11.39 -5.33
CA THR A 72 -6.83 -10.77 -6.46
C THR A 72 -5.83 -10.19 -7.46
N GLY A 73 -5.11 -9.15 -7.06
CA GLY A 73 -4.15 -8.52 -7.95
C GLY A 73 -4.15 -7.02 -7.82
N CYS A 74 -4.09 -6.55 -6.58
CA CYS A 74 -4.11 -5.13 -6.29
C CYS A 74 -2.73 -4.51 -6.53
N LEU A 75 -2.45 -4.13 -7.76
CA LEU A 75 -1.17 -3.55 -8.11
C LEU A 75 -1.41 -2.28 -8.93
N TYR A 76 -0.93 -1.15 -8.42
CA TYR A 76 -1.20 0.14 -9.03
C TYR A 76 -0.11 0.52 -10.03
N ASN A 77 -0.49 0.60 -11.30
CA ASN A 77 0.41 1.05 -12.34
C ASN A 77 -0.12 2.35 -12.96
N PRO A 78 0.49 3.49 -12.59
CA PRO A 78 0.06 4.82 -13.07
C PRO A 78 0.09 4.92 -14.60
N LYS A 79 1.14 4.38 -15.20
CA LYS A 79 1.26 4.38 -16.65
C LYS A 79 2.00 3.11 -17.09
N LEU A 80 1.63 2.61 -18.26
CA LEU A 80 2.02 1.26 -18.68
C LEU A 80 3.33 1.23 -19.45
N GLU A 81 3.84 2.40 -19.85
CA GLU A 81 4.99 2.44 -20.74
C GLU A 81 6.31 2.37 -19.97
N HIS A 82 6.60 1.19 -19.42
CA HIS A 82 7.90 0.92 -18.81
C HIS A 82 8.96 1.14 -19.87
N HIS A 83 8.69 0.60 -21.04
CA HIS A 83 9.44 0.96 -22.24
C HIS A 83 8.65 2.06 -22.95
N HIS A 84 9.20 3.27 -22.92
CA HIS A 84 8.49 4.43 -23.43
C HIS A 84 8.44 4.40 -24.95
N HIS A 85 7.23 4.32 -25.50
CA HIS A 85 7.07 4.38 -26.94
C HIS A 85 7.58 5.72 -27.45
N HIS A 86 8.66 5.68 -28.23
CA HIS A 86 9.38 6.89 -28.60
C HIS A 86 9.23 7.20 -30.07
N HIS A 87 9.68 8.39 -30.45
CA HIS A 87 9.64 8.81 -31.85
C HIS A 87 11.04 8.69 -32.44
N MET A 1 5.55 13.82 -2.49
CA MET A 1 6.94 13.91 -1.95
C MET A 1 7.92 14.29 -3.06
N ALA A 2 8.28 13.30 -3.89
CA ALA A 2 9.22 13.50 -4.99
C ALA A 2 9.49 12.17 -5.67
N ASP A 3 10.20 11.28 -4.97
CA ASP A 3 10.54 9.97 -5.51
C ASP A 3 9.48 8.96 -5.12
N TYR A 4 9.07 8.13 -6.07
CA TYR A 4 8.09 7.09 -5.81
C TYR A 4 8.76 5.72 -5.71
N ASN A 5 10.02 5.73 -5.28
CA ASN A 5 10.81 4.50 -5.17
C ASN A 5 10.21 3.54 -4.16
N ILE A 6 9.73 4.08 -3.05
CA ILE A 6 9.16 3.26 -1.99
C ILE A 6 7.77 2.72 -2.38
N PRO A 7 7.45 1.50 -1.92
CA PRO A 7 6.19 0.82 -2.25
C PRO A 7 4.97 1.70 -2.02
N HIS A 8 4.11 1.75 -3.03
CA HIS A 8 2.87 2.52 -2.95
C HIS A 8 1.68 1.61 -3.20
N PHE A 9 0.59 1.87 -2.49
CA PHE A 9 -0.63 1.08 -2.66
C PHE A 9 -1.78 1.97 -3.09
N GLN A 10 -2.98 1.40 -3.16
CA GLN A 10 -4.15 2.14 -3.57
C GLN A 10 -5.33 1.77 -2.68
N ASN A 11 -5.91 2.75 -2.03
CA ASN A 11 -7.06 2.52 -1.16
C ASN A 11 -8.19 3.48 -1.49
N ASP A 12 -9.10 3.04 -2.34
CA ASP A 12 -10.30 3.81 -2.65
C ASP A 12 -11.42 3.44 -1.69
N LEU A 13 -11.79 2.17 -1.69
CA LEU A 13 -12.86 1.66 -0.85
C LEU A 13 -12.42 1.61 0.60
N GLY A 14 -11.16 1.33 0.82
CA GLY A 14 -10.64 1.21 2.17
C GLY A 14 -9.87 -0.09 2.36
N TYR A 15 -10.61 -1.14 2.73
CA TYR A 15 -10.03 -2.46 2.99
C TYR A 15 -9.17 -2.38 4.26
N LYS A 16 -9.83 -2.58 5.41
CA LYS A 16 -9.22 -2.30 6.70
C LYS A 16 -8.26 -3.39 7.17
N ILE A 17 -8.00 -4.37 6.33
CA ILE A 17 -6.97 -5.36 6.59
C ILE A 17 -6.24 -5.68 5.29
N ILE A 18 -4.99 -5.25 5.18
CA ILE A 18 -4.23 -5.50 3.95
C ILE A 18 -3.15 -6.57 4.11
N GLU A 19 -3.12 -7.52 3.19
CA GLU A 19 -2.09 -8.55 3.15
C GLU A 19 -0.98 -8.16 2.18
N ILE A 20 0.27 -8.16 2.66
CA ILE A 20 1.39 -7.75 1.83
C ILE A 20 2.64 -8.58 2.11
N GLY A 21 3.62 -8.48 1.22
CA GLY A 21 4.89 -9.13 1.41
C GLY A 21 6.03 -8.14 1.50
N VAL A 22 5.70 -6.91 1.89
CA VAL A 22 6.69 -5.85 2.03
C VAL A 22 6.69 -5.32 3.45
N LYS A 23 7.69 -4.51 3.79
CA LYS A 23 7.84 -4.02 5.15
C LYS A 23 7.75 -2.49 5.21
N GLU A 24 8.52 -1.83 4.37
CA GLU A 24 8.54 -0.36 4.37
C GLU A 24 7.69 0.17 3.22
N PHE A 25 6.75 1.04 3.55
CA PHE A 25 5.85 1.62 2.58
C PHE A 25 5.11 2.80 3.18
N MET A 26 4.14 3.33 2.45
CA MET A 26 3.33 4.42 2.97
C MET A 26 1.85 4.13 2.78
N CYS A 27 1.11 4.23 3.87
CA CYS A 27 -0.34 4.07 3.85
C CYS A 27 -0.98 5.10 2.94
N VAL A 28 -1.95 4.67 2.15
CA VAL A 28 -2.65 5.57 1.25
C VAL A 28 -4.12 5.66 1.67
N GLY A 29 -4.69 6.84 1.55
CA GLY A 29 -6.08 7.02 1.88
C GLY A 29 -6.37 8.37 2.48
N ALA A 30 -7.55 8.90 2.21
CA ALA A 30 -7.95 10.19 2.73
C ALA A 30 -8.62 10.04 4.10
N THR A 31 -8.58 11.11 4.89
CA THR A 31 -9.26 11.12 6.17
C THR A 31 -9.63 12.55 6.55
N GLN A 32 -8.67 13.27 7.12
CA GLN A 32 -8.87 14.67 7.49
C GLN A 32 -7.62 15.51 7.16
N PRO A 33 -6.44 15.17 7.73
CA PRO A 33 -5.22 15.93 7.48
C PRO A 33 -4.57 15.57 6.14
N PHE A 34 -4.25 14.30 5.98
CA PHE A 34 -3.55 13.81 4.80
C PHE A 34 -4.53 13.64 3.64
N ASP A 35 -4.12 14.13 2.46
CA ASP A 35 -4.96 14.07 1.27
C ASP A 35 -5.02 12.63 0.76
N HIS A 36 -3.88 12.08 0.38
CA HIS A 36 -3.80 10.71 -0.09
C HIS A 36 -2.60 9.99 0.54
N PRO A 37 -1.37 10.57 0.47
CA PRO A 37 -0.23 10.03 1.21
C PRO A 37 -0.48 10.14 2.71
N HIS A 38 -0.72 9.01 3.36
CA HIS A 38 -1.24 9.02 4.71
C HIS A 38 -0.14 8.88 5.76
N ILE A 39 0.24 7.64 6.05
CA ILE A 39 1.15 7.36 7.16
C ILE A 39 2.27 6.43 6.72
N PHE A 40 3.51 6.77 7.08
CA PHE A 40 4.65 5.89 6.78
C PHE A 40 4.63 4.67 7.69
N ILE A 41 4.56 3.49 7.08
CA ILE A 41 4.51 2.25 7.85
C ILE A 41 5.75 1.41 7.59
N ASP A 42 6.33 0.87 8.65
CA ASP A 42 7.54 0.07 8.55
C ASP A 42 7.42 -1.19 9.39
N MET A 43 8.14 -2.23 9.00
CA MET A 43 8.11 -3.48 9.75
C MET A 43 9.53 -3.95 10.07
N GLY A 44 9.83 -4.06 11.35
CA GLY A 44 11.12 -4.59 11.75
C GLY A 44 10.99 -5.94 12.41
N SER A 45 10.26 -5.98 13.51
CA SER A 45 10.08 -7.21 14.28
C SER A 45 8.60 -7.56 14.39
N THR A 46 7.77 -6.83 13.65
CA THR A 46 6.33 -7.02 13.71
C THR A 46 5.84 -7.91 12.57
N ASP A 47 5.02 -8.89 12.91
CA ASP A 47 4.42 -9.77 11.92
C ASP A 47 3.25 -9.04 11.26
N GLU A 48 2.62 -8.18 12.03
CA GLU A 48 1.50 -7.40 11.54
C GLU A 48 1.65 -5.93 11.95
N LYS A 49 1.54 -5.03 10.98
CA LYS A 49 1.57 -3.61 11.24
C LYS A 49 0.28 -2.96 10.78
N ILE A 50 -0.53 -2.53 11.71
CA ILE A 50 -1.76 -1.84 11.39
C ILE A 50 -1.52 -0.34 11.32
N CYS A 51 -2.37 0.37 10.60
CA CYS A 51 -2.33 1.82 10.58
C CYS A 51 -3.30 2.33 11.62
N PRO A 52 -2.79 2.75 12.80
CA PRO A 52 -3.63 3.17 13.94
C PRO A 52 -4.63 4.24 13.53
N TYR A 53 -4.17 5.14 12.67
CA TYR A 53 -5.04 6.14 12.10
C TYR A 53 -5.53 5.67 10.74
N CYS A 54 -6.42 4.66 10.76
CA CYS A 54 -7.01 4.06 9.55
C CYS A 54 -7.71 2.74 9.86
N SER A 55 -6.94 1.79 10.39
CA SER A 55 -7.29 0.37 10.37
C SER A 55 -7.16 -0.14 8.93
N THR A 56 -6.09 -0.88 8.67
CA THR A 56 -5.71 -1.30 7.33
C THR A 56 -4.68 -2.40 7.51
N LEU A 57 -4.88 -3.15 8.60
CA LEU A 57 -3.88 -4.05 9.18
C LEU A 57 -3.03 -4.73 8.12
N TYR A 58 -1.82 -4.24 7.94
CA TYR A 58 -0.90 -4.79 6.96
C TYR A 58 -0.12 -5.92 7.60
N ARG A 59 -0.45 -7.14 7.26
CA ARG A 59 0.24 -8.28 7.84
C ARG A 59 1.21 -8.89 6.84
N TYR A 60 2.45 -9.07 7.29
CA TYR A 60 3.47 -9.70 6.47
C TYR A 60 3.47 -11.20 6.74
N ASP A 61 2.76 -11.93 5.89
CA ASP A 61 2.63 -13.37 6.05
C ASP A 61 3.68 -14.08 5.21
N PRO A 62 4.33 -15.12 5.77
CA PRO A 62 5.37 -15.88 5.07
C PRO A 62 4.87 -16.57 3.80
N SER A 63 3.57 -16.75 3.69
CA SER A 63 2.98 -17.38 2.51
C SER A 63 2.77 -16.34 1.41
N LEU A 64 2.88 -15.07 1.77
CA LEU A 64 2.76 -13.99 0.81
C LEU A 64 4.12 -13.70 0.20
N SER A 65 4.16 -12.82 -0.80
CA SER A 65 5.41 -12.53 -1.49
C SER A 65 5.42 -11.10 -2.03
N TYR A 66 6.40 -10.80 -2.87
CA TYR A 66 6.54 -9.49 -3.48
C TYR A 66 5.65 -9.40 -4.71
N ASN A 67 5.54 -10.52 -5.42
CA ASN A 67 4.72 -10.60 -6.64
C ASN A 67 3.25 -10.82 -6.29
N GLN A 68 2.99 -11.55 -5.20
CA GLN A 68 1.62 -11.82 -4.78
C GLN A 68 1.31 -11.11 -3.47
N THR A 69 0.29 -10.27 -3.47
CA THR A 69 -0.06 -9.49 -2.31
C THR A 69 -1.47 -9.85 -1.80
N ASN A 70 -2.37 -8.89 -1.77
CA ASN A 70 -3.73 -9.11 -1.31
C ASN A 70 -4.68 -9.26 -2.50
N PRO A 71 -5.88 -9.79 -2.25
CA PRO A 71 -6.90 -9.97 -3.29
C PRO A 71 -7.32 -8.65 -3.93
N THR A 72 -7.98 -8.76 -5.08
CA THR A 72 -8.37 -7.59 -5.87
C THR A 72 -7.14 -6.96 -6.53
N GLY A 73 -6.26 -6.38 -5.73
CA GLY A 73 -5.06 -5.78 -6.27
C GLY A 73 -4.77 -4.41 -5.69
N CYS A 74 -4.61 -4.34 -4.37
CA CYS A 74 -4.27 -3.10 -3.72
C CYS A 74 -2.78 -2.79 -3.94
N LEU A 75 -2.50 -2.16 -5.07
CA LEU A 75 -1.15 -1.76 -5.43
C LEU A 75 -1.21 -0.54 -6.35
N TYR A 76 -0.22 0.34 -6.25
CA TYR A 76 -0.24 1.57 -7.02
C TYR A 76 0.37 1.35 -8.41
N ASN A 77 -0.50 1.07 -9.37
CA ASN A 77 -0.08 0.91 -10.76
C ASN A 77 -1.08 1.63 -11.66
N PRO A 78 -0.65 2.74 -12.30
CA PRO A 78 -1.53 3.59 -13.09
C PRO A 78 -1.72 3.12 -14.53
N LYS A 79 -1.22 1.93 -14.86
CA LYS A 79 -1.34 1.43 -16.21
C LYS A 79 -1.85 -0.01 -16.21
N LEU A 80 -2.57 -0.38 -17.26
CA LEU A 80 -3.02 -1.75 -17.45
C LEU A 80 -2.39 -2.31 -18.72
N GLU A 81 -1.76 -3.45 -18.59
CA GLU A 81 -0.99 -4.03 -19.70
C GLU A 81 -1.92 -4.57 -20.77
N HIS A 82 -1.74 -4.10 -22.00
CA HIS A 82 -2.45 -4.67 -23.14
C HIS A 82 -1.87 -6.04 -23.45
N HIS A 83 -2.33 -7.02 -22.70
CA HIS A 83 -1.80 -8.36 -22.79
C HIS A 83 -2.71 -9.33 -22.03
N HIS A 84 -3.49 -8.80 -21.10
CA HIS A 84 -4.47 -9.59 -20.37
C HIS A 84 -5.64 -9.97 -21.26
N HIS A 85 -5.40 -10.98 -22.07
CA HIS A 85 -6.33 -11.51 -23.07
C HIS A 85 -5.56 -12.49 -23.91
N HIS A 86 -4.40 -12.00 -24.37
CA HIS A 86 -3.41 -12.74 -25.18
C HIS A 86 -2.63 -11.69 -25.96
N HIS A 87 -3.34 -10.66 -26.35
CA HIS A 87 -2.77 -9.47 -26.95
C HIS A 87 -3.77 -8.33 -26.80
N MET A 1 12.86 9.97 -12.86
CA MET A 1 13.31 8.57 -12.67
C MET A 1 12.17 7.60 -12.89
N ALA A 2 12.12 7.01 -14.07
CA ALA A 2 11.14 5.98 -14.37
C ALA A 2 11.68 4.63 -13.92
N ASP A 3 11.59 4.39 -12.63
CA ASP A 3 12.15 3.18 -12.04
C ASP A 3 11.10 2.48 -11.19
N TYR A 4 11.37 1.23 -10.83
CA TYR A 4 10.44 0.47 -10.03
C TYR A 4 10.71 0.70 -8.55
N ASN A 5 9.87 1.53 -7.93
CA ASN A 5 9.99 1.83 -6.51
C ASN A 5 9.27 0.72 -5.72
N ILE A 6 9.20 0.87 -4.41
CA ILE A 6 8.53 -0.13 -3.59
C ILE A 6 7.03 -0.06 -3.81
N PRO A 7 6.36 -1.23 -3.80
CA PRO A 7 4.92 -1.35 -4.07
C PRO A 7 4.08 -0.39 -3.22
N HIS A 8 3.53 0.63 -3.88
CA HIS A 8 2.64 1.57 -3.23
C HIS A 8 1.21 1.22 -3.58
N PHE A 9 0.44 0.86 -2.58
CA PHE A 9 -0.95 0.47 -2.79
C PHE A 9 -1.87 1.61 -2.37
N GLN A 10 -3.16 1.42 -2.56
CA GLN A 10 -4.13 2.49 -2.37
C GLN A 10 -5.33 2.00 -1.57
N ASN A 11 -5.91 2.88 -0.76
CA ASN A 11 -7.16 2.57 -0.09
C ASN A 11 -8.16 3.69 -0.30
N ASP A 12 -8.97 3.55 -1.32
CA ASP A 12 -10.03 4.51 -1.61
C ASP A 12 -11.30 4.11 -0.86
N LEU A 13 -11.56 2.81 -0.82
CA LEU A 13 -12.72 2.28 -0.14
C LEU A 13 -12.41 1.93 1.32
N GLY A 14 -11.17 2.15 1.71
CA GLY A 14 -10.75 1.87 3.08
C GLY A 14 -10.75 0.39 3.41
N TYR A 15 -9.73 -0.33 2.97
CA TYR A 15 -9.62 -1.75 3.25
C TYR A 15 -8.94 -1.95 4.61
N LYS A 16 -9.64 -2.63 5.51
CA LYS A 16 -9.26 -2.65 6.91
C LYS A 16 -8.04 -3.53 7.21
N ILE A 17 -7.87 -4.61 6.47
CA ILE A 17 -6.74 -5.50 6.72
C ILE A 17 -6.05 -5.84 5.41
N ILE A 18 -4.83 -5.35 5.24
CA ILE A 18 -4.08 -5.63 4.02
C ILE A 18 -2.90 -6.57 4.27
N GLU A 19 -2.86 -7.68 3.53
CA GLU A 19 -1.70 -8.56 3.53
C GLU A 19 -0.76 -8.15 2.39
N ILE A 20 0.54 -8.10 2.69
CA ILE A 20 1.54 -7.71 1.69
C ILE A 20 2.83 -8.50 1.87
N GLY A 21 3.69 -8.48 0.85
CA GLY A 21 4.96 -9.17 0.94
C GLY A 21 6.13 -8.21 1.13
N VAL A 22 5.80 -6.96 1.43
CA VAL A 22 6.82 -5.92 1.61
C VAL A 22 6.72 -5.35 3.01
N LYS A 23 7.86 -5.01 3.61
CA LYS A 23 7.89 -4.51 4.98
C LYS A 23 7.82 -2.98 5.02
N GLU A 24 8.26 -2.35 3.94
CA GLU A 24 8.23 -0.90 3.85
C GLU A 24 7.02 -0.44 3.05
N PHE A 25 6.12 0.28 3.70
CA PHE A 25 4.94 0.79 3.02
C PHE A 25 4.61 2.20 3.48
N MET A 26 4.11 3.02 2.56
CA MET A 26 3.67 4.35 2.90
C MET A 26 2.24 4.54 2.43
N CYS A 27 1.33 4.76 3.37
CA CYS A 27 -0.08 4.87 3.06
C CYS A 27 -0.42 6.26 2.53
N VAL A 28 -0.70 6.34 1.24
CA VAL A 28 -1.08 7.60 0.62
C VAL A 28 -2.57 7.90 0.83
N GLY A 29 -3.36 6.84 0.96
CA GLY A 29 -4.79 7.02 1.14
C GLY A 29 -5.48 7.42 -0.14
N ALA A 30 -5.87 8.68 -0.22
CA ALA A 30 -6.55 9.20 -1.40
C ALA A 30 -6.46 10.73 -1.46
N THR A 31 -7.29 11.40 -0.66
CA THR A 31 -7.35 12.85 -0.67
C THR A 31 -6.55 13.47 0.47
N GLN A 32 -5.74 12.63 1.12
CA GLN A 32 -4.95 13.04 2.30
C GLN A 32 -5.86 13.50 3.43
N PRO A 33 -6.23 12.58 4.34
CA PRO A 33 -7.14 12.87 5.46
C PRO A 33 -6.50 13.77 6.51
N PHE A 34 -5.18 13.92 6.42
CA PHE A 34 -4.43 14.77 7.34
C PHE A 34 -3.44 15.61 6.54
N ASP A 35 -2.55 16.29 7.24
CA ASP A 35 -1.45 16.96 6.59
C ASP A 35 -0.47 15.89 6.09
N HIS A 36 -0.01 16.06 4.85
CA HIS A 36 0.79 15.03 4.16
C HIS A 36 -0.13 13.85 3.77
N PRO A 37 0.34 12.95 2.87
CA PRO A 37 -0.44 11.79 2.41
C PRO A 37 -1.24 11.12 3.54
N HIS A 38 -0.51 10.54 4.48
CA HIS A 38 -1.12 9.98 5.68
C HIS A 38 -0.06 9.52 6.67
N ILE A 39 0.24 8.23 6.67
CA ILE A 39 1.10 7.61 7.67
C ILE A 39 1.90 6.48 7.02
N PHE A 40 3.17 6.38 7.36
CA PHE A 40 4.02 5.33 6.81
C PHE A 40 4.10 4.17 7.80
N ILE A 41 4.15 2.96 7.27
CA ILE A 41 4.20 1.76 8.10
C ILE A 41 5.46 0.96 7.79
N ASP A 42 6.30 0.82 8.80
CA ASP A 42 7.52 0.03 8.68
C ASP A 42 7.43 -1.20 9.57
N MET A 43 7.73 -2.36 9.01
CA MET A 43 7.70 -3.60 9.79
C MET A 43 9.03 -3.85 10.45
N GLY A 44 9.19 -3.35 11.67
CA GLY A 44 10.43 -3.51 12.38
C GLY A 44 10.33 -4.55 13.47
N SER A 45 9.62 -4.21 14.54
CA SER A 45 9.49 -5.08 15.69
C SER A 45 8.29 -6.02 15.54
N THR A 46 7.52 -5.83 14.47
CA THR A 46 6.33 -6.62 14.27
C THR A 46 6.20 -7.05 12.81
N ASP A 47 5.56 -8.19 12.58
CA ASP A 47 5.32 -8.70 11.24
C ASP A 47 3.92 -8.34 10.77
N GLU A 48 3.20 -7.62 11.61
CA GLU A 48 1.89 -7.08 11.25
C GLU A 48 1.66 -5.76 11.97
N LYS A 49 1.48 -4.70 11.19
CA LYS A 49 1.39 -3.36 11.73
C LYS A 49 0.20 -2.62 11.13
N ILE A 50 -0.52 -1.89 11.95
CA ILE A 50 -1.71 -1.20 11.49
C ILE A 50 -1.40 0.22 11.04
N CYS A 51 -2.25 0.77 10.17
CA CYS A 51 -2.14 2.15 9.75
C CYS A 51 -3.03 3.02 10.63
N PRO A 52 -2.41 3.83 11.50
CA PRO A 52 -3.13 4.69 12.45
C PRO A 52 -4.14 5.59 11.76
N TYR A 53 -5.36 5.61 12.32
CA TYR A 53 -6.45 6.42 11.78
C TYR A 53 -6.69 6.06 10.31
N CYS A 54 -7.01 4.80 10.06
CA CYS A 54 -7.15 4.32 8.69
C CYS A 54 -7.75 2.92 8.66
N SER A 55 -7.18 2.02 9.47
CA SER A 55 -7.56 0.61 9.44
C SER A 55 -7.17 0.02 8.09
N THR A 56 -6.00 -0.63 8.06
CA THR A 56 -5.38 -1.10 6.83
C THR A 56 -4.27 -2.07 7.23
N LEU A 57 -4.55 -2.81 8.31
CA LEU A 57 -3.53 -3.59 9.03
C LEU A 57 -2.70 -4.43 8.07
N TYR A 58 -1.43 -4.09 7.96
CA TYR A 58 -0.53 -4.72 7.02
C TYR A 58 0.09 -5.98 7.62
N ARG A 59 -0.31 -7.12 7.09
CA ARG A 59 0.16 -8.40 7.55
C ARG A 59 1.24 -8.92 6.61
N TYR A 60 2.40 -9.27 7.17
CA TYR A 60 3.49 -9.81 6.37
C TYR A 60 3.51 -11.34 6.44
N ASP A 61 3.67 -11.95 5.28
CA ASP A 61 3.81 -13.38 5.16
C ASP A 61 4.86 -13.70 4.10
N PRO A 62 5.92 -14.43 4.46
CA PRO A 62 7.00 -14.81 3.51
C PRO A 62 6.50 -15.62 2.32
N SER A 63 5.27 -16.15 2.44
CA SER A 63 4.68 -16.92 1.35
C SER A 63 4.03 -15.99 0.33
N LEU A 64 3.97 -14.71 0.64
CA LEU A 64 3.46 -13.71 -0.30
C LEU A 64 4.61 -13.15 -1.13
N SER A 65 4.44 -13.14 -2.44
CA SER A 65 5.48 -12.67 -3.33
C SER A 65 5.46 -11.14 -3.42
N TYR A 66 6.57 -10.56 -3.86
CA TYR A 66 6.69 -9.11 -4.02
C TYR A 66 5.75 -8.61 -5.11
N ASN A 67 5.31 -9.54 -5.95
CA ASN A 67 4.40 -9.22 -7.05
C ASN A 67 2.95 -9.38 -6.60
N GLN A 68 2.77 -9.64 -5.32
CA GLN A 68 1.44 -9.94 -4.79
C GLN A 68 1.13 -9.09 -3.56
N THR A 69 -0.12 -8.68 -3.46
CA THR A 69 -0.62 -8.07 -2.24
C THR A 69 -1.73 -8.98 -1.68
N ASN A 70 -2.81 -8.40 -1.21
CA ASN A 70 -3.92 -9.18 -0.70
C ASN A 70 -5.02 -9.25 -1.77
N PRO A 71 -6.21 -9.83 -1.48
CA PRO A 71 -7.33 -9.82 -2.43
C PRO A 71 -7.44 -8.48 -3.15
N THR A 72 -7.13 -8.51 -4.44
CA THR A 72 -6.87 -7.31 -5.24
C THR A 72 -7.97 -6.26 -5.10
N GLY A 73 -7.70 -5.29 -4.24
CA GLY A 73 -8.56 -4.13 -4.10
C GLY A 73 -7.77 -2.93 -3.65
N CYS A 74 -6.44 -3.04 -3.76
CA CYS A 74 -5.52 -2.03 -3.32
C CYS A 74 -4.23 -2.09 -4.15
N LEU A 75 -4.30 -1.57 -5.36
CA LEU A 75 -3.15 -1.54 -6.26
C LEU A 75 -3.11 -0.17 -6.96
N TYR A 76 -2.07 0.60 -6.70
CA TYR A 76 -1.95 1.93 -7.28
C TYR A 76 -0.83 1.98 -8.31
N ASN A 77 -1.20 1.84 -9.57
CA ASN A 77 -0.27 2.02 -10.67
C ASN A 77 -0.95 2.80 -11.79
N PRO A 78 -0.54 4.06 -11.99
CA PRO A 78 -1.15 4.95 -12.98
C PRO A 78 -0.96 4.48 -14.42
N LYS A 79 -2.03 4.00 -15.01
CA LYS A 79 -2.03 3.58 -16.41
C LYS A 79 -2.41 4.77 -17.30
N LEU A 80 -2.76 4.50 -18.54
CA LEU A 80 -3.23 5.54 -19.44
C LEU A 80 -4.68 5.88 -19.12
N GLU A 81 -4.88 6.46 -17.95
CA GLU A 81 -6.19 6.86 -17.47
C GLU A 81 -6.38 8.36 -17.68
N HIS A 82 -5.59 8.92 -18.59
CA HIS A 82 -5.60 10.34 -18.86
C HIS A 82 -6.50 10.64 -20.06
N HIS A 83 -7.62 11.31 -19.80
CA HIS A 83 -8.59 11.62 -20.85
C HIS A 83 -8.16 12.86 -21.64
N HIS A 84 -6.93 13.30 -21.38
CA HIS A 84 -6.37 14.44 -22.11
C HIS A 84 -5.57 13.97 -23.32
N HIS A 85 -5.43 12.65 -23.47
CA HIS A 85 -4.74 12.09 -24.62
C HIS A 85 -5.68 12.04 -25.82
N HIS A 86 -6.92 11.69 -25.55
CA HIS A 86 -7.96 11.64 -26.58
C HIS A 86 -9.22 12.26 -26.02
N HIS A 87 -9.78 13.23 -26.72
CA HIS A 87 -10.97 13.93 -26.23
C HIS A 87 -12.23 13.34 -26.85
N MET A 1 15.64 3.61 -7.13
CA MET A 1 17.09 3.28 -7.25
C MET A 1 17.57 2.50 -6.04
N ALA A 2 17.97 3.22 -4.99
CA ALA A 2 18.48 2.60 -3.77
C ALA A 2 17.38 2.54 -2.72
N ASP A 3 16.15 2.49 -3.19
CA ASP A 3 14.98 2.42 -2.34
C ASP A 3 14.21 1.14 -2.60
N TYR A 4 13.00 1.04 -2.05
CA TYR A 4 12.23 -0.19 -2.12
C TYR A 4 11.11 -0.08 -3.14
N ASN A 5 10.93 1.12 -3.69
CA ASN A 5 9.82 1.43 -4.59
C ASN A 5 8.50 1.33 -3.85
N ILE A 6 7.96 2.47 -3.44
CA ILE A 6 6.73 2.52 -2.67
C ILE A 6 5.52 2.50 -3.59
N PRO A 7 4.74 1.40 -3.56
CA PRO A 7 3.57 1.23 -4.42
C PRO A 7 2.33 1.97 -3.89
N HIS A 8 1.22 1.84 -4.60
CA HIS A 8 -0.02 2.48 -4.19
C HIS A 8 -1.07 1.45 -3.85
N PHE A 9 -1.80 1.72 -2.78
CA PHE A 9 -2.78 0.79 -2.23
C PHE A 9 -4.18 1.37 -2.33
N GLN A 10 -5.15 0.68 -1.75
CA GLN A 10 -6.55 1.05 -1.85
C GLN A 10 -7.06 1.48 -0.48
N ASN A 11 -8.24 2.07 -0.44
CA ASN A 11 -8.74 2.72 0.76
C ASN A 11 -9.13 1.74 1.85
N ASP A 12 -8.93 2.17 3.09
CA ASP A 12 -9.19 1.35 4.27
C ASP A 12 -10.69 1.22 4.52
N LEU A 13 -11.46 2.11 3.91
CA LEU A 13 -12.90 2.10 4.03
C LEU A 13 -13.46 0.80 3.44
N GLY A 14 -12.78 0.26 2.45
CA GLY A 14 -13.20 -0.97 1.83
C GLY A 14 -12.36 -2.15 2.29
N TYR A 15 -11.08 -1.91 2.51
CA TYR A 15 -10.17 -2.96 2.94
C TYR A 15 -9.54 -2.59 4.28
N LYS A 16 -10.01 -3.23 5.33
CA LYS A 16 -9.56 -2.90 6.68
C LYS A 16 -8.39 -3.77 7.11
N ILE A 17 -8.01 -4.70 6.25
CA ILE A 17 -6.84 -5.53 6.48
C ILE A 17 -6.09 -5.72 5.17
N ILE A 18 -4.92 -5.12 5.06
CA ILE A 18 -4.10 -5.31 3.86
C ILE A 18 -2.89 -6.19 4.15
N GLU A 19 -2.76 -7.27 3.38
CA GLU A 19 -1.61 -8.15 3.49
C GLU A 19 -0.60 -7.83 2.38
N ILE A 20 0.68 -7.77 2.73
CA ILE A 20 1.73 -7.47 1.76
C ILE A 20 3.03 -8.15 2.17
N GLY A 21 3.92 -8.35 1.20
CA GLY A 21 5.21 -8.94 1.49
C GLY A 21 6.32 -7.91 1.44
N VAL A 22 6.02 -6.69 1.86
CA VAL A 22 6.99 -5.61 1.89
C VAL A 22 7.09 -5.06 3.31
N LYS A 23 8.29 -4.59 3.69
CA LYS A 23 8.50 -4.09 5.03
C LYS A 23 8.25 -2.59 5.09
N GLU A 24 8.66 -1.88 4.05
CA GLU A 24 8.55 -0.43 4.01
C GLU A 24 7.52 -0.01 2.96
N PHE A 25 6.57 0.83 3.37
CA PHE A 25 5.53 1.33 2.47
C PHE A 25 4.91 2.59 3.05
N MET A 26 3.91 3.13 2.37
CA MET A 26 3.18 4.27 2.89
C MET A 26 1.69 4.05 2.75
N CYS A 27 0.95 4.36 3.81
CA CYS A 27 -0.49 4.19 3.83
C CYS A 27 -1.17 5.27 3.01
N VAL A 28 -2.12 4.86 2.18
CA VAL A 28 -2.87 5.78 1.33
C VAL A 28 -3.92 6.53 2.15
N GLY A 29 -4.35 7.68 1.66
CA GLY A 29 -5.35 8.48 2.35
C GLY A 29 -6.47 8.91 1.44
N ALA A 30 -6.94 10.14 1.62
CA ALA A 30 -8.01 10.68 0.81
C ALA A 30 -7.82 12.18 0.56
N THR A 31 -8.12 12.99 1.56
CA THR A 31 -8.04 14.44 1.41
C THR A 31 -6.61 14.94 1.66
N GLN A 32 -6.31 15.24 2.92
CA GLN A 32 -4.99 15.75 3.29
C GLN A 32 -4.71 15.55 4.78
N PRO A 33 -4.35 14.33 5.19
CA PRO A 33 -3.94 14.05 6.57
C PRO A 33 -2.60 14.70 6.87
N PHE A 34 -1.60 14.36 6.07
CA PHE A 34 -0.29 14.99 6.17
C PHE A 34 0.08 15.64 4.84
N ASP A 35 -0.72 15.33 3.81
CA ASP A 35 -0.52 15.89 2.46
C ASP A 35 -1.65 15.44 1.57
N HIS A 36 -1.65 14.14 1.28
CA HIS A 36 -2.72 13.49 0.53
C HIS A 36 -2.87 12.04 1.00
N PRO A 37 -1.76 11.27 1.07
CA PRO A 37 -1.78 9.94 1.69
C PRO A 37 -1.75 10.06 3.22
N HIS A 38 -1.64 8.92 3.90
CA HIS A 38 -1.63 8.93 5.34
C HIS A 38 -0.21 9.09 5.87
N ILE A 39 0.44 7.98 6.21
CA ILE A 39 1.77 8.03 6.78
C ILE A 39 2.56 6.79 6.37
N PHE A 40 3.89 6.91 6.36
CA PHE A 40 4.75 5.79 6.03
C PHE A 40 4.86 4.83 7.22
N ILE A 41 4.74 3.53 6.94
CA ILE A 41 4.81 2.51 7.97
C ILE A 41 5.83 1.45 7.56
N ASP A 42 6.61 0.97 8.52
CA ASP A 42 7.61 -0.05 8.25
C ASP A 42 7.57 -1.16 9.30
N MET A 43 7.79 -2.39 8.86
CA MET A 43 7.86 -3.53 9.75
C MET A 43 9.29 -4.02 9.87
N GLY A 44 9.80 -4.10 11.09
CA GLY A 44 11.08 -4.73 11.30
C GLY A 44 10.92 -6.24 11.37
N SER A 45 10.45 -6.71 12.51
CA SER A 45 10.11 -8.11 12.69
C SER A 45 8.69 -8.19 13.24
N THR A 46 7.72 -8.05 12.35
CA THR A 46 6.33 -7.99 12.76
C THR A 46 5.46 -8.81 11.82
N ASP A 47 4.70 -9.74 12.40
CA ASP A 47 3.85 -10.63 11.62
C ASP A 47 2.68 -9.86 11.03
N GLU A 48 2.17 -8.91 11.80
CA GLU A 48 1.07 -8.08 11.36
C GLU A 48 1.08 -6.76 12.12
N LYS A 49 1.05 -5.66 11.40
CA LYS A 49 1.12 -4.33 12.00
C LYS A 49 -0.05 -3.48 11.51
N ILE A 50 -0.84 -2.95 12.43
CA ILE A 50 -2.06 -2.25 12.07
C ILE A 50 -1.80 -0.77 11.81
N CYS A 51 -2.66 -0.17 10.99
CA CYS A 51 -2.64 1.27 10.79
C CYS A 51 -3.68 1.90 11.70
N PRO A 52 -3.23 2.52 12.82
CA PRO A 52 -4.10 3.02 13.89
C PRO A 52 -5.26 3.89 13.38
N TYR A 53 -4.94 5.02 12.78
CA TYR A 53 -5.95 5.99 12.36
C TYR A 53 -6.62 5.60 11.04
N CYS A 54 -6.82 4.31 10.81
CA CYS A 54 -7.45 3.85 9.58
C CYS A 54 -8.11 2.48 9.76
N SER A 55 -7.36 1.54 10.34
CA SER A 55 -7.71 0.12 10.30
C SER A 55 -7.51 -0.39 8.88
N THR A 56 -6.34 -0.97 8.63
CA THR A 56 -5.90 -1.37 7.31
C THR A 56 -4.84 -2.43 7.53
N LEU A 57 -5.06 -3.20 8.60
CA LEU A 57 -4.06 -4.04 9.25
C LEU A 57 -3.12 -4.69 8.23
N TYR A 58 -1.90 -4.21 8.20
CA TYR A 58 -0.92 -4.67 7.23
C TYR A 58 -0.22 -5.92 7.75
N ARG A 59 -0.59 -7.04 7.18
CA ARG A 59 -0.06 -8.33 7.59
C ARG A 59 1.15 -8.71 6.74
N TYR A 60 2.30 -8.76 7.38
CA TYR A 60 3.54 -9.12 6.72
C TYR A 60 3.93 -10.55 7.07
N ASP A 61 3.50 -11.50 6.24
CA ASP A 61 3.79 -12.90 6.48
C ASP A 61 4.84 -13.39 5.51
N PRO A 62 5.80 -14.20 6.00
CA PRO A 62 6.86 -14.79 5.17
C PRO A 62 6.34 -15.54 3.94
N SER A 63 5.08 -15.96 3.95
CA SER A 63 4.49 -16.65 2.81
C SER A 63 4.22 -15.67 1.67
N LEU A 64 4.27 -14.39 1.98
CA LEU A 64 4.08 -13.34 0.98
C LEU A 64 5.45 -12.91 0.44
N SER A 65 5.44 -11.93 -0.46
CA SER A 65 6.66 -11.48 -1.11
C SER A 65 6.47 -10.08 -1.68
N TYR A 66 7.51 -9.56 -2.33
CA TYR A 66 7.51 -8.19 -2.83
C TYR A 66 6.41 -7.95 -3.87
N ASN A 67 6.26 -8.89 -4.78
CA ASN A 67 5.27 -8.76 -5.86
C ASN A 67 3.91 -9.30 -5.42
N GLN A 68 3.86 -9.82 -4.19
CA GLN A 68 2.64 -10.41 -3.67
C GLN A 68 1.98 -9.48 -2.67
N THR A 69 0.78 -9.03 -2.99
CA THR A 69 0.04 -8.16 -2.10
C THR A 69 -1.02 -8.98 -1.35
N ASN A 70 -2.27 -8.51 -1.32
CA ASN A 70 -3.31 -9.15 -0.54
C ASN A 70 -4.20 -10.01 -1.43
N PRO A 71 -4.99 -10.92 -0.82
CA PRO A 71 -5.94 -11.77 -1.53
C PRO A 71 -6.81 -10.97 -2.50
N THR A 72 -6.82 -11.39 -3.76
CA THR A 72 -7.43 -10.60 -4.83
C THR A 72 -6.61 -9.33 -5.07
N GLY A 73 -5.87 -9.31 -6.17
CA GLY A 73 -4.97 -8.20 -6.45
C GLY A 73 -5.70 -6.88 -6.59
N CYS A 74 -5.71 -6.10 -5.51
CA CYS A 74 -6.36 -4.81 -5.51
C CYS A 74 -5.38 -3.71 -5.90
N LEU A 75 -4.78 -3.08 -4.88
CA LEU A 75 -3.84 -1.96 -5.03
C LEU A 75 -4.37 -0.90 -6.00
N TYR A 76 -3.55 0.10 -6.28
CA TYR A 76 -3.94 1.16 -7.19
C TYR A 76 -3.10 1.11 -8.46
N ASN A 77 -3.64 0.47 -9.48
CA ASN A 77 -2.96 0.35 -10.76
C ASN A 77 -3.76 1.08 -11.83
N PRO A 78 -3.26 2.24 -12.28
CA PRO A 78 -3.96 3.07 -13.25
C PRO A 78 -3.93 2.48 -14.67
N LYS A 79 -4.98 1.78 -15.04
CA LYS A 79 -5.14 1.29 -16.39
C LYS A 79 -6.06 2.24 -17.15
N LEU A 80 -5.47 3.19 -17.84
CA LEU A 80 -6.22 4.30 -18.42
C LEU A 80 -6.68 4.00 -19.84
N GLU A 81 -7.99 4.08 -20.02
CA GLU A 81 -8.60 4.01 -21.35
C GLU A 81 -9.79 4.96 -21.37
N HIS A 82 -10.69 4.79 -22.34
CA HIS A 82 -11.86 5.66 -22.54
C HIS A 82 -11.48 7.14 -22.54
N HIS A 83 -10.22 7.43 -22.85
CA HIS A 83 -9.75 8.80 -22.97
C HIS A 83 -9.72 9.19 -24.43
N HIS A 84 -10.27 10.36 -24.74
CA HIS A 84 -10.22 10.87 -26.10
C HIS A 84 -10.25 12.39 -26.10
N HIS A 85 -9.46 13.00 -26.97
CA HIS A 85 -9.56 14.43 -27.22
C HIS A 85 -10.56 14.64 -28.35
N HIS A 86 -10.46 13.76 -29.34
CA HIS A 86 -11.50 13.58 -30.35
C HIS A 86 -11.83 12.10 -30.45
N HIS A 87 -10.78 11.27 -30.47
CA HIS A 87 -10.94 9.81 -30.41
C HIS A 87 -9.63 9.17 -29.98
N MET A 1 21.57 6.11 -14.36
CA MET A 1 21.61 6.62 -12.98
C MET A 1 20.23 7.11 -12.56
N ALA A 2 19.52 6.29 -11.80
CA ALA A 2 18.20 6.63 -11.33
C ALA A 2 18.03 6.28 -9.87
N ASP A 3 17.38 7.16 -9.12
CA ASP A 3 17.10 6.92 -7.73
C ASP A 3 15.90 5.98 -7.59
N TYR A 4 16.14 4.81 -7.02
CA TYR A 4 15.08 3.85 -6.82
C TYR A 4 14.11 4.34 -5.75
N ASN A 5 12.95 4.80 -6.18
CA ASN A 5 11.95 5.32 -5.27
C ASN A 5 11.21 4.17 -4.60
N ILE A 6 10.66 4.42 -3.42
CA ILE A 6 9.86 3.44 -2.72
C ILE A 6 8.52 3.26 -3.42
N PRO A 7 8.07 2.00 -3.56
CA PRO A 7 6.83 1.69 -4.26
C PRO A 7 5.61 2.37 -3.63
N HIS A 8 4.87 3.09 -4.46
CA HIS A 8 3.61 3.69 -4.04
C HIS A 8 2.47 2.73 -4.31
N PHE A 9 1.67 2.46 -3.30
CA PHE A 9 0.67 1.39 -3.37
C PHE A 9 -0.75 1.93 -3.50
N GLN A 10 -1.67 1.00 -3.72
CA GLN A 10 -3.09 1.30 -3.87
C GLN A 10 -3.91 0.03 -3.68
N ASN A 11 -5.07 0.14 -3.05
CA ASN A 11 -6.02 -0.97 -3.02
C ASN A 11 -7.42 -0.46 -3.37
N ASP A 12 -7.93 -0.91 -4.51
CA ASP A 12 -9.26 -0.49 -4.98
C ASP A 12 -10.36 -1.14 -4.15
N LEU A 13 -10.05 -2.25 -3.52
CA LEU A 13 -11.05 -3.01 -2.77
C LEU A 13 -11.17 -2.49 -1.35
N GLY A 14 -10.11 -1.87 -0.85
CA GLY A 14 -10.12 -1.29 0.48
C GLY A 14 -9.84 -2.30 1.56
N TYR A 15 -10.91 -2.88 2.10
CA TYR A 15 -10.83 -3.83 3.23
C TYR A 15 -10.40 -3.11 4.50
N LYS A 16 -10.22 -3.89 5.57
CA LYS A 16 -9.71 -3.33 6.82
C LYS A 16 -8.53 -4.14 7.32
N ILE A 17 -8.05 -5.03 6.45
CA ILE A 17 -6.83 -5.79 6.68
C ILE A 17 -6.15 -6.04 5.34
N ILE A 18 -5.01 -5.42 5.10
CA ILE A 18 -4.28 -5.70 3.85
C ILE A 18 -3.01 -6.53 4.11
N GLU A 19 -2.86 -7.61 3.37
CA GLU A 19 -1.65 -8.41 3.43
C GLU A 19 -0.65 -7.90 2.40
N ILE A 20 0.61 -7.81 2.79
CA ILE A 20 1.66 -7.30 1.91
C ILE A 20 2.93 -8.13 2.02
N GLY A 21 3.65 -8.21 0.92
CA GLY A 21 4.90 -8.98 0.91
C GLY A 21 6.10 -8.11 1.17
N VAL A 22 5.88 -6.98 1.83
CA VAL A 22 6.95 -6.05 2.18
C VAL A 22 6.77 -5.57 3.61
N LYS A 23 7.87 -5.31 4.30
CA LYS A 23 7.81 -4.82 5.67
C LYS A 23 7.93 -3.30 5.71
N GLU A 24 7.91 -2.68 4.54
CA GLU A 24 7.95 -1.23 4.44
C GLU A 24 6.87 -0.73 3.48
N PHE A 25 5.95 0.05 4.02
CA PHE A 25 4.77 0.48 3.30
C PHE A 25 4.48 1.94 3.66
N MET A 26 3.74 2.64 2.79
CA MET A 26 3.22 3.95 3.14
C MET A 26 1.88 4.18 2.46
N CYS A 27 1.03 4.98 3.10
CA CYS A 27 -0.27 5.33 2.54
C CYS A 27 -0.13 5.99 1.17
N VAL A 28 0.74 7.00 1.07
CA VAL A 28 0.87 7.85 -0.12
C VAL A 28 -0.37 8.74 -0.27
N GLY A 29 -1.52 8.10 -0.29
CA GLY A 29 -2.79 8.81 -0.31
C GLY A 29 -3.87 7.96 0.31
N ALA A 30 -5.09 8.49 0.36
CA ALA A 30 -6.22 7.75 0.93
C ALA A 30 -7.51 8.53 0.77
N THR A 31 -7.39 9.85 0.90
CA THR A 31 -8.51 10.81 0.80
C THR A 31 -9.49 10.65 1.97
N GLN A 32 -10.30 9.59 1.98
CA GLN A 32 -11.23 9.35 3.06
C GLN A 32 -10.49 9.01 4.36
N PRO A 33 -9.61 7.99 4.37
CA PRO A 33 -8.70 7.74 5.51
C PRO A 33 -7.56 8.76 5.56
N PHE A 34 -7.91 10.03 5.31
CA PHE A 34 -6.97 11.16 5.28
C PHE A 34 -6.09 11.12 4.04
N ASP A 35 -6.23 12.16 3.22
CA ASP A 35 -5.41 12.31 2.03
C ASP A 35 -4.06 12.93 2.41
N HIS A 36 -3.28 13.33 1.40
CA HIS A 36 -1.92 13.85 1.61
C HIS A 36 -1.00 12.70 2.06
N PRO A 37 0.32 12.95 2.20
CA PRO A 37 1.22 11.97 2.79
C PRO A 37 0.81 11.63 4.23
N HIS A 38 0.03 10.55 4.36
CA HIS A 38 -0.57 10.22 5.64
C HIS A 38 0.46 9.71 6.65
N ILE A 39 0.85 8.46 6.52
CA ILE A 39 1.66 7.80 7.53
C ILE A 39 2.65 6.82 6.92
N PHE A 40 3.88 6.84 7.43
CA PHE A 40 4.90 5.86 7.06
C PHE A 40 4.68 4.57 7.86
N ILE A 41 4.67 3.44 7.18
CA ILE A 41 4.34 2.18 7.83
C ILE A 41 5.46 1.16 7.63
N ASP A 42 6.46 1.19 8.50
CA ASP A 42 7.52 0.19 8.45
C ASP A 42 7.36 -0.78 9.62
N MET A 43 7.51 -2.06 9.33
CA MET A 43 7.35 -3.08 10.35
C MET A 43 8.64 -3.26 11.13
N GLY A 44 9.72 -3.55 10.42
CA GLY A 44 11.01 -3.73 11.05
C GLY A 44 11.05 -4.95 11.96
N SER A 45 10.74 -4.74 13.22
CA SER A 45 10.77 -5.81 14.21
C SER A 45 9.60 -6.78 14.02
N THR A 46 8.45 -6.26 13.61
CA THR A 46 7.26 -7.08 13.50
C THR A 46 7.05 -7.60 12.08
N ASP A 47 6.16 -8.59 11.96
CA ASP A 47 5.78 -9.13 10.66
C ASP A 47 4.32 -8.79 10.39
N GLU A 48 3.87 -7.73 11.05
CA GLU A 48 2.53 -7.19 10.87
C GLU A 48 2.51 -5.78 11.47
N LYS A 49 1.61 -4.94 11.00
CA LYS A 49 1.48 -3.60 11.55
C LYS A 49 0.17 -2.96 11.11
N ILE A 50 -0.40 -2.14 11.97
CA ILE A 50 -1.61 -1.41 11.64
C ILE A 50 -1.28 0.07 11.45
N CYS A 51 -1.93 0.70 10.49
CA CYS A 51 -1.71 2.12 10.26
C CYS A 51 -2.75 2.93 11.00
N PRO A 52 -2.31 3.80 11.92
CA PRO A 52 -3.20 4.68 12.67
C PRO A 52 -4.03 5.55 11.74
N TYR A 53 -5.27 5.82 12.15
CA TYR A 53 -6.19 6.65 11.38
C TYR A 53 -6.57 6.00 10.04
N CYS A 54 -6.25 4.72 9.90
CA CYS A 54 -6.65 3.96 8.73
C CYS A 54 -7.21 2.60 9.15
N SER A 55 -6.42 1.85 9.93
CA SER A 55 -6.77 0.51 10.38
C SER A 55 -7.11 -0.40 9.19
N THR A 56 -6.07 -1.03 8.63
CA THR A 56 -6.19 -1.90 7.51
C THR A 56 -5.06 -2.90 7.64
N LEU A 57 -5.08 -3.59 8.79
CA LEU A 57 -3.96 -4.37 9.31
C LEU A 57 -3.08 -4.95 8.22
N TYR A 58 -1.87 -4.44 8.15
CA TYR A 58 -0.93 -4.85 7.13
C TYR A 58 -0.19 -6.09 7.59
N ARG A 59 -0.54 -7.21 6.99
CA ARG A 59 -0.02 -8.50 7.38
C ARG A 59 1.09 -8.96 6.45
N TYR A 60 2.27 -9.20 6.99
CA TYR A 60 3.37 -9.70 6.20
C TYR A 60 3.39 -11.22 6.26
N ASP A 61 2.83 -11.86 5.25
CA ASP A 61 2.85 -13.31 5.15
C ASP A 61 4.08 -13.74 4.36
N PRO A 62 4.84 -14.71 4.87
CA PRO A 62 6.06 -15.20 4.22
C PRO A 62 5.76 -15.89 2.88
N SER A 63 4.48 -16.17 2.64
CA SER A 63 4.05 -16.80 1.40
C SER A 63 3.85 -15.73 0.32
N LEU A 64 3.88 -14.47 0.73
CA LEU A 64 3.65 -13.37 -0.20
C LEU A 64 4.97 -12.92 -0.82
N SER A 65 4.86 -12.06 -1.81
CA SER A 65 6.01 -11.59 -2.56
C SER A 65 5.72 -10.21 -3.13
N TYR A 66 6.49 -9.81 -4.14
CA TYR A 66 6.30 -8.51 -4.77
C TYR A 66 4.96 -8.45 -5.52
N ASN A 67 4.63 -9.53 -6.21
CA ASN A 67 3.40 -9.57 -7.02
C ASN A 67 2.24 -10.15 -6.22
N GLN A 68 2.45 -11.27 -5.54
CA GLN A 68 1.42 -11.85 -4.69
C GLN A 68 1.42 -11.19 -3.32
N THR A 69 0.34 -10.52 -2.98
CA THR A 69 0.26 -9.78 -1.75
C THR A 69 -1.18 -9.71 -1.24
N ASN A 70 -2.03 -9.14 -2.06
CA ASN A 70 -3.45 -9.05 -1.80
C ASN A 70 -4.16 -8.99 -3.15
N PRO A 71 -5.47 -9.19 -3.17
CA PRO A 71 -6.28 -9.15 -4.39
C PRO A 71 -6.21 -7.79 -5.09
N THR A 72 -6.01 -7.83 -6.41
CA THR A 72 -5.87 -6.63 -7.23
C THR A 72 -4.44 -6.08 -7.14
N GLY A 73 -3.94 -5.57 -8.27
CA GLY A 73 -2.60 -4.99 -8.29
C GLY A 73 -2.44 -3.86 -7.29
N CYS A 74 -1.66 -4.12 -6.25
CA CYS A 74 -1.46 -3.17 -5.17
C CYS A 74 -0.53 -2.03 -5.57
N LEU A 75 0.13 -2.18 -6.71
CA LEU A 75 1.01 -1.13 -7.20
C LEU A 75 0.20 -0.03 -7.84
N TYR A 76 0.47 1.21 -7.45
CA TYR A 76 -0.26 2.34 -7.98
C TYR A 76 0.29 2.73 -9.35
N ASN A 77 -0.34 2.18 -10.38
CA ASN A 77 0.06 2.45 -11.75
C ASN A 77 -1.10 3.09 -12.49
N PRO A 78 -0.81 3.82 -13.57
CA PRO A 78 -1.84 4.49 -14.38
C PRO A 78 -2.89 3.51 -14.91
N LYS A 79 -4.02 3.45 -14.23
CA LYS A 79 -5.13 2.61 -14.64
C LYS A 79 -6.01 3.37 -15.63
N LEU A 80 -5.69 3.21 -16.91
CA LEU A 80 -6.35 3.97 -17.95
C LEU A 80 -7.69 3.36 -18.31
N GLU A 81 -7.80 2.04 -18.16
CA GLU A 81 -8.99 1.30 -18.53
C GLU A 81 -9.28 1.45 -20.02
N HIS A 82 -8.50 0.77 -20.84
CA HIS A 82 -8.70 0.82 -22.28
C HIS A 82 -9.90 -0.04 -22.65
N HIS A 83 -9.67 -1.37 -22.72
CA HIS A 83 -10.73 -2.33 -23.07
C HIS A 83 -11.60 -1.78 -24.20
N HIS A 84 -12.92 -1.76 -23.97
CA HIS A 84 -13.88 -1.12 -24.88
C HIS A 84 -13.81 -1.70 -26.30
N HIS A 85 -14.61 -2.71 -26.53
CA HIS A 85 -14.69 -3.34 -27.85
C HIS A 85 -15.60 -2.53 -28.76
N HIS A 86 -15.42 -2.71 -30.06
CA HIS A 86 -16.31 -2.08 -31.03
C HIS A 86 -17.30 -3.12 -31.54
N HIS A 87 -16.76 -4.24 -32.00
CA HIS A 87 -17.56 -5.37 -32.45
C HIS A 87 -16.65 -6.59 -32.62
N MET A 1 19.02 3.87 -2.15
CA MET A 1 17.56 4.02 -2.27
C MET A 1 17.12 5.42 -1.82
N ALA A 2 16.99 6.31 -2.78
CA ALA A 2 16.54 7.66 -2.51
C ALA A 2 15.28 7.95 -3.33
N ASP A 3 14.15 8.07 -2.64
CA ASP A 3 12.83 8.34 -3.25
C ASP A 3 12.60 7.49 -4.50
N TYR A 4 12.94 6.21 -4.42
CA TYR A 4 12.74 5.27 -5.52
C TYR A 4 11.25 4.96 -5.66
N ASN A 5 10.79 4.78 -6.90
CA ASN A 5 9.37 4.54 -7.16
C ASN A 5 8.88 3.28 -6.45
N ILE A 6 7.83 3.45 -5.65
CA ILE A 6 7.23 2.33 -4.96
C ILE A 6 5.80 2.13 -5.45
N PRO A 7 5.27 0.91 -5.33
CA PRO A 7 3.89 0.60 -5.72
C PRO A 7 2.89 1.45 -4.95
N HIS A 8 1.90 1.97 -5.64
CA HIS A 8 0.89 2.82 -5.00
C HIS A 8 -0.42 2.07 -4.87
N PHE A 9 -1.24 2.47 -3.92
CA PHE A 9 -2.50 1.79 -3.67
C PHE A 9 -3.66 2.75 -3.93
N GLN A 10 -4.84 2.20 -4.15
CA GLN A 10 -6.03 3.01 -4.38
C GLN A 10 -7.14 2.56 -3.44
N ASN A 11 -7.91 3.51 -2.91
CA ASN A 11 -8.97 3.18 -1.97
C ASN A 11 -10.34 3.60 -2.50
N ASP A 12 -11.17 2.60 -2.81
CA ASP A 12 -12.53 2.85 -3.25
C ASP A 12 -13.46 2.94 -2.04
N LEU A 13 -13.65 1.80 -1.38
CA LEU A 13 -14.50 1.73 -0.19
C LEU A 13 -13.65 1.86 1.08
N GLY A 14 -12.33 1.83 0.90
CA GLY A 14 -11.44 1.87 2.03
C GLY A 14 -10.85 0.51 2.33
N TYR A 15 -9.60 0.48 2.77
CA TYR A 15 -8.93 -0.78 3.06
C TYR A 15 -8.32 -0.70 4.45
N LYS A 16 -8.91 -1.43 5.39
CA LYS A 16 -8.51 -1.35 6.77
C LYS A 16 -7.63 -2.53 7.18
N ILE A 17 -7.47 -3.49 6.27
CA ILE A 17 -6.54 -4.58 6.46
C ILE A 17 -5.89 -4.95 5.13
N ILE A 18 -4.61 -4.67 5.00
CA ILE A 18 -3.88 -4.97 3.76
C ILE A 18 -2.65 -5.84 4.04
N GLU A 19 -2.63 -7.02 3.44
CA GLU A 19 -1.49 -7.91 3.54
C GLU A 19 -0.54 -7.68 2.37
N ILE A 20 0.75 -7.57 2.65
CA ILE A 20 1.73 -7.23 1.63
C ILE A 20 2.96 -8.12 1.71
N GLY A 21 3.66 -8.28 0.59
CA GLY A 21 4.86 -9.08 0.56
C GLY A 21 6.13 -8.26 0.74
N VAL A 22 5.97 -7.05 1.25
CA VAL A 22 7.09 -6.17 1.51
C VAL A 22 7.09 -5.73 2.97
N LYS A 23 8.11 -4.99 3.38
CA LYS A 23 8.24 -4.60 4.77
C LYS A 23 8.13 -3.07 4.91
N GLU A 24 8.47 -2.39 3.83
CA GLU A 24 8.45 -0.94 3.80
C GLU A 24 7.38 -0.45 2.83
N PHE A 25 6.26 0.02 3.37
CA PHE A 25 5.16 0.50 2.53
C PHE A 25 4.45 1.66 3.22
N MET A 26 3.85 2.55 2.44
CA MET A 26 3.16 3.68 3.01
C MET A 26 1.67 3.60 2.72
N CYS A 27 0.87 3.72 3.77
CA CYS A 27 -0.58 3.70 3.64
C CYS A 27 -1.07 4.95 2.95
N VAL A 28 -1.82 4.76 1.87
CA VAL A 28 -2.46 5.86 1.17
C VAL A 28 -3.97 5.77 1.38
N GLY A 29 -4.59 6.89 1.72
CA GLY A 29 -6.01 6.91 1.97
C GLY A 29 -6.61 8.27 1.75
N ALA A 30 -6.50 8.76 0.53
CA ALA A 30 -6.99 10.08 0.16
C ALA A 30 -8.51 10.15 0.27
N THR A 31 -8.99 10.63 1.41
CA THR A 31 -10.42 10.80 1.63
C THR A 31 -10.67 11.83 2.73
N GLN A 32 -10.15 11.56 3.91
CA GLN A 32 -10.36 12.45 5.05
C GLN A 32 -9.05 12.65 5.84
N PRO A 33 -8.41 11.58 6.36
CA PRO A 33 -7.13 11.69 7.04
C PRO A 33 -5.99 11.82 6.03
N PHE A 34 -5.50 13.05 5.86
CA PHE A 34 -4.53 13.40 4.82
C PHE A 34 -5.20 13.46 3.45
N ASP A 35 -4.77 14.42 2.63
CA ASP A 35 -5.45 14.73 1.39
C ASP A 35 -5.10 13.75 0.27
N HIS A 36 -3.93 13.15 0.34
CA HIS A 36 -3.53 12.18 -0.68
C HIS A 36 -2.98 10.90 -0.04
N PRO A 37 -1.91 10.98 0.78
CA PRO A 37 -1.37 9.80 1.45
C PRO A 37 -2.07 9.54 2.78
N HIS A 38 -1.40 8.82 3.67
CA HIS A 38 -1.89 8.68 5.03
C HIS A 38 -0.74 8.57 6.01
N ILE A 39 -0.25 7.36 6.21
CA ILE A 39 0.76 7.08 7.22
C ILE A 39 1.73 6.02 6.71
N PHE A 40 3.02 6.24 6.89
CA PHE A 40 4.02 5.28 6.48
C PHE A 40 4.08 4.13 7.48
N ILE A 41 4.20 2.91 6.96
CA ILE A 41 4.23 1.73 7.82
C ILE A 41 5.54 0.98 7.65
N ASP A 42 6.36 1.01 8.69
CA ASP A 42 7.59 0.24 8.73
C ASP A 42 7.42 -0.93 9.67
N MET A 43 7.78 -2.12 9.21
CA MET A 43 7.68 -3.30 10.04
C MET A 43 9.02 -3.60 10.71
N GLY A 44 9.17 -3.13 11.94
CA GLY A 44 10.38 -3.41 12.70
C GLY A 44 10.36 -4.82 13.26
N SER A 45 10.33 -5.81 12.37
CA SER A 45 10.25 -7.22 12.74
C SER A 45 8.95 -7.52 13.47
N THR A 46 7.93 -7.92 12.71
CA THR A 46 6.62 -8.21 13.26
C THR A 46 5.80 -9.05 12.29
N ASP A 47 4.73 -9.65 12.79
CA ASP A 47 3.82 -10.43 11.97
C ASP A 47 2.88 -9.50 11.21
N GLU A 48 2.37 -8.50 11.92
CA GLU A 48 1.41 -7.56 11.36
C GLU A 48 1.39 -6.27 12.18
N LYS A 49 1.14 -5.15 11.52
CA LYS A 49 1.10 -3.86 12.19
C LYS A 49 -0.09 -3.05 11.70
N ILE A 50 -0.82 -2.46 12.64
CA ILE A 50 -2.01 -1.68 12.31
C ILE A 50 -1.62 -0.28 11.83
N CYS A 51 -2.58 0.42 11.26
CA CYS A 51 -2.36 1.78 10.78
C CYS A 51 -3.28 2.74 11.53
N PRO A 52 -2.71 3.60 12.37
CA PRO A 52 -3.48 4.55 13.18
C PRO A 52 -4.33 5.49 12.34
N TYR A 53 -5.51 5.84 12.87
CA TYR A 53 -6.38 6.86 12.28
C TYR A 53 -7.01 6.41 10.96
N CYS A 54 -7.29 5.12 10.83
CA CYS A 54 -8.09 4.60 9.70
C CYS A 54 -8.13 3.08 9.68
N SER A 55 -7.07 2.45 10.22
CA SER A 55 -6.85 1.02 10.05
C SER A 55 -6.47 0.72 8.60
N THR A 56 -5.52 -0.17 8.43
CA THR A 56 -4.95 -0.48 7.13
C THR A 56 -4.14 -1.77 7.30
N LEU A 57 -3.83 -2.03 8.58
CA LEU A 57 -3.26 -3.29 9.08
C LEU A 57 -2.42 -4.03 8.04
N TYR A 58 -1.15 -3.72 7.98
CA TYR A 58 -0.25 -4.37 7.05
C TYR A 58 0.33 -5.62 7.67
N ARG A 59 0.02 -6.75 7.07
CA ARG A 59 0.49 -8.03 7.56
C ARG A 59 1.57 -8.56 6.64
N TYR A 60 2.59 -9.17 7.21
CA TYR A 60 3.66 -9.76 6.42
C TYR A 60 3.75 -11.26 6.68
N ASP A 61 3.16 -12.02 5.78
CA ASP A 61 3.25 -13.48 5.84
C ASP A 61 4.30 -13.94 4.83
N PRO A 62 5.19 -14.86 5.23
CA PRO A 62 6.25 -15.37 4.36
C PRO A 62 5.74 -15.94 3.02
N SER A 63 4.46 -16.26 2.95
CA SER A 63 3.89 -16.80 1.73
C SER A 63 3.50 -15.69 0.75
N LEU A 64 3.55 -14.44 1.20
CA LEU A 64 3.29 -13.30 0.33
C LEU A 64 4.56 -12.94 -0.44
N SER A 65 4.50 -13.09 -1.75
CA SER A 65 5.64 -12.77 -2.60
C SER A 65 5.93 -11.27 -2.58
N TYR A 66 7.16 -10.91 -2.94
CA TYR A 66 7.60 -9.51 -2.88
C TYR A 66 6.92 -8.63 -3.93
N ASN A 67 6.10 -9.25 -4.76
CA ASN A 67 5.31 -8.52 -5.75
C ASN A 67 3.82 -8.67 -5.45
N GLN A 68 3.53 -9.32 -4.33
CA GLN A 68 2.15 -9.66 -3.99
C GLN A 68 1.60 -8.64 -3.00
N THR A 69 0.28 -8.49 -3.00
CA THR A 69 -0.39 -7.52 -2.17
C THR A 69 -1.76 -8.05 -1.75
N ASN A 70 -2.64 -7.15 -1.32
CA ASN A 70 -3.96 -7.53 -0.87
C ASN A 70 -4.97 -7.25 -1.99
N PRO A 71 -5.93 -8.17 -2.18
CA PRO A 71 -6.81 -8.18 -3.35
C PRO A 71 -7.95 -7.17 -3.31
N THR A 72 -8.86 -7.28 -4.29
CA THR A 72 -10.05 -6.45 -4.40
C THR A 72 -9.77 -5.11 -5.08
N GLY A 73 -9.56 -5.16 -6.40
CA GLY A 73 -9.38 -3.95 -7.20
C GLY A 73 -8.34 -3.01 -6.63
N CYS A 74 -7.13 -3.51 -6.41
CA CYS A 74 -6.08 -2.74 -5.77
C CYS A 74 -5.08 -2.19 -6.78
N LEU A 75 -4.04 -1.54 -6.26
CA LEU A 75 -2.95 -0.96 -7.04
C LEU A 75 -3.37 0.30 -7.78
N TYR A 76 -2.64 1.37 -7.52
CA TYR A 76 -2.82 2.62 -8.24
C TYR A 76 -1.71 2.74 -9.27
N ASN A 77 -1.93 2.10 -10.41
CA ASN A 77 -0.91 1.97 -11.44
C ASN A 77 -0.96 3.12 -12.44
N PRO A 78 0.12 3.30 -13.23
CA PRO A 78 0.13 4.23 -14.36
C PRO A 78 -1.03 3.95 -15.31
N LYS A 79 -1.44 4.97 -16.05
CA LYS A 79 -2.65 4.90 -16.85
C LYS A 79 -2.40 4.22 -18.19
N LEU A 80 -1.47 3.27 -18.21
CA LEU A 80 -1.02 2.62 -19.45
C LEU A 80 -0.61 3.69 -20.45
N GLU A 81 0.49 4.35 -20.14
CA GLU A 81 0.94 5.51 -20.89
C GLU A 81 2.07 5.16 -21.83
N HIS A 82 2.74 6.18 -22.35
CA HIS A 82 3.85 5.98 -23.28
C HIS A 82 5.12 5.62 -22.51
N HIS A 83 6.18 5.29 -23.24
CA HIS A 83 7.45 4.92 -22.63
C HIS A 83 8.13 6.17 -22.08
N HIS A 84 7.87 6.45 -20.80
CA HIS A 84 8.37 7.68 -20.18
C HIS A 84 9.87 7.61 -19.91
N HIS A 85 10.60 8.45 -20.62
CA HIS A 85 12.03 8.61 -20.39
C HIS A 85 12.23 9.48 -19.15
N HIS A 86 12.82 8.91 -18.10
CA HIS A 86 12.98 9.63 -16.84
C HIS A 86 14.08 10.68 -16.96
N HIS A 87 15.30 10.23 -17.17
CA HIS A 87 16.42 11.14 -17.39
C HIS A 87 17.28 10.61 -18.52
N MET A 1 9.70 4.03 -12.84
CA MET A 1 9.77 2.81 -13.67
C MET A 1 10.79 1.85 -13.08
N ALA A 2 10.81 0.63 -13.60
CA ALA A 2 11.73 -0.42 -13.17
C ALA A 2 11.45 -0.85 -11.73
N ASP A 3 12.19 -1.86 -11.27
CA ASP A 3 12.07 -2.34 -9.91
C ASP A 3 12.89 -1.45 -8.99
N TYR A 4 12.25 -0.44 -8.43
CA TYR A 4 12.93 0.56 -7.62
C TYR A 4 11.91 1.48 -6.95
N ASN A 5 10.75 1.61 -7.58
CA ASN A 5 9.70 2.47 -7.05
C ASN A 5 9.02 1.82 -5.85
N ILE A 6 8.74 2.62 -4.83
CA ILE A 6 8.07 2.14 -3.63
C ILE A 6 6.59 1.88 -3.91
N PRO A 7 6.13 0.64 -3.69
CA PRO A 7 4.75 0.25 -3.97
C PRO A 7 3.73 0.99 -3.10
N HIS A 8 2.66 1.44 -3.74
CA HIS A 8 1.55 2.05 -3.03
C HIS A 8 0.27 1.31 -3.40
N PHE A 9 -0.70 1.32 -2.51
CA PHE A 9 -1.91 0.53 -2.69
C PHE A 9 -3.14 1.41 -2.80
N GLN A 10 -4.29 0.81 -3.02
CA GLN A 10 -5.53 1.55 -3.18
C GLN A 10 -6.62 0.98 -2.29
N ASN A 11 -7.58 1.81 -1.93
CA ASN A 11 -8.73 1.35 -1.17
C ASN A 11 -10.01 1.59 -1.98
N ASP A 12 -10.42 0.57 -2.73
CA ASP A 12 -11.63 0.69 -3.56
C ASP A 12 -12.87 0.52 -2.71
N LEU A 13 -13.07 -0.69 -2.20
CA LEU A 13 -14.16 -0.97 -1.29
C LEU A 13 -13.74 -0.61 0.13
N GLY A 14 -12.45 -0.68 0.39
CA GLY A 14 -11.92 -0.31 1.68
C GLY A 14 -10.90 -1.31 2.20
N TYR A 15 -11.39 -2.36 2.85
CA TYR A 15 -10.56 -3.37 3.50
C TYR A 15 -9.93 -2.83 4.78
N LYS A 16 -10.20 -3.51 5.89
CA LYS A 16 -9.62 -3.15 7.16
C LYS A 16 -8.43 -4.06 7.47
N ILE A 17 -8.11 -4.92 6.52
CA ILE A 17 -6.95 -5.79 6.62
C ILE A 17 -6.27 -5.89 5.26
N ILE A 18 -5.09 -5.32 5.13
CA ILE A 18 -4.31 -5.51 3.90
C ILE A 18 -3.10 -6.41 4.14
N GLU A 19 -3.04 -7.50 3.40
CA GLU A 19 -1.93 -8.43 3.49
C GLU A 19 -0.94 -8.16 2.37
N ILE A 20 0.33 -8.05 2.72
CA ILE A 20 1.35 -7.67 1.74
C ILE A 20 2.70 -8.29 2.06
N GLY A 21 3.60 -8.29 1.07
CA GLY A 21 4.95 -8.75 1.29
C GLY A 21 5.94 -7.59 1.30
N VAL A 22 5.41 -6.40 1.52
CA VAL A 22 6.22 -5.20 1.60
C VAL A 22 6.26 -4.70 3.04
N LYS A 23 7.45 -4.53 3.58
CA LYS A 23 7.60 -4.15 4.97
C LYS A 23 7.71 -2.64 5.11
N GLU A 24 8.12 -1.99 4.03
CA GLU A 24 8.44 -0.58 4.08
C GLU A 24 7.73 0.17 2.96
N PHE A 25 6.68 0.89 3.31
CA PHE A 25 5.91 1.67 2.34
C PHE A 25 5.17 2.81 3.04
N MET A 26 4.59 3.69 2.25
CA MET A 26 3.84 4.81 2.78
C MET A 26 2.36 4.65 2.47
N CYS A 27 1.53 4.58 3.52
CA CYS A 27 0.10 4.36 3.37
C CYS A 27 -0.61 5.59 2.83
N VAL A 28 -1.52 5.36 1.90
CA VAL A 28 -2.35 6.42 1.33
C VAL A 28 -3.74 6.38 1.99
N GLY A 29 -4.81 6.62 1.24
CA GLY A 29 -6.14 6.53 1.79
C GLY A 29 -6.89 7.84 1.68
N ALA A 30 -6.30 8.89 2.24
CA ALA A 30 -6.90 10.21 2.18
C ALA A 30 -6.53 10.89 0.87
N THR A 31 -5.25 10.83 0.53
CA THR A 31 -4.74 11.37 -0.73
C THR A 31 -4.61 12.89 -0.67
N GLN A 32 -5.63 13.56 -0.15
CA GLN A 32 -5.59 15.01 0.00
C GLN A 32 -5.70 15.43 1.48
N PRO A 33 -6.72 14.93 2.22
CA PRO A 33 -6.79 15.15 3.68
C PRO A 33 -5.53 14.68 4.39
N PHE A 34 -5.36 15.15 5.63
CA PHE A 34 -4.12 14.94 6.39
C PHE A 34 -2.96 15.69 5.73
N ASP A 35 -1.75 15.32 6.08
CA ASP A 35 -0.56 15.97 5.54
C ASP A 35 0.23 14.99 4.67
N HIS A 36 0.36 15.32 3.38
CA HIS A 36 1.00 14.45 2.38
C HIS A 36 0.47 13.00 2.46
N PRO A 37 1.10 11.98 1.80
CA PRO A 37 0.81 10.58 2.06
C PRO A 37 0.55 10.32 3.54
N HIS A 38 -0.46 9.52 3.82
CA HIS A 38 -1.03 9.41 5.17
C HIS A 38 0.01 9.08 6.24
N ILE A 39 0.34 7.82 6.36
CA ILE A 39 1.21 7.34 7.44
C ILE A 39 2.05 6.17 6.96
N PHE A 40 3.36 6.26 7.13
CA PHE A 40 4.26 5.23 6.62
C PHE A 40 4.24 4.01 7.52
N ILE A 41 4.31 2.85 6.91
CA ILE A 41 4.30 1.60 7.64
C ILE A 41 5.65 0.90 7.48
N ASP A 42 6.25 0.56 8.62
CA ASP A 42 7.56 -0.07 8.64
C ASP A 42 7.54 -1.30 9.54
N MET A 43 7.67 -2.47 8.94
CA MET A 43 7.74 -3.70 9.71
C MET A 43 9.10 -3.84 10.37
N GLY A 44 9.25 -3.19 11.52
CA GLY A 44 10.47 -3.32 12.30
C GLY A 44 10.58 -4.67 12.97
N SER A 45 10.84 -5.70 12.16
CA SER A 45 11.00 -7.07 12.65
C SER A 45 9.69 -7.63 13.22
N THR A 46 8.59 -6.94 12.95
CA THR A 46 7.29 -7.38 13.41
C THR A 46 6.50 -7.99 12.26
N ASP A 47 5.54 -8.84 12.60
CA ASP A 47 4.78 -9.59 11.61
C ASP A 47 3.60 -8.77 11.08
N GLU A 48 2.98 -7.98 11.94
CA GLU A 48 1.82 -7.21 11.53
C GLU A 48 1.85 -5.80 12.11
N LYS A 49 1.35 -4.84 11.34
CA LYS A 49 1.20 -3.48 11.79
C LYS A 49 -0.07 -2.87 11.21
N ILE A 50 -0.82 -2.17 12.03
CA ILE A 50 -2.02 -1.52 11.57
C ILE A 50 -1.78 -0.03 11.43
N CYS A 51 -2.39 0.59 10.44
CA CYS A 51 -2.24 2.03 10.24
C CYS A 51 -3.37 2.77 10.93
N PRO A 52 -3.02 3.58 11.94
CA PRO A 52 -3.99 4.41 12.65
C PRO A 52 -4.69 5.36 11.70
N TYR A 53 -5.95 5.66 11.98
CA TYR A 53 -6.78 6.52 11.13
C TYR A 53 -6.96 5.87 9.76
N CYS A 54 -7.04 4.54 9.76
CA CYS A 54 -7.25 3.75 8.55
C CYS A 54 -7.90 2.41 8.87
N SER A 55 -7.32 1.70 9.85
CA SER A 55 -7.61 0.29 10.09
C SER A 55 -7.56 -0.50 8.78
N THR A 56 -6.38 -1.04 8.50
CA THR A 56 -6.07 -1.62 7.22
C THR A 56 -4.91 -2.57 7.47
N LEU A 57 -5.03 -3.30 8.59
CA LEU A 57 -3.93 -4.05 9.20
C LEU A 57 -3.06 -4.75 8.17
N TYR A 58 -1.82 -4.30 8.09
CA TYR A 58 -0.87 -4.83 7.14
C TYR A 58 -0.10 -5.98 7.77
N ARG A 59 -0.30 -7.18 7.25
CA ARG A 59 0.38 -8.34 7.78
C ARG A 59 1.42 -8.85 6.79
N TYR A 60 2.64 -8.99 7.27
CA TYR A 60 3.74 -9.47 6.46
C TYR A 60 3.95 -10.96 6.69
N ASP A 61 3.45 -11.76 5.76
CA ASP A 61 3.59 -13.21 5.85
C ASP A 61 4.53 -13.70 4.77
N PRO A 62 5.49 -14.58 5.13
CA PRO A 62 6.50 -15.12 4.20
C PRO A 62 5.91 -15.84 2.98
N SER A 63 4.61 -16.10 2.97
CA SER A 63 3.96 -16.69 1.81
C SER A 63 3.73 -15.64 0.73
N LEU A 64 3.81 -14.38 1.14
CA LEU A 64 3.63 -13.26 0.24
C LEU A 64 4.98 -12.73 -0.23
N SER A 65 4.97 -11.63 -0.97
CA SER A 65 6.20 -11.07 -1.51
C SER A 65 5.95 -9.65 -2.00
N TYR A 66 6.90 -9.09 -2.74
CA TYR A 66 6.79 -7.72 -3.21
C TYR A 66 5.69 -7.60 -4.26
N ASN A 67 5.51 -8.65 -5.05
CA ASN A 67 4.49 -8.65 -6.08
C ASN A 67 3.21 -9.30 -5.58
N GLN A 68 3.34 -10.16 -4.57
CA GLN A 68 2.18 -10.84 -4.00
C GLN A 68 1.55 -10.01 -2.90
N THR A 69 0.31 -9.61 -3.13
CA THR A 69 -0.38 -8.71 -2.23
C THR A 69 -1.60 -9.41 -1.58
N ASN A 70 -2.67 -8.67 -1.38
CA ASN A 70 -3.83 -9.16 -0.63
C ASN A 70 -4.95 -9.62 -1.55
N PRO A 71 -5.89 -10.41 -1.01
CA PRO A 71 -7.05 -10.93 -1.77
C PRO A 71 -7.79 -9.84 -2.54
N THR A 72 -8.38 -10.24 -3.67
CA THR A 72 -9.08 -9.33 -4.57
C THR A 72 -8.10 -8.47 -5.37
N GLY A 73 -7.14 -7.85 -4.67
CA GLY A 73 -6.17 -7.02 -5.33
C GLY A 73 -6.37 -5.55 -5.06
N CYS A 74 -5.53 -4.97 -4.22
CA CYS A 74 -5.62 -3.56 -3.88
C CYS A 74 -4.26 -2.89 -4.03
N LEU A 75 -4.00 -2.39 -5.23
CA LEU A 75 -2.73 -1.74 -5.53
C LEU A 75 -2.96 -0.49 -6.37
N TYR A 76 -2.09 0.49 -6.24
CA TYR A 76 -2.25 1.73 -6.98
C TYR A 76 -1.68 1.58 -8.39
N ASN A 77 -2.55 1.40 -9.36
CA ASN A 77 -2.15 1.29 -10.76
C ASN A 77 -1.97 2.68 -11.35
N PRO A 78 -0.74 3.02 -11.77
CA PRO A 78 -0.44 4.34 -12.36
C PRO A 78 -1.36 4.68 -13.53
N LYS A 79 -2.06 5.80 -13.41
CA LYS A 79 -2.96 6.24 -14.46
C LYS A 79 -2.18 6.84 -15.62
N LEU A 80 -2.54 6.45 -16.83
CA LEU A 80 -1.93 7.02 -18.02
C LEU A 80 -2.90 8.01 -18.65
N GLU A 81 -2.93 9.21 -18.09
CA GLU A 81 -3.89 10.21 -18.52
C GLU A 81 -3.41 10.90 -19.79
N HIS A 82 -4.18 10.72 -20.85
CA HIS A 82 -3.90 11.34 -22.12
C HIS A 82 -5.04 12.24 -22.52
N HIS A 83 -5.59 12.94 -21.54
CA HIS A 83 -6.69 13.86 -21.76
C HIS A 83 -6.20 15.05 -22.60
N HIS A 84 -4.89 15.27 -22.55
CA HIS A 84 -4.24 16.22 -23.44
C HIS A 84 -4.04 15.53 -24.79
N HIS A 85 -4.91 15.86 -25.74
CA HIS A 85 -4.97 15.13 -27.00
C HIS A 85 -3.61 15.05 -27.71
N HIS A 86 -3.13 13.83 -27.86
CA HIS A 86 -1.87 13.57 -28.56
C HIS A 86 -2.12 13.55 -30.06
N HIS A 87 -1.14 14.00 -30.83
CA HIS A 87 -1.26 13.99 -32.27
C HIS A 87 -0.03 13.34 -32.87
N MET A 1 19.05 7.22 -1.62
CA MET A 1 19.80 5.99 -1.97
C MET A 1 18.88 4.77 -1.92
N ALA A 2 17.95 4.72 -2.86
CA ALA A 2 16.97 3.65 -2.95
C ALA A 2 16.06 3.89 -4.15
N ASP A 3 15.15 2.97 -4.40
CA ASP A 3 14.14 3.18 -5.43
C ASP A 3 12.95 3.89 -4.81
N TYR A 4 12.50 4.96 -5.45
CA TYR A 4 11.49 5.83 -4.85
C TYR A 4 10.12 5.57 -5.44
N ASN A 5 9.97 4.43 -6.12
CA ASN A 5 8.70 4.08 -6.73
C ASN A 5 8.07 2.90 -5.99
N ILE A 6 7.52 3.18 -4.82
CA ILE A 6 6.88 2.13 -4.02
C ILE A 6 5.49 1.84 -4.55
N PRO A 7 5.03 0.59 -4.41
CA PRO A 7 3.71 0.16 -4.90
C PRO A 7 2.58 0.91 -4.21
N HIS A 8 1.80 1.64 -4.99
CA HIS A 8 0.64 2.34 -4.47
C HIS A 8 -0.58 1.45 -4.59
N PHE A 9 -1.37 1.35 -3.53
CA PHE A 9 -2.52 0.47 -3.50
C PHE A 9 -3.83 1.25 -3.50
N GLN A 10 -4.89 0.61 -3.96
CA GLN A 10 -6.22 1.23 -3.97
C GLN A 10 -7.24 0.26 -3.38
N ASN A 11 -8.39 0.80 -2.99
CA ASN A 11 -9.46 0.00 -2.44
C ASN A 11 -10.50 -0.34 -3.51
N ASP A 12 -10.62 -1.61 -3.83
CA ASP A 12 -11.60 -2.06 -4.82
C ASP A 12 -12.96 -2.25 -4.17
N LEU A 13 -13.00 -3.07 -3.12
CA LEU A 13 -14.22 -3.31 -2.37
C LEU A 13 -14.07 -2.80 -0.94
N GLY A 14 -12.98 -2.08 -0.70
CA GLY A 14 -12.69 -1.58 0.63
C GLY A 14 -11.43 -2.20 1.19
N TYR A 15 -11.21 -2.04 2.49
CA TYR A 15 -10.06 -2.62 3.15
C TYR A 15 -10.27 -2.66 4.66
N LYS A 16 -9.54 -3.53 5.34
CA LYS A 16 -9.61 -3.65 6.78
C LYS A 16 -8.38 -4.40 7.29
N ILE A 17 -7.99 -5.42 6.54
CA ILE A 17 -6.73 -6.11 6.76
C ILE A 17 -6.08 -6.38 5.42
N ILE A 18 -4.98 -5.69 5.14
CA ILE A 18 -4.24 -5.88 3.90
C ILE A 18 -2.92 -6.58 4.14
N GLU A 19 -2.76 -7.76 3.55
CA GLU A 19 -1.53 -8.53 3.67
C GLU A 19 -0.59 -8.17 2.51
N ILE A 20 0.65 -7.81 2.85
CA ILE A 20 1.62 -7.41 1.84
C ILE A 20 2.90 -8.23 1.96
N GLY A 21 3.54 -8.48 0.82
CA GLY A 21 4.80 -9.20 0.82
C GLY A 21 5.98 -8.26 0.70
N VAL A 22 5.82 -7.07 1.25
CA VAL A 22 6.87 -6.06 1.19
C VAL A 22 7.28 -5.67 2.62
N LYS A 23 8.54 -5.28 2.78
CA LYS A 23 9.08 -4.98 4.10
C LYS A 23 8.75 -3.54 4.49
N GLU A 24 8.69 -2.66 3.50
CA GLU A 24 8.37 -1.27 3.73
C GLU A 24 7.17 -0.83 2.90
N PHE A 25 6.32 -0.01 3.48
CA PHE A 25 5.12 0.48 2.80
C PHE A 25 4.68 1.80 3.43
N MET A 26 3.77 2.50 2.78
CA MET A 26 3.21 3.72 3.34
C MET A 26 1.75 3.88 2.92
N CYS A 27 0.94 4.36 3.84
CA CYS A 27 -0.50 4.49 3.62
C CYS A 27 -0.84 5.59 2.62
N VAL A 28 -1.74 5.27 1.70
CA VAL A 28 -2.20 6.21 0.68
C VAL A 28 -3.63 6.68 1.02
N GLY A 29 -4.32 7.29 0.06
CA GLY A 29 -5.69 7.75 0.28
C GLY A 29 -6.43 7.93 -1.02
N ALA A 30 -7.65 8.45 -0.95
CA ALA A 30 -8.46 8.66 -2.15
C ALA A 30 -8.08 9.96 -2.86
N THR A 31 -8.67 11.06 -2.44
CA THR A 31 -8.36 12.37 -3.00
C THR A 31 -7.29 13.06 -2.15
N GLN A 32 -7.65 13.34 -0.90
CA GLN A 32 -6.71 13.88 0.06
C GLN A 32 -6.55 12.89 1.21
N PRO A 33 -5.43 12.14 1.21
CA PRO A 33 -5.18 11.12 2.23
C PRO A 33 -4.92 11.71 3.61
N PHE A 34 -4.32 12.90 3.62
CA PHE A 34 -3.91 13.55 4.85
C PHE A 34 -3.22 14.87 4.50
N ASP A 35 -2.86 15.65 5.51
CA ASP A 35 -2.09 16.87 5.30
C ASP A 35 -0.75 16.54 4.64
N HIS A 36 -0.23 15.37 4.98
CA HIS A 36 0.97 14.83 4.37
C HIS A 36 0.67 13.41 3.91
N PRO A 37 1.62 12.69 3.30
CA PRO A 37 1.48 11.25 3.10
C PRO A 37 1.09 10.58 4.43
N HIS A 38 0.00 9.80 4.41
CA HIS A 38 -0.75 9.46 5.63
C HIS A 38 0.14 8.95 6.77
N ILE A 39 0.59 7.73 6.65
CA ILE A 39 1.33 7.07 7.74
C ILE A 39 2.44 6.18 7.20
N PHE A 40 3.64 6.33 7.74
CA PHE A 40 4.76 5.46 7.40
C PHE A 40 4.54 4.07 8.01
N ILE A 41 4.68 3.04 7.20
CA ILE A 41 4.46 1.68 7.66
C ILE A 41 5.71 0.83 7.47
N ASP A 42 6.57 0.85 8.48
CA ASP A 42 7.80 0.06 8.44
C ASP A 42 7.61 -1.21 9.25
N MET A 43 8.38 -2.23 8.94
CA MET A 43 8.23 -3.52 9.60
C MET A 43 9.52 -3.92 10.31
N GLY A 44 10.11 -2.99 11.05
CA GLY A 44 11.28 -3.32 11.85
C GLY A 44 11.01 -4.50 12.75
N SER A 45 9.87 -4.47 13.42
CA SER A 45 9.40 -5.59 14.21
C SER A 45 7.96 -5.34 14.63
N THR A 46 7.01 -5.92 13.90
CA THR A 46 5.60 -5.72 14.19
C THR A 46 4.78 -6.90 13.67
N ASP A 47 5.14 -7.38 12.48
CA ASP A 47 4.50 -8.52 11.83
C ASP A 47 3.17 -8.11 11.20
N GLU A 48 2.34 -7.48 12.01
CA GLU A 48 1.06 -6.96 11.56
C GLU A 48 0.89 -5.52 12.06
N LYS A 49 0.88 -4.58 11.13
CA LYS A 49 0.87 -3.17 11.49
C LYS A 49 -0.42 -2.50 11.02
N ILE A 50 -1.24 -2.05 11.95
CA ILE A 50 -2.44 -1.32 11.60
C ILE A 50 -2.11 0.15 11.40
N CYS A 51 -2.74 0.76 10.42
CA CYS A 51 -2.54 2.18 10.17
C CYS A 51 -3.61 3.00 10.85
N PRO A 52 -3.21 3.92 11.74
CA PRO A 52 -4.13 4.83 12.43
C PRO A 52 -4.93 5.67 11.44
N TYR A 53 -6.11 6.10 11.87
CA TYR A 53 -7.02 6.89 11.04
C TYR A 53 -7.44 6.11 9.80
N CYS A 54 -7.44 4.79 9.90
CA CYS A 54 -7.78 3.94 8.76
C CYS A 54 -8.42 2.61 9.17
N SER A 55 -7.61 1.75 9.80
CA SER A 55 -7.92 0.31 9.89
C SER A 55 -7.75 -0.32 8.50
N THR A 56 -6.81 -1.24 8.36
CA THR A 56 -6.33 -1.69 7.07
C THR A 56 -5.23 -2.71 7.29
N LEU A 57 -4.74 -2.74 8.54
CA LEU A 57 -3.79 -3.74 9.05
C LEU A 57 -2.89 -4.32 7.96
N TYR A 58 -1.79 -3.66 7.70
CA TYR A 58 -0.82 -4.17 6.75
C TYR A 58 0.03 -5.22 7.41
N ARG A 59 -0.06 -6.44 6.91
CA ARG A 59 0.66 -7.56 7.48
C ARG A 59 1.76 -8.03 6.54
N TYR A 60 3.00 -8.02 7.02
CA TYR A 60 4.09 -8.58 6.27
C TYR A 60 4.14 -10.09 6.53
N ASP A 61 3.40 -10.83 5.73
CA ASP A 61 3.22 -12.25 5.94
C ASP A 61 4.22 -13.04 5.12
N PRO A 62 5.05 -13.86 5.78
CA PRO A 62 6.13 -14.63 5.13
C PRO A 62 5.62 -15.64 4.10
N SER A 63 4.34 -15.97 4.16
CA SER A 63 3.76 -16.94 3.25
C SER A 63 3.43 -16.30 1.91
N LEU A 64 3.55 -14.98 1.84
CA LEU A 64 3.31 -14.23 0.62
C LEU A 64 4.57 -14.16 -0.25
N SER A 65 4.56 -13.28 -1.22
CA SER A 65 5.67 -13.15 -2.15
C SER A 65 5.74 -11.72 -2.69
N TYR A 66 6.84 -11.40 -3.36
CA TYR A 66 7.00 -10.11 -4.01
C TYR A 66 5.95 -9.93 -5.11
N ASN A 67 5.48 -11.05 -5.65
CA ASN A 67 4.51 -11.03 -6.74
C ASN A 67 3.09 -11.21 -6.23
N GLN A 68 2.95 -11.50 -4.93
CA GLN A 68 1.64 -11.82 -4.38
C GLN A 68 1.39 -11.07 -3.08
N THR A 69 0.38 -10.20 -3.09
CA THR A 69 0.06 -9.39 -1.93
C THR A 69 -1.33 -9.75 -1.38
N ASN A 70 -2.23 -8.78 -1.30
CA ASN A 70 -3.56 -8.99 -0.75
C ASN A 70 -4.57 -9.16 -1.89
N PRO A 71 -5.44 -10.17 -1.77
CA PRO A 71 -6.43 -10.46 -2.82
C PRO A 71 -7.49 -9.38 -2.89
N THR A 72 -7.40 -8.58 -3.94
CA THR A 72 -8.23 -7.39 -4.17
C THR A 72 -7.67 -6.67 -5.39
N GLY A 73 -8.54 -6.04 -6.17
CA GLY A 73 -8.08 -5.21 -7.28
C GLY A 73 -7.32 -3.98 -6.81
N CYS A 74 -6.12 -4.21 -6.29
CA CYS A 74 -5.30 -3.15 -5.73
C CYS A 74 -4.52 -2.41 -6.82
N LEU A 75 -3.38 -1.85 -6.44
CA LEU A 75 -2.54 -1.06 -7.34
C LEU A 75 -3.25 0.20 -7.83
N TYR A 76 -2.99 1.31 -7.14
CA TYR A 76 -3.63 2.57 -7.47
C TYR A 76 -2.82 3.31 -8.52
N ASN A 77 -3.11 3.04 -9.78
CA ASN A 77 -2.47 3.74 -10.88
C ASN A 77 -3.53 4.24 -11.85
N PRO A 78 -3.53 5.56 -12.10
CA PRO A 78 -4.53 6.19 -12.97
C PRO A 78 -4.41 5.73 -14.42
N LYS A 79 -5.53 5.38 -15.01
CA LYS A 79 -5.59 4.99 -16.41
C LYS A 79 -5.96 6.20 -17.26
N LEU A 80 -6.14 7.33 -16.58
CA LEU A 80 -6.56 8.56 -17.23
C LEU A 80 -5.37 9.41 -17.63
N GLU A 81 -5.43 9.99 -18.81
CA GLU A 81 -4.38 10.86 -19.29
C GLU A 81 -4.96 12.20 -19.74
N HIS A 82 -4.09 13.19 -19.91
CA HIS A 82 -4.53 14.49 -20.41
C HIS A 82 -3.50 15.03 -21.42
N HIS A 83 -4.00 15.65 -22.48
CA HIS A 83 -3.13 16.24 -23.49
C HIS A 83 -2.51 17.50 -22.92
N HIS A 84 -3.36 18.44 -22.55
CA HIS A 84 -2.96 19.62 -21.81
C HIS A 84 -4.06 19.96 -20.82
N HIS A 85 -5.19 20.42 -21.37
CA HIS A 85 -6.34 20.82 -20.59
C HIS A 85 -7.59 20.71 -21.45
N HIS A 86 -8.50 19.81 -21.09
CA HIS A 86 -9.72 19.62 -21.85
C HIS A 86 -10.61 20.85 -21.71
N HIS A 87 -11.18 21.01 -20.53
CA HIS A 87 -12.00 22.18 -20.20
C HIS A 87 -12.49 22.05 -18.77
N MET A 1 19.48 8.21 -9.47
CA MET A 1 20.40 7.20 -8.90
C MET A 1 19.81 5.80 -9.04
N ALA A 2 18.88 5.46 -8.14
CA ALA A 2 18.28 4.14 -8.16
C ALA A 2 16.78 4.24 -8.45
N ASP A 3 16.17 3.12 -8.78
CA ASP A 3 14.73 3.07 -8.98
C ASP A 3 14.05 2.74 -7.66
N TYR A 4 13.60 3.78 -6.97
CA TYR A 4 12.94 3.61 -5.68
C TYR A 4 11.44 3.62 -5.85
N ASN A 5 10.96 2.91 -6.87
CA ASN A 5 9.53 2.78 -7.12
C ASN A 5 8.89 1.88 -6.07
N ILE A 6 8.63 2.44 -4.90
CA ILE A 6 8.05 1.70 -3.80
C ILE A 6 6.59 1.35 -4.08
N PRO A 7 6.20 0.12 -3.73
CA PRO A 7 4.83 -0.37 -3.95
C PRO A 7 3.79 0.45 -3.20
N HIS A 8 2.88 1.03 -3.95
CA HIS A 8 1.78 1.80 -3.38
C HIS A 8 0.47 1.34 -4.00
N PHE A 9 -0.47 0.93 -3.15
CA PHE A 9 -1.70 0.31 -3.61
C PHE A 9 -2.90 1.21 -3.34
N GLN A 10 -4.08 0.73 -3.71
CA GLN A 10 -5.30 1.53 -3.60
C GLN A 10 -6.32 0.85 -2.69
N ASN A 11 -7.25 1.64 -2.19
CA ASN A 11 -8.37 1.13 -1.40
C ASN A 11 -9.68 1.47 -2.09
N ASP A 12 -10.25 0.49 -2.77
CA ASP A 12 -11.51 0.69 -3.50
C ASP A 12 -12.64 1.02 -2.53
N LEU A 13 -12.95 0.09 -1.65
CA LEU A 13 -13.99 0.28 -0.64
C LEU A 13 -13.36 0.51 0.73
N GLY A 14 -12.04 0.47 0.78
CA GLY A 14 -11.35 0.58 2.06
C GLY A 14 -11.27 -0.75 2.76
N TYR A 15 -10.11 -1.37 2.74
CA TYR A 15 -9.93 -2.69 3.31
C TYR A 15 -9.36 -2.58 4.72
N LYS A 16 -9.94 -3.32 5.65
CA LYS A 16 -9.56 -3.20 7.06
C LYS A 16 -8.35 -4.05 7.38
N ILE A 17 -8.08 -5.05 6.55
CA ILE A 17 -6.86 -5.83 6.66
C ILE A 17 -6.23 -6.00 5.28
N ILE A 18 -5.10 -5.36 5.06
CA ILE A 18 -4.37 -5.55 3.81
C ILE A 18 -3.06 -6.27 4.03
N GLU A 19 -2.95 -7.44 3.42
CA GLU A 19 -1.75 -8.26 3.52
C GLU A 19 -0.81 -7.92 2.37
N ILE A 20 0.48 -7.87 2.65
CA ILE A 20 1.47 -7.56 1.63
C ILE A 20 2.75 -8.34 1.88
N GLY A 21 3.58 -8.46 0.86
CA GLY A 21 4.86 -9.10 1.02
C GLY A 21 5.98 -8.09 1.15
N VAL A 22 5.62 -6.87 1.57
CA VAL A 22 6.57 -5.79 1.71
C VAL A 22 6.64 -5.33 3.16
N LYS A 23 7.84 -5.02 3.64
CA LYS A 23 8.04 -4.68 5.04
C LYS A 23 8.01 -3.16 5.23
N GLU A 24 8.20 -2.43 4.14
CA GLU A 24 8.15 -0.98 4.17
C GLU A 24 7.00 -0.48 3.28
N PHE A 25 5.97 0.08 3.89
CA PHE A 25 4.80 0.53 3.13
C PHE A 25 4.28 1.85 3.68
N MET A 26 3.80 2.70 2.78
CA MET A 26 3.20 3.97 3.16
C MET A 26 1.75 4.00 2.70
N CYS A 27 0.82 4.29 3.60
CA CYS A 27 -0.59 4.26 3.25
C CYS A 27 -1.00 5.48 2.45
N VAL A 28 -0.82 5.37 1.14
CA VAL A 28 -1.20 6.41 0.18
C VAL A 28 -0.30 7.64 0.29
N GLY A 29 0.71 7.69 -0.57
CA GLY A 29 1.58 8.84 -0.65
C GLY A 29 1.31 9.61 -1.92
N ALA A 30 1.40 10.93 -1.85
CA ALA A 30 1.08 11.77 -2.98
C ALA A 30 2.30 12.57 -3.42
N THR A 31 2.11 13.47 -4.38
CA THR A 31 3.19 14.25 -4.94
C THR A 31 3.79 15.20 -3.90
N GLN A 32 2.93 15.81 -3.09
CA GLN A 32 3.37 16.76 -2.08
C GLN A 32 3.71 16.04 -0.77
N PRO A 33 4.49 16.70 0.11
CA PRO A 33 4.90 16.10 1.39
C PRO A 33 3.73 15.72 2.30
N PHE A 34 4.05 15.25 3.49
CA PHE A 34 3.03 14.78 4.43
C PHE A 34 2.21 15.94 4.96
N ASP A 35 1.02 16.10 4.41
CA ASP A 35 0.05 17.02 4.94
C ASP A 35 -1.30 16.32 5.05
N HIS A 36 -1.86 15.92 3.91
CA HIS A 36 -3.07 15.11 3.92
C HIS A 36 -3.00 13.89 2.96
N PRO A 37 -1.86 13.18 2.84
CA PRO A 37 -1.85 11.84 2.27
C PRO A 37 -1.99 10.84 3.41
N HIS A 38 -0.86 10.33 3.88
CA HIS A 38 -0.79 9.71 5.19
C HIS A 38 0.64 9.33 5.52
N ILE A 39 0.83 8.53 6.56
CA ILE A 39 2.14 8.30 7.13
C ILE A 39 2.77 7.00 6.61
N PHE A 40 4.10 6.98 6.58
CA PHE A 40 4.84 5.81 6.18
C PHE A 40 5.00 4.86 7.37
N ILE A 41 4.85 3.58 7.13
CA ILE A 41 4.90 2.60 8.19
C ILE A 41 5.97 1.56 7.94
N ASP A 42 6.97 1.56 8.81
CA ASP A 42 8.01 0.54 8.78
C ASP A 42 7.64 -0.58 9.75
N MET A 43 7.68 -1.81 9.27
CA MET A 43 7.34 -2.94 10.12
C MET A 43 8.48 -3.28 11.06
N GLY A 44 9.71 -3.21 10.55
CA GLY A 44 10.87 -3.56 11.34
C GLY A 44 10.86 -5.02 11.74
N SER A 45 10.68 -5.28 13.04
CA SER A 45 10.62 -6.64 13.53
C SER A 45 9.22 -6.98 14.02
N THR A 46 8.31 -7.17 13.07
CA THR A 46 6.92 -7.53 13.38
C THR A 46 6.38 -8.52 12.37
N ASP A 47 5.27 -9.15 12.70
CA ASP A 47 4.61 -10.08 11.77
C ASP A 47 3.50 -9.36 11.03
N GLU A 48 2.77 -8.54 11.75
CA GLU A 48 1.69 -7.75 11.18
C GLU A 48 1.56 -6.44 11.94
N LYS A 49 1.36 -5.36 11.23
CA LYS A 49 1.30 -4.04 11.83
C LYS A 49 0.22 -3.21 11.15
N ILE A 50 -0.60 -2.53 11.94
CA ILE A 50 -1.72 -1.78 11.40
C ILE A 50 -1.47 -0.28 11.50
N CYS A 51 -2.15 0.48 10.64
CA CYS A 51 -2.15 1.93 10.72
C CYS A 51 -3.34 2.38 11.54
N PRO A 52 -3.09 2.90 12.76
CA PRO A 52 -4.16 3.35 13.67
C PRO A 52 -5.16 4.24 12.96
N TYR A 53 -4.65 5.16 12.16
CA TYR A 53 -5.49 5.98 11.30
C TYR A 53 -5.51 5.39 9.90
N CYS A 54 -6.44 4.47 9.69
CA CYS A 54 -6.65 3.78 8.40
C CYS A 54 -7.53 2.56 8.60
N SER A 55 -7.16 1.70 9.55
CA SER A 55 -7.76 0.38 9.70
C SER A 55 -7.52 -0.41 8.41
N THR A 56 -6.35 -1.03 8.32
CA THR A 56 -5.84 -1.61 7.11
C THR A 56 -4.65 -2.48 7.53
N LEU A 57 -4.93 -3.46 8.37
CA LEU A 57 -3.89 -4.26 9.03
C LEU A 57 -2.92 -4.82 8.01
N TYR A 58 -1.71 -4.27 7.98
CA TYR A 58 -0.71 -4.68 7.02
C TYR A 58 0.01 -5.90 7.52
N ARG A 59 -0.35 -7.06 6.99
CA ARG A 59 0.25 -8.30 7.42
C ARG A 59 1.42 -8.65 6.51
N TYR A 60 2.59 -8.86 7.10
CA TYR A 60 3.74 -9.33 6.36
C TYR A 60 3.61 -10.84 6.19
N ASP A 61 3.01 -11.24 5.10
CA ASP A 61 2.64 -12.64 4.90
C ASP A 61 3.72 -13.40 4.14
N PRO A 62 4.25 -14.48 4.73
CA PRO A 62 5.33 -15.27 4.15
C PRO A 62 4.87 -16.15 2.99
N SER A 63 3.56 -16.34 2.84
CA SER A 63 3.03 -17.13 1.74
C SER A 63 2.79 -16.24 0.52
N LEU A 64 2.81 -14.93 0.75
CA LEU A 64 2.76 -13.96 -0.34
C LEU A 64 4.17 -13.72 -0.88
N SER A 65 4.34 -12.66 -1.64
CA SER A 65 5.64 -12.34 -2.20
C SER A 65 5.90 -10.84 -2.15
N TYR A 66 7.17 -10.45 -2.33
CA TYR A 66 7.58 -9.05 -2.20
C TYR A 66 6.93 -8.16 -3.24
N ASN A 67 6.53 -8.75 -4.36
CA ASN A 67 5.90 -8.00 -5.44
C ASN A 67 4.39 -8.21 -5.43
N GLN A 68 3.89 -8.68 -4.29
CA GLN A 68 2.49 -9.07 -4.18
C GLN A 68 1.82 -8.34 -3.03
N THR A 69 0.56 -7.97 -3.24
CA THR A 69 -0.24 -7.31 -2.23
C THR A 69 -1.33 -8.27 -1.71
N ASN A 70 -2.53 -7.77 -1.46
CA ASN A 70 -3.59 -8.59 -0.91
C ASN A 70 -4.55 -9.01 -2.02
N PRO A 71 -5.27 -10.13 -1.82
CA PRO A 71 -6.15 -10.69 -2.85
C PRO A 71 -7.36 -9.80 -3.11
N THR A 72 -7.33 -9.12 -4.26
CA THR A 72 -8.39 -8.22 -4.71
C THR A 72 -7.97 -7.60 -6.05
N GLY A 73 -6.78 -7.03 -6.06
CA GLY A 73 -6.30 -6.31 -7.22
C GLY A 73 -6.02 -4.85 -6.89
N CYS A 74 -5.36 -4.63 -5.76
CA CYS A 74 -5.10 -3.29 -5.28
C CYS A 74 -3.73 -2.82 -5.76
N LEU A 75 -3.70 -1.73 -6.52
CA LEU A 75 -2.45 -1.14 -6.97
C LEU A 75 -2.71 0.26 -7.53
N TYR A 76 -1.88 1.21 -7.14
CA TYR A 76 -2.00 2.56 -7.65
C TYR A 76 -0.94 2.81 -8.70
N ASN A 77 -1.30 2.58 -9.96
CA ASN A 77 -0.38 2.81 -11.07
C ASN A 77 -1.09 3.51 -12.22
N PRO A 78 -0.77 4.77 -12.47
CA PRO A 78 -1.31 5.52 -13.60
C PRO A 78 -0.72 5.04 -14.93
N LYS A 79 -1.59 4.67 -15.86
CA LYS A 79 -1.15 4.22 -17.17
C LYS A 79 -1.56 5.22 -18.24
N LEU A 80 -1.76 6.47 -17.81
CA LEU A 80 -2.20 7.53 -18.71
C LEU A 80 -1.02 8.16 -19.43
N GLU A 81 -0.23 8.94 -18.69
CA GLU A 81 0.96 9.61 -19.20
C GLU A 81 0.66 10.50 -20.42
N HIS A 82 0.48 11.79 -20.17
CA HIS A 82 0.23 12.73 -21.25
C HIS A 82 1.52 13.00 -22.01
N HIS A 83 2.60 13.22 -21.28
CA HIS A 83 3.89 13.45 -21.89
C HIS A 83 4.75 12.20 -21.82
N HIS A 84 5.65 12.04 -22.78
CA HIS A 84 6.54 10.89 -22.79
C HIS A 84 7.67 11.09 -21.78
N HIS A 85 7.47 10.56 -20.59
CA HIS A 85 8.46 10.67 -19.53
C HIS A 85 8.86 9.28 -19.05
N HIS A 86 10.10 8.91 -19.30
CA HIS A 86 10.62 7.64 -18.84
C HIS A 86 11.82 7.87 -17.92
N HIS A 87 13.01 7.97 -18.52
CA HIS A 87 14.24 8.25 -17.79
C HIS A 87 15.41 8.16 -18.76
N MET A 1 14.43 -6.35 -4.38
CA MET A 1 13.72 -5.63 -3.29
C MET A 1 12.89 -4.50 -3.87
N ALA A 2 12.40 -3.62 -3.00
CA ALA A 2 11.66 -2.45 -3.45
C ALA A 2 12.58 -1.24 -3.52
N ASP A 3 13.06 -0.94 -4.72
CA ASP A 3 14.01 0.15 -4.91
C ASP A 3 13.46 1.21 -5.84
N TYR A 4 13.70 2.47 -5.47
CA TYR A 4 13.30 3.64 -6.25
C TYR A 4 11.79 3.87 -6.22
N ASN A 5 11.03 2.90 -6.72
CA ASN A 5 9.58 3.02 -6.79
C ASN A 5 8.92 1.75 -6.25
N ILE A 6 7.78 1.92 -5.59
CA ILE A 6 7.06 0.80 -5.01
C ILE A 6 5.64 0.71 -5.59
N PRO A 7 5.10 -0.50 -5.71
CA PRO A 7 3.75 -0.72 -6.23
C PRO A 7 2.69 -0.07 -5.36
N HIS A 8 1.71 0.58 -5.99
CA HIS A 8 0.66 1.25 -5.26
C HIS A 8 -0.53 0.33 -5.01
N PHE A 9 -0.85 0.16 -3.74
CA PHE A 9 -1.97 -0.67 -3.30
C PHE A 9 -3.14 0.22 -2.91
N GLN A 10 -4.20 -0.37 -2.39
CA GLN A 10 -5.43 0.37 -2.14
C GLN A 10 -5.67 0.51 -0.64
N ASN A 11 -6.56 1.44 -0.30
CA ASN A 11 -6.80 1.83 1.08
C ASN A 11 -8.19 1.39 1.55
N ASP A 12 -8.44 1.60 2.85
CA ASP A 12 -9.66 1.15 3.56
C ASP A 12 -10.99 1.58 2.92
N LEU A 13 -10.97 2.11 1.71
CA LEU A 13 -12.19 2.48 1.02
C LEU A 13 -13.03 1.24 0.72
N GLY A 14 -12.38 0.08 0.70
CA GLY A 14 -13.09 -1.17 0.49
C GLY A 14 -12.38 -2.32 1.16
N TYR A 15 -11.61 -2.03 2.20
CA TYR A 15 -10.81 -3.03 2.89
C TYR A 15 -10.78 -2.76 4.38
N LYS A 16 -10.36 -3.75 5.16
CA LYS A 16 -10.24 -3.59 6.61
C LYS A 16 -8.94 -4.20 7.12
N ILE A 17 -8.53 -5.31 6.52
CA ILE A 17 -7.28 -5.96 6.88
C ILE A 17 -6.54 -6.38 5.61
N ILE A 18 -5.36 -5.79 5.38
CA ILE A 18 -4.63 -6.08 4.14
C ILE A 18 -3.23 -6.62 4.38
N GLU A 19 -2.92 -7.76 3.76
CA GLU A 19 -1.58 -8.33 3.83
C GLU A 19 -0.73 -7.84 2.65
N ILE A 20 0.56 -7.66 2.89
CA ILE A 20 1.46 -7.16 1.86
C ILE A 20 2.80 -7.90 1.88
N GLY A 21 3.56 -7.75 0.80
CA GLY A 21 4.83 -8.45 0.69
C GLY A 21 6.00 -7.49 0.66
N VAL A 22 5.84 -6.34 1.30
CA VAL A 22 6.90 -5.33 1.35
C VAL A 22 7.20 -4.98 2.82
N LYS A 23 8.48 -4.95 3.17
CA LYS A 23 8.89 -4.69 4.55
C LYS A 23 8.70 -3.22 4.93
N GLU A 24 8.76 -2.36 3.93
CA GLU A 24 8.55 -0.93 4.16
C GLU A 24 7.38 -0.45 3.33
N PHE A 25 6.25 -0.21 3.98
CA PHE A 25 5.03 0.11 3.27
C PHE A 25 4.55 1.52 3.61
N MET A 26 3.83 2.13 2.69
CA MET A 26 3.33 3.48 2.88
C MET A 26 1.98 3.65 2.18
N CYS A 27 1.11 4.44 2.79
CA CYS A 27 -0.17 4.77 2.19
C CYS A 27 0.00 5.70 1.00
N VAL A 28 -0.92 5.60 0.04
CA VAL A 28 -0.92 6.51 -1.10
C VAL A 28 -1.38 7.89 -0.65
N GLY A 29 -0.99 8.91 -1.40
CA GLY A 29 -1.36 10.27 -1.05
C GLY A 29 -1.34 11.19 -2.24
N ALA A 30 -1.83 12.41 -2.04
CA ALA A 30 -1.88 13.41 -3.11
C ALA A 30 -0.70 14.38 -2.98
N THR A 31 0.40 13.88 -2.43
CA THR A 31 1.59 14.68 -2.19
C THR A 31 1.33 15.78 -1.14
N GLN A 32 1.32 15.37 0.11
CA GLN A 32 1.09 16.25 1.25
C GLN A 32 1.98 15.81 2.40
N PRO A 33 2.26 16.70 3.37
CA PRO A 33 3.05 16.33 4.56
C PRO A 33 2.46 15.12 5.28
N PHE A 34 3.21 14.03 5.32
CA PHE A 34 2.70 12.74 5.79
C PHE A 34 2.76 12.63 7.32
N ASP A 35 2.58 13.75 7.99
CA ASP A 35 2.60 13.75 9.45
C ASP A 35 1.19 13.53 10.00
N HIS A 36 0.18 13.70 9.15
CA HIS A 36 -1.21 13.56 9.58
C HIS A 36 -2.04 12.68 8.64
N PRO A 37 -2.17 13.04 7.33
CA PRO A 37 -3.04 12.32 6.39
C PRO A 37 -2.86 10.81 6.43
N HIS A 38 -1.63 10.38 6.22
CA HIS A 38 -1.26 8.98 6.33
C HIS A 38 0.19 8.88 6.76
N ILE A 39 0.47 7.95 7.65
CA ILE A 39 1.81 7.78 8.15
C ILE A 39 2.49 6.59 7.47
N PHE A 40 3.81 6.64 7.40
CA PHE A 40 4.61 5.56 6.85
C PHE A 40 4.71 4.41 7.84
N ILE A 41 4.75 3.18 7.33
CA ILE A 41 4.74 2.00 8.18
C ILE A 41 5.97 1.12 7.94
N ASP A 42 6.84 1.08 8.93
CA ASP A 42 8.05 0.26 8.87
C ASP A 42 7.80 -1.06 9.58
N MET A 43 7.77 -2.16 8.82
CA MET A 43 7.55 -3.47 9.41
C MET A 43 8.81 -3.97 10.08
N GLY A 44 9.84 -4.20 9.27
CA GLY A 44 11.10 -4.69 9.79
C GLY A 44 10.98 -6.04 10.47
N SER A 45 11.08 -6.04 11.79
CA SER A 45 10.99 -7.26 12.57
C SER A 45 9.56 -7.50 13.06
N THR A 46 8.70 -6.51 12.87
CA THR A 46 7.29 -6.65 13.23
C THR A 46 6.45 -6.80 11.96
N ASP A 47 5.90 -7.98 11.76
CA ASP A 47 5.26 -8.33 10.50
C ASP A 47 3.91 -7.62 10.31
N GLU A 48 3.11 -7.55 11.37
CA GLU A 48 1.76 -7.01 11.23
C GLU A 48 1.61 -5.65 11.94
N LYS A 49 1.14 -4.66 11.19
CA LYS A 49 0.87 -3.32 11.71
C LYS A 49 -0.35 -2.72 11.02
N ILE A 50 -1.22 -2.08 11.79
CA ILE A 50 -2.43 -1.45 11.24
C ILE A 50 -2.16 0.03 10.95
N CYS A 51 -2.98 0.65 10.12
CA CYS A 51 -2.78 2.07 9.80
C CYS A 51 -3.71 2.94 10.61
N PRO A 52 -3.15 3.76 11.54
CA PRO A 52 -3.95 4.67 12.39
C PRO A 52 -4.88 5.55 11.56
N TYR A 53 -4.42 5.88 10.36
CA TYR A 53 -5.23 6.62 9.40
C TYR A 53 -5.58 5.72 8.23
N CYS A 54 -6.60 4.88 8.46
CA CYS A 54 -7.11 3.89 7.49
C CYS A 54 -7.86 2.79 8.23
N SER A 55 -7.15 2.20 9.18
CA SER A 55 -7.28 0.80 9.58
C SER A 55 -6.37 0.02 8.64
N THR A 56 -6.69 -1.24 8.36
CA THR A 56 -6.07 -1.97 7.30
C THR A 56 -4.79 -2.57 7.81
N LEU A 57 -4.96 -3.57 8.65
CA LEU A 57 -3.85 -4.26 9.27
C LEU A 57 -2.98 -4.86 8.18
N TYR A 58 -1.85 -4.23 7.94
CA TYR A 58 -0.92 -4.70 6.93
C TYR A 58 -0.03 -5.78 7.53
N ARG A 59 -0.22 -7.00 7.07
CA ARG A 59 0.57 -8.10 7.57
C ARG A 59 1.63 -8.50 6.54
N TYR A 60 2.88 -8.32 6.90
CA TYR A 60 3.98 -8.80 6.09
C TYR A 60 4.26 -10.25 6.46
N ASP A 61 3.65 -11.16 5.73
CA ASP A 61 3.86 -12.58 6.00
C ASP A 61 5.14 -13.03 5.32
N PRO A 62 6.07 -13.62 6.08
CA PRO A 62 7.34 -14.13 5.55
C PRO A 62 7.15 -15.20 4.47
N SER A 63 5.93 -15.72 4.35
CA SER A 63 5.60 -16.69 3.32
C SER A 63 5.30 -15.98 1.99
N LEU A 64 5.11 -14.68 2.06
CA LEU A 64 4.79 -13.88 0.88
C LEU A 64 6.08 -13.44 0.17
N SER A 65 5.92 -12.57 -0.81
CA SER A 65 7.04 -12.13 -1.62
C SER A 65 6.70 -10.79 -2.27
N TYR A 66 7.67 -10.20 -2.96
CA TYR A 66 7.48 -8.91 -3.62
C TYR A 66 6.43 -9.02 -4.73
N ASN A 67 6.27 -10.22 -5.26
CA ASN A 67 5.31 -10.46 -6.34
C ASN A 67 3.97 -10.94 -5.80
N GLN A 68 3.85 -11.01 -4.47
CA GLN A 68 2.63 -11.52 -3.85
C GLN A 68 2.04 -10.50 -2.90
N THR A 69 0.71 -10.44 -2.87
CA THR A 69 0.00 -9.56 -1.95
C THR A 69 -1.12 -10.37 -1.27
N ASN A 70 -2.20 -9.70 -0.90
CA ASN A 70 -3.29 -10.34 -0.18
C ASN A 70 -4.43 -10.68 -1.13
N PRO A 71 -5.36 -11.53 -0.70
CA PRO A 71 -6.45 -11.98 -1.53
C PRO A 71 -7.69 -11.08 -1.41
N THR A 72 -7.93 -10.30 -2.44
CA THR A 72 -9.07 -9.37 -2.51
C THR A 72 -9.20 -8.83 -3.92
N GLY A 73 -8.18 -8.10 -4.33
CA GLY A 73 -8.17 -7.42 -5.61
C GLY A 73 -7.71 -5.99 -5.45
N CYS A 74 -6.56 -5.83 -4.80
CA CYS A 74 -6.02 -4.51 -4.46
C CYS A 74 -5.37 -3.85 -5.67
N LEU A 75 -4.38 -2.98 -5.38
CA LEU A 75 -3.69 -2.17 -6.40
C LEU A 75 -4.59 -1.08 -6.96
N TYR A 76 -4.28 0.16 -6.64
CA TYR A 76 -5.09 1.27 -7.10
C TYR A 76 -4.66 1.73 -8.49
N ASN A 77 -5.50 1.43 -9.47
CA ASN A 77 -5.29 1.88 -10.82
C ASN A 77 -6.29 3.00 -11.15
N PRO A 78 -6.02 3.80 -12.20
CA PRO A 78 -6.87 4.94 -12.58
C PRO A 78 -8.24 4.54 -13.13
N LYS A 79 -8.98 3.75 -12.35
CA LYS A 79 -10.35 3.32 -12.69
C LYS A 79 -10.34 2.29 -13.82
N LEU A 80 -9.97 2.71 -15.02
CA LEU A 80 -10.00 1.84 -16.18
C LEU A 80 -8.58 1.61 -16.69
N GLU A 81 -8.09 0.40 -16.52
CA GLU A 81 -6.76 0.03 -17.01
C GLU A 81 -6.83 -0.39 -18.48
N HIS A 82 -8.05 -0.55 -18.97
CA HIS A 82 -8.28 -1.06 -20.31
C HIS A 82 -9.49 -0.37 -20.94
N HIS A 83 -9.37 -0.04 -22.22
CA HIS A 83 -10.49 0.54 -22.95
C HIS A 83 -10.76 -0.29 -24.20
N HIS A 84 -11.83 0.06 -24.91
CA HIS A 84 -12.18 -0.63 -26.14
C HIS A 84 -11.43 0.00 -27.31
N HIS A 85 -10.70 -0.81 -28.06
CA HIS A 85 -9.95 -0.31 -29.21
C HIS A 85 -10.83 -0.33 -30.45
N HIS A 86 -11.93 -1.05 -30.37
CA HIS A 86 -12.91 -1.06 -31.45
C HIS A 86 -14.32 -0.92 -30.86
N HIS A 87 -15.19 -0.22 -31.55
CA HIS A 87 -16.56 -0.07 -31.11
C HIS A 87 -17.39 -1.28 -31.54
#